data_1ND0
#
_entry.id   1ND0
#
_cell.length_a   36.572
_cell.length_b   95.164
_cell.length_c   141.058
_cell.angle_alpha   75.51
_cell.angle_beta   88.64
_cell.angle_gamma   89.28
#
_symmetry.space_group_name_H-M   'P 1'
#
loop_
_entity.id
_entity.type
_entity.pdbx_description
1 polymer 'IMMUNOGLOBULIN IGG2A'
2 polymer 'IMMUNOGLOBULIN IGG2A'
3 non-polymer '(1s,4s)-4-[dimethyl(phenyl)silyl]-1-methylpiperidine 1-oxide'
4 non-polymer 'SULFATE ION'
5 water water
#
loop_
_entity_poly.entity_id
_entity_poly.type
_entity_poly.pdbx_seq_one_letter_code
_entity_poly.pdbx_strand_id
1 'polypeptide(L)'
;DVVMTQSPKTISVTIGQPASISCKSSQRLLNSNGKTFLNWLLQRPGQSPKRLIYLGTKLDSGVPDRFTGSGSGTDFTLKI
SRVEAEDLGVYYCWQGTHFPYTFGGGTKLEIKRADAAPTVSIFPPSSEQLTSGGASVVCFLNNFYPKDINVKWKIDGSER
QNGVLNSWTDQDSKDSTYSMSSTLTLTKDEYERHNSYTCEATHKTSTSPIVKSFNRNEC
;
A,C,E,G
2 'polypeptide(L)'
;RVQLQQSGPGLVKPSQSLSLTCTVTGYSITSDFAWNWIRQFPGNKLEWMGYINYSGFTSHNPSLKSRISITRDTSKNQFF
LQLNSVTTEDTATYYCAGLLWYDGGAGSWGQGTLVTVSAAKTTAPSVYPLAPVCGDTTGSSVTLGCLVKGYFPEPVTLTW
NSGSLSSGVHTFPAVLQSDLYTLSSSVTVTSSTWPSQSITCNVAHPASSTKVDKKIEPRGPT
;
B,D,F,H
#
loop_
_chem_comp.id
_chem_comp.type
_chem_comp.name
_chem_comp.formula
DP4 non-polymer '(1s,4s)-4-[dimethyl(phenyl)silyl]-1-methylpiperidine 1-oxide' 'C14 H23 N O Si'
SO4 non-polymer 'SULFATE ION' 'O4 S -2'
#
# COMPACT_ATOMS: atom_id res chain seq x y z
N ASP A 1 9.11 26.02 -50.69
CA ASP A 1 9.59 24.86 -51.48
C ASP A 1 8.43 24.25 -52.28
N VAL A 2 8.74 23.25 -53.10
CA VAL A 2 7.71 22.59 -53.88
C VAL A 2 6.88 21.86 -52.87
N VAL A 3 5.60 22.19 -52.82
CA VAL A 3 4.72 21.53 -51.86
C VAL A 3 3.98 20.42 -52.58
N MET A 4 3.83 19.28 -51.93
CA MET A 4 3.13 18.15 -52.50
C MET A 4 1.83 17.96 -51.71
N THR A 5 0.70 18.13 -52.39
CA THR A 5 -0.60 17.99 -51.72
C THR A 5 -1.28 16.68 -52.11
N GLN A 6 -1.47 15.81 -51.11
CA GLN A 6 -2.10 14.50 -51.34
C GLN A 6 -3.57 14.44 -50.91
N SER A 7 -4.35 13.67 -51.65
CA SER A 7 -5.77 13.50 -51.37
C SER A 7 -6.26 12.16 -51.94
N PRO A 8 -7.23 11.53 -51.28
CA PRO A 8 -7.87 12.03 -50.05
C PRO A 8 -6.90 11.81 -48.88
N LYS A 9 -7.28 12.27 -47.69
CA LYS A 9 -6.43 12.10 -46.49
C LYS A 9 -6.44 10.65 -46.05
N THR A 10 -7.61 10.03 -46.11
CA THR A 10 -7.78 8.62 -45.76
C THR A 10 -8.68 8.01 -46.82
N ILE A 11 -8.77 6.69 -46.82
CA ILE A 11 -9.60 6.04 -47.81
C ILE A 11 -9.84 4.58 -47.49
N SER A 12 -11.10 4.18 -47.61
CA SER A 12 -11.54 2.82 -47.33
C SER A 12 -11.89 2.09 -48.61
N VAL A 13 -11.40 0.86 -48.75
CA VAL A 13 -11.66 0.07 -49.94
C VAL A 13 -11.85 -1.42 -49.65
N THR A 14 -12.81 -2.01 -50.35
CA THR A 14 -13.12 -3.41 -50.21
C THR A 14 -12.05 -4.22 -50.93
N ILE A 15 -11.71 -5.40 -50.41
CA ILE A 15 -10.68 -6.22 -51.03
C ILE A 15 -11.16 -6.73 -52.40
N GLY A 16 -10.29 -6.64 -53.40
CA GLY A 16 -10.63 -7.06 -54.74
C GLY A 16 -11.17 -5.90 -55.55
N GLN A 17 -11.11 -4.70 -54.97
CA GLN A 17 -11.59 -3.50 -55.62
C GLN A 17 -10.44 -2.59 -56.01
N PRO A 18 -10.67 -1.68 -56.96
CA PRO A 18 -9.60 -0.78 -57.37
C PRO A 18 -9.59 0.45 -56.48
N ALA A 19 -8.48 1.16 -56.48
CA ALA A 19 -8.33 2.38 -55.68
C ALA A 19 -7.58 3.37 -56.54
N SER A 20 -7.63 4.64 -56.16
CA SER A 20 -6.95 5.69 -56.92
C SER A 20 -6.70 6.92 -56.06
N ILE A 21 -5.43 7.29 -55.91
CA ILE A 21 -5.07 8.45 -55.10
C ILE A 21 -4.37 9.53 -55.89
N SER A 22 -4.44 10.75 -55.38
CA SER A 22 -3.86 11.91 -56.04
C SER A 22 -2.73 12.60 -55.29
N CYS A 23 -1.82 13.18 -56.06
CA CYS A 23 -0.68 13.93 -55.51
C CYS A 23 -0.51 15.09 -56.49
N LYS A 24 -0.62 16.31 -55.98
CA LYS A 24 -0.48 17.52 -56.80
C LYS A 24 0.69 18.38 -56.34
N SER A 25 1.56 18.76 -57.27
CA SER A 25 2.70 19.59 -56.89
C SER A 25 2.49 21.05 -57.31
N SER A 26 2.94 21.95 -56.46
CA SER A 26 2.83 23.39 -56.68
C SER A 26 3.77 23.88 -57.78
N GLN A 27 4.52 22.97 -58.37
CA GLN A 27 5.47 23.34 -59.42
C GLN A 27 5.69 22.13 -60.34
N ARG A 28 5.89 22.38 -61.63
CA ARG A 28 6.10 21.30 -62.59
C ARG A 28 7.24 20.42 -62.13
N LEU A 29 7.15 19.12 -62.38
CA LEU A 29 8.20 18.22 -61.95
C LEU A 29 9.05 17.63 -63.08
N LEU A 30 8.77 18.03 -64.32
CA LEU A 30 9.56 17.56 -65.44
C LEU A 30 10.77 18.49 -65.53
N ASN A 31 11.97 17.93 -65.63
CA ASN A 31 13.17 18.75 -65.71
C ASN A 31 13.68 18.87 -67.14
N SER A 32 14.81 19.56 -67.31
CA SER A 32 15.42 19.77 -68.61
C SER A 32 15.92 18.53 -69.36
N ASN A 33 16.00 17.40 -68.65
CA ASN A 33 16.47 16.16 -69.26
C ASN A 33 15.33 15.21 -69.63
N GLY A 34 14.10 15.73 -69.66
CA GLY A 34 12.95 14.92 -70.02
C GLY A 34 12.49 13.96 -68.94
N LYS A 35 13.18 13.95 -67.80
CA LYS A 35 12.82 13.06 -66.69
C LYS A 35 11.94 13.73 -65.64
N THR A 36 11.10 12.93 -64.99
CA THR A 36 10.21 13.43 -63.95
C THR A 36 10.50 12.64 -62.67
N PHE A 37 11.35 13.20 -61.82
CA PHE A 37 11.70 12.53 -60.58
C PHE A 37 10.56 12.59 -59.56
N LEU A 38 9.64 11.64 -59.70
CA LEU A 38 8.48 11.57 -58.81
C LEU A 38 8.29 10.10 -58.42
N ASN A 39 8.30 9.82 -57.12
CA ASN A 39 8.15 8.44 -56.63
C ASN A 39 6.94 8.26 -55.71
N TRP A 40 6.36 7.07 -55.75
CA TRP A 40 5.22 6.73 -54.89
C TRP A 40 5.72 5.65 -53.93
N LEU A 41 5.33 5.76 -52.67
CA LEU A 41 5.76 4.82 -51.65
C LEU A 41 4.59 4.34 -50.78
N LEU A 42 4.74 3.13 -50.24
CA LEU A 42 3.76 2.54 -49.35
C LEU A 42 4.46 2.20 -48.06
N GLN A 43 3.92 2.71 -46.96
CA GLN A 43 4.47 2.41 -45.65
C GLN A 43 3.42 1.60 -44.90
N ARG A 44 3.61 0.29 -44.87
CA ARG A 44 2.68 -0.58 -44.16
C ARG A 44 2.89 -0.34 -42.66
N PRO A 45 1.91 -0.70 -41.84
CA PRO A 45 2.01 -0.51 -40.39
C PRO A 45 3.26 -1.16 -39.79
N GLY A 46 4.05 -0.36 -39.09
CA GLY A 46 5.25 -0.87 -38.46
C GLY A 46 6.46 -1.03 -39.37
N GLN A 47 6.29 -0.80 -40.66
CA GLN A 47 7.41 -0.94 -41.57
C GLN A 47 7.89 0.42 -42.00
N SER A 48 8.93 0.43 -42.83
CA SER A 48 9.47 1.66 -43.32
C SER A 48 8.89 1.82 -44.71
N PRO A 49 8.87 3.06 -45.24
CA PRO A 49 8.33 3.28 -46.59
C PRO A 49 9.03 2.37 -47.60
N LYS A 50 8.27 1.82 -48.53
CA LYS A 50 8.86 0.96 -49.54
C LYS A 50 8.48 1.42 -50.95
N ARG A 51 9.35 1.13 -51.91
CA ARG A 51 9.15 1.56 -53.29
C ARG A 51 7.96 0.97 -54.04
N LEU A 52 7.44 1.74 -55.00
CA LEU A 52 6.31 1.35 -55.83
C LEU A 52 6.51 1.87 -57.26
N ILE A 53 6.53 3.19 -57.38
CA ILE A 53 6.67 3.85 -58.67
C ILE A 53 7.83 4.83 -58.70
N TYR A 54 8.57 4.87 -59.81
CA TYR A 54 9.66 5.81 -59.94
C TYR A 54 9.55 6.48 -61.31
N LEU A 55 10.23 7.60 -61.47
CA LEU A 55 10.14 8.34 -62.73
C LEU A 55 8.70 8.69 -63.07
N GLY A 56 7.92 8.97 -62.04
CA GLY A 56 6.54 9.35 -62.25
C GLY A 56 5.56 8.31 -62.76
N THR A 57 5.95 7.48 -63.71
CA THR A 57 5.02 6.49 -64.25
C THR A 57 5.65 5.12 -64.45
N LYS A 58 6.77 4.86 -63.81
CA LYS A 58 7.44 3.58 -64.00
C LYS A 58 7.37 2.61 -62.82
N LEU A 59 6.94 1.39 -63.11
CA LEU A 59 6.82 0.34 -62.10
C LEU A 59 8.22 0.07 -61.54
N ASP A 60 8.38 0.23 -60.24
CA ASP A 60 9.69 0.03 -59.63
C ASP A 60 10.07 -1.42 -59.47
N SER A 61 11.35 -1.64 -59.17
CA SER A 61 11.94 -2.95 -59.00
C SER A 61 11.17 -3.94 -58.12
N GLY A 62 10.79 -5.07 -58.71
CA GLY A 62 10.06 -6.10 -57.98
C GLY A 62 8.68 -5.75 -57.44
N VAL A 63 8.06 -4.69 -57.95
CA VAL A 63 6.73 -4.29 -57.48
C VAL A 63 5.60 -4.95 -58.27
N PRO A 64 4.56 -5.43 -57.59
CA PRO A 64 3.44 -6.07 -58.28
C PRO A 64 2.81 -5.12 -59.30
N ASP A 65 2.59 -5.61 -60.51
CA ASP A 65 2.00 -4.80 -61.58
C ASP A 65 0.63 -4.19 -61.24
N ARG A 66 0.04 -4.61 -60.14
CA ARG A 66 -1.26 -4.10 -59.71
C ARG A 66 -1.20 -2.60 -59.47
N PHE A 67 0.03 -2.11 -59.26
CA PHE A 67 0.28 -0.70 -59.02
C PHE A 67 0.63 0.00 -60.33
N THR A 68 0.05 1.17 -60.55
CA THR A 68 0.30 1.93 -61.76
C THR A 68 0.29 3.42 -61.48
N GLY A 69 1.36 4.08 -61.88
CA GLY A 69 1.43 5.52 -61.67
C GLY A 69 1.18 6.21 -62.99
N SER A 70 0.65 7.42 -62.94
CA SER A 70 0.40 8.15 -64.17
C SER A 70 0.31 9.62 -63.89
N GLY A 71 0.19 10.39 -64.96
CA GLY A 71 0.09 11.83 -64.84
C GLY A 71 1.38 12.50 -65.24
N SER A 72 1.32 13.82 -65.38
CA SER A 72 2.47 14.62 -65.76
C SER A 72 2.20 16.05 -65.34
N GLY A 73 3.21 16.90 -65.49
CA GLY A 73 3.04 18.29 -65.11
C GLY A 73 3.06 18.47 -63.61
N THR A 74 1.87 18.58 -63.02
CA THR A 74 1.76 18.76 -61.58
C THR A 74 0.77 17.79 -60.96
N ASP A 75 0.04 17.06 -61.80
CA ASP A 75 -0.94 16.11 -61.31
C ASP A 75 -0.50 14.68 -61.51
N PHE A 76 -0.37 13.95 -60.41
CA PHE A 76 0.08 12.57 -60.49
C PHE A 76 -0.94 11.67 -59.79
N THR A 77 -1.14 10.49 -60.36
CA THR A 77 -2.10 9.55 -59.81
C THR A 77 -1.51 8.16 -59.60
N LEU A 78 -1.89 7.54 -58.51
CA LEU A 78 -1.47 6.17 -58.20
C LEU A 78 -2.73 5.34 -58.25
N LYS A 79 -2.65 4.19 -58.89
CA LYS A 79 -3.81 3.33 -58.97
C LYS A 79 -3.43 1.93 -58.58
N ILE A 80 -4.41 1.20 -58.05
CA ILE A 80 -4.22 -0.18 -57.65
C ILE A 80 -5.34 -0.93 -58.38
N SER A 81 -4.97 -1.84 -59.27
CA SER A 81 -5.96 -2.59 -60.01
C SER A 81 -6.95 -3.28 -59.08
N ARG A 82 -6.44 -4.05 -58.12
CA ARG A 82 -7.33 -4.72 -57.17
C ARG A 82 -6.65 -4.94 -55.82
N VAL A 83 -7.07 -4.13 -54.85
CA VAL A 83 -6.54 -4.14 -53.50
C VAL A 83 -6.50 -5.50 -52.81
N GLU A 84 -5.40 -5.72 -52.09
CA GLU A 84 -5.19 -6.94 -51.32
C GLU A 84 -4.95 -6.50 -49.88
N ALA A 85 -5.10 -7.41 -48.94
CA ALA A 85 -4.93 -7.09 -47.53
C ALA A 85 -3.63 -6.35 -47.20
N GLU A 86 -2.52 -6.79 -47.79
CA GLU A 86 -1.23 -6.16 -47.49
C GLU A 86 -1.01 -4.79 -48.15
N ASP A 87 -2.03 -4.25 -48.81
CA ASP A 87 -1.86 -2.95 -49.43
C ASP A 87 -2.17 -1.82 -48.47
N LEU A 88 -2.65 -2.17 -47.28
CA LEU A 88 -2.99 -1.15 -46.28
C LEU A 88 -1.75 -0.49 -45.69
N GLY A 89 -1.88 0.80 -45.38
CA GLY A 89 -0.78 1.57 -44.85
C GLY A 89 -0.89 2.99 -45.39
N VAL A 90 0.16 3.79 -45.28
CA VAL A 90 0.09 5.17 -45.78
C VAL A 90 0.93 5.32 -47.05
N TYR A 91 0.31 5.82 -48.11
CA TYR A 91 1.01 6.03 -49.37
C TYR A 91 1.54 7.45 -49.41
N TYR A 92 2.77 7.60 -49.90
CA TYR A 92 3.42 8.90 -49.99
C TYR A 92 3.96 9.12 -51.39
N CYS A 93 4.01 10.38 -51.82
CA CYS A 93 4.62 10.70 -53.09
C CYS A 93 5.84 11.51 -52.71
N TRP A 94 6.89 11.40 -53.50
CA TRP A 94 8.13 12.09 -53.20
C TRP A 94 8.72 12.62 -54.51
N GLN A 95 9.00 13.92 -54.54
CA GLN A 95 9.56 14.53 -55.75
C GLN A 95 11.05 14.83 -55.58
N GLY A 96 11.82 14.47 -56.62
CA GLY A 96 13.25 14.71 -56.58
C GLY A 96 13.68 15.57 -57.74
N THR A 97 12.78 16.44 -58.20
CA THR A 97 13.10 17.32 -59.31
C THR A 97 13.58 18.68 -58.83
N HIS A 98 13.00 19.14 -57.71
CA HIS A 98 13.33 20.43 -57.12
C HIS A 98 13.91 20.41 -55.71
N PHE A 99 15.13 20.91 -55.59
CA PHE A 99 15.81 20.98 -54.32
C PHE A 99 15.18 22.12 -53.49
N PRO A 100 14.82 21.85 -52.23
CA PRO A 100 14.94 20.60 -51.47
C PRO A 100 13.80 19.61 -51.76
N TYR A 101 14.13 18.33 -51.85
CA TYR A 101 13.15 17.31 -52.15
C TYR A 101 12.15 17.16 -51.01
N THR A 102 10.87 17.11 -51.36
CA THR A 102 9.78 17.03 -50.39
C THR A 102 8.76 15.93 -50.64
N PHE A 103 8.13 15.48 -49.56
CA PHE A 103 7.13 14.44 -49.63
C PHE A 103 5.71 15.01 -49.51
N GLY A 104 4.73 14.25 -49.94
CA GLY A 104 3.35 14.68 -49.83
C GLY A 104 2.92 14.39 -48.41
N GLY A 105 1.70 14.73 -48.05
CA GLY A 105 1.22 14.49 -46.70
C GLY A 105 0.81 13.06 -46.42
N GLY A 106 0.79 12.24 -47.47
CA GLY A 106 0.42 10.85 -47.30
C GLY A 106 -1.08 10.60 -47.39
N THR A 107 -1.44 9.40 -47.82
CA THR A 107 -2.84 9.00 -47.93
C THR A 107 -2.96 7.62 -47.29
N LYS A 108 -3.87 7.50 -46.33
CA LYS A 108 -4.07 6.23 -45.65
C LYS A 108 -5.17 5.36 -46.24
N LEU A 109 -4.80 4.14 -46.63
CA LEU A 109 -5.74 3.21 -47.22
C LEU A 109 -6.18 2.16 -46.21
N GLU A 110 -7.48 2.12 -45.93
CA GLU A 110 -8.04 1.16 -45.00
C GLU A 110 -8.74 0.08 -45.81
N ILE A 111 -8.66 -1.17 -45.36
CA ILE A 111 -9.27 -2.30 -46.04
C ILE A 111 -10.67 -2.60 -45.53
N LYS A 112 -11.59 -2.87 -46.44
CA LYS A 112 -12.97 -3.19 -46.07
C LYS A 112 -13.17 -4.70 -46.06
N ARG A 113 -13.65 -5.22 -44.94
CA ARG A 113 -13.88 -6.64 -44.81
C ARG A 113 -15.16 -6.90 -44.02
N ALA A 114 -15.56 -8.17 -43.94
CA ALA A 114 -16.78 -8.53 -43.21
C ALA A 114 -16.66 -8.15 -41.73
N ASP A 115 -17.78 -7.86 -41.10
CA ASP A 115 -17.76 -7.51 -39.68
C ASP A 115 -17.19 -8.68 -38.88
N ALA A 116 -16.61 -8.37 -37.73
CA ALA A 116 -16.05 -9.39 -36.86
C ALA A 116 -16.13 -8.91 -35.42
N ALA A 117 -16.78 -9.70 -34.58
CA ALA A 117 -16.93 -9.35 -33.17
C ALA A 117 -15.60 -9.51 -32.44
N PRO A 118 -15.42 -8.75 -31.35
CA PRO A 118 -14.17 -8.84 -30.61
C PRO A 118 -14.11 -10.01 -29.62
N THR A 119 -12.91 -10.56 -29.45
CA THR A 119 -12.68 -11.63 -28.49
C THR A 119 -12.15 -10.85 -27.29
N VAL A 120 -13.01 -10.71 -26.29
CA VAL A 120 -12.68 -9.96 -25.08
C VAL A 120 -12.16 -10.84 -23.95
N SER A 121 -11.15 -10.33 -23.23
CA SER A 121 -10.55 -11.02 -22.11
C SER A 121 -10.25 -9.96 -21.05
N ILE A 122 -10.44 -10.31 -19.78
CA ILE A 122 -10.16 -9.36 -18.70
C ILE A 122 -9.10 -9.95 -17.77
N PHE A 123 -8.27 -9.07 -17.20
CA PHE A 123 -7.19 -9.52 -16.32
C PHE A 123 -7.06 -8.70 -15.03
N PRO A 124 -7.05 -9.37 -13.87
CA PRO A 124 -6.91 -8.68 -12.60
C PRO A 124 -5.45 -8.28 -12.46
N PRO A 125 -5.14 -7.37 -11.52
CA PRO A 125 -3.76 -6.93 -11.34
C PRO A 125 -2.92 -8.13 -10.97
N SER A 126 -1.61 -8.00 -11.08
CA SER A 126 -0.71 -9.11 -10.74
C SER A 126 -0.28 -8.99 -9.29
N SER A 127 0.03 -10.11 -8.66
CA SER A 127 0.48 -10.11 -7.28
C SER A 127 1.66 -9.16 -7.16
N GLU A 128 2.56 -9.26 -8.13
CA GLU A 128 3.77 -8.44 -8.14
C GLU A 128 3.48 -6.95 -8.18
N GLN A 129 2.59 -6.54 -9.08
CA GLN A 129 2.26 -5.12 -9.18
C GLN A 129 1.60 -4.68 -7.87
N LEU A 130 0.78 -5.55 -7.29
CA LEU A 130 0.13 -5.21 -6.04
C LEU A 130 1.14 -4.85 -4.96
N THR A 131 2.05 -5.78 -4.67
CA THR A 131 3.05 -5.53 -3.63
C THR A 131 3.84 -4.25 -3.85
N SER A 132 3.76 -3.70 -5.06
CA SER A 132 4.47 -2.47 -5.38
C SER A 132 3.66 -1.22 -5.06
N GLY A 133 2.39 -1.42 -4.70
CA GLY A 133 1.52 -0.31 -4.37
C GLY A 133 0.64 0.15 -5.52
N GLY A 134 0.61 -0.65 -6.58
CA GLY A 134 -0.19 -0.30 -7.75
C GLY A 134 -1.24 -1.34 -8.09
N ALA A 135 -2.18 -0.97 -8.95
CA ALA A 135 -3.25 -1.87 -9.36
C ALA A 135 -3.76 -1.55 -10.75
N SER A 136 -3.56 -2.46 -11.69
CA SER A 136 -4.03 -2.26 -13.06
C SER A 136 -4.89 -3.43 -13.51
N VAL A 137 -6.08 -3.11 -14.00
CA VAL A 137 -7.01 -4.12 -14.51
C VAL A 137 -6.96 -3.96 -16.02
N VAL A 138 -6.41 -4.96 -16.70
CA VAL A 138 -6.27 -4.91 -18.15
C VAL A 138 -7.33 -5.71 -18.88
N CYS A 139 -7.87 -5.13 -19.96
CA CYS A 139 -8.88 -5.78 -20.75
C CYS A 139 -8.51 -5.72 -22.25
N PHE A 140 -8.58 -6.86 -22.94
CA PHE A 140 -8.25 -6.92 -24.36
C PHE A 140 -9.46 -7.19 -25.25
N LEU A 141 -9.53 -6.50 -26.39
CA LEU A 141 -10.59 -6.69 -27.35
C LEU A 141 -9.86 -6.91 -28.68
N ASN A 142 -9.64 -8.17 -29.03
CA ASN A 142 -8.88 -8.47 -30.26
C ASN A 142 -9.61 -8.89 -31.52
N ASN A 143 -8.98 -8.57 -32.66
CA ASN A 143 -9.47 -8.91 -33.98
C ASN A 143 -10.90 -8.60 -34.30
N PHE A 144 -11.26 -7.32 -34.32
CA PHE A 144 -12.62 -6.93 -34.63
C PHE A 144 -12.66 -5.97 -35.81
N TYR A 145 -13.84 -5.88 -36.43
CA TYR A 145 -14.05 -4.97 -37.54
C TYR A 145 -15.52 -4.64 -37.59
N PRO A 146 -15.85 -3.37 -37.84
CA PRO A 146 -14.96 -2.22 -38.05
C PRO A 146 -14.30 -1.65 -36.80
N LYS A 147 -13.36 -0.72 -37.02
CA LYS A 147 -12.59 -0.06 -35.97
C LYS A 147 -13.40 0.54 -34.83
N ASP A 148 -14.60 1.03 -35.16
CA ASP A 148 -15.46 1.64 -34.16
C ASP A 148 -15.86 0.67 -33.06
N ILE A 149 -15.58 1.04 -31.82
CA ILE A 149 -15.92 0.20 -30.68
C ILE A 149 -15.86 1.05 -29.41
N ASN A 150 -16.77 0.80 -28.49
CA ASN A 150 -16.83 1.56 -27.21
C ASN A 150 -16.73 0.63 -25.99
N VAL A 151 -15.70 0.84 -25.19
CA VAL A 151 -15.51 0.04 -23.99
C VAL A 151 -15.84 0.86 -22.75
N LYS A 152 -16.55 0.24 -21.82
CA LYS A 152 -16.94 0.89 -20.56
C LYS A 152 -16.51 0.09 -19.33
N TRP A 153 -15.99 0.77 -18.31
CA TRP A 153 -15.57 0.10 -17.07
C TRP A 153 -16.55 0.31 -15.94
N LYS A 154 -16.81 -0.75 -15.18
CA LYS A 154 -17.72 -0.69 -14.04
C LYS A 154 -17.12 -1.34 -12.80
N ILE A 155 -17.04 -0.58 -11.71
CA ILE A 155 -16.52 -1.07 -10.45
C ILE A 155 -17.72 -1.25 -9.53
N ASP A 156 -18.10 -2.51 -9.31
CA ASP A 156 -19.26 -2.83 -8.49
C ASP A 156 -20.54 -2.17 -9.02
N GLY A 157 -20.71 -2.23 -10.35
CA GLY A 157 -21.89 -1.65 -10.97
C GLY A 157 -21.79 -0.20 -11.41
N SER A 158 -20.96 0.59 -10.75
CA SER A 158 -20.82 2.01 -11.09
C SER A 158 -19.77 2.22 -12.19
N GLU A 159 -20.10 3.06 -13.17
CA GLU A 159 -19.19 3.35 -14.27
C GLU A 159 -17.98 4.14 -13.80
N ARG A 160 -16.81 3.76 -14.30
CA ARG A 160 -15.57 4.44 -13.95
C ARG A 160 -14.86 4.90 -15.21
N GLN A 161 -14.59 6.19 -15.31
CA GLN A 161 -13.92 6.75 -16.48
C GLN A 161 -12.51 7.29 -16.19
N ASN A 162 -12.29 7.78 -14.99
CA ASN A 162 -10.98 8.33 -14.64
C ASN A 162 -9.96 7.25 -14.39
N GLY A 163 -8.73 7.47 -14.88
CA GLY A 163 -7.68 6.50 -14.69
C GLY A 163 -7.70 5.38 -15.72
N VAL A 164 -8.51 5.55 -16.75
CA VAL A 164 -8.61 4.58 -17.82
C VAL A 164 -7.74 5.02 -19.00
N LEU A 165 -6.99 4.08 -19.57
CA LEU A 165 -6.13 4.36 -20.72
C LEU A 165 -6.31 3.30 -21.80
N ASN A 166 -6.52 3.76 -23.03
CA ASN A 166 -6.75 2.87 -24.18
C ASN A 166 -5.69 2.98 -25.26
N SER A 167 -5.52 1.91 -26.03
CA SER A 167 -4.55 1.87 -27.09
C SER A 167 -5.02 0.91 -28.17
N TRP A 168 -5.02 1.39 -29.41
CA TRP A 168 -5.46 0.58 -30.54
C TRP A 168 -4.30 0.26 -31.47
N THR A 169 -4.37 -0.90 -32.12
CA THR A 169 -3.35 -1.32 -33.07
C THR A 169 -3.86 -0.90 -34.43
N ASP A 170 -2.96 -0.62 -35.36
CA ASP A 170 -3.39 -0.23 -36.71
C ASP A 170 -4.06 -1.46 -37.31
N GLN A 171 -4.77 -1.29 -38.42
CA GLN A 171 -5.41 -2.42 -39.04
C GLN A 171 -4.36 -3.51 -39.32
N ASP A 172 -4.72 -4.76 -39.06
CA ASP A 172 -3.80 -5.88 -39.27
C ASP A 172 -3.63 -6.11 -40.77
N SER A 173 -2.38 -6.19 -41.22
CA SER A 173 -2.12 -6.37 -42.64
C SER A 173 -2.37 -7.78 -43.17
N LYS A 174 -2.83 -8.69 -42.30
CA LYS A 174 -3.11 -10.04 -42.74
C LYS A 174 -4.61 -10.33 -42.76
N ASP A 175 -5.31 -10.09 -41.65
CA ASP A 175 -6.75 -10.35 -41.59
C ASP A 175 -7.60 -9.08 -41.67
N SER A 176 -6.94 -7.92 -41.69
CA SER A 176 -7.64 -6.65 -41.77
C SER A 176 -8.51 -6.30 -40.57
N THR A 177 -8.26 -6.93 -39.42
CA THR A 177 -9.03 -6.64 -38.22
C THR A 177 -8.28 -5.62 -37.36
N TYR A 178 -8.94 -5.14 -36.31
CA TYR A 178 -8.34 -4.19 -35.38
C TYR A 178 -8.38 -4.80 -33.99
N SER A 179 -7.47 -4.34 -33.14
CA SER A 179 -7.42 -4.81 -31.77
C SER A 179 -7.25 -3.60 -30.85
N MET A 180 -7.62 -3.76 -29.59
CA MET A 180 -7.52 -2.67 -28.63
C MET A 180 -7.35 -3.20 -27.23
N SER A 181 -6.69 -2.42 -26.38
CA SER A 181 -6.49 -2.80 -25.00
C SER A 181 -6.95 -1.62 -24.17
N SER A 182 -7.74 -1.91 -23.13
CA SER A 182 -8.24 -0.88 -22.22
C SER A 182 -7.69 -1.19 -20.84
N THR A 183 -7.08 -0.21 -20.20
CA THR A 183 -6.51 -0.45 -18.88
C THR A 183 -6.99 0.54 -17.82
N LEU A 184 -7.45 -0.03 -16.70
CA LEU A 184 -7.94 0.73 -15.57
C LEU A 184 -6.89 0.67 -14.46
N THR A 185 -6.34 1.83 -14.12
CA THR A 185 -5.33 1.90 -13.08
C THR A 185 -5.91 2.58 -11.83
N LEU A 186 -5.70 1.94 -10.68
CA LEU A 186 -6.20 2.45 -9.40
C LEU A 186 -5.12 2.28 -8.33
N THR A 187 -5.30 2.96 -7.20
CA THR A 187 -4.34 2.83 -6.10
C THR A 187 -4.64 1.45 -5.51
N LYS A 188 -3.65 0.80 -4.93
CA LYS A 188 -3.86 -0.52 -4.35
C LYS A 188 -5.03 -0.48 -3.38
N ASP A 189 -5.11 0.58 -2.58
CA ASP A 189 -6.18 0.71 -1.61
C ASP A 189 -7.57 0.81 -2.21
N GLU A 190 -7.73 1.63 -3.25
CA GLU A 190 -9.04 1.76 -3.84
C GLU A 190 -9.44 0.45 -4.52
N TYR A 191 -8.46 -0.28 -5.02
CA TYR A 191 -8.74 -1.55 -5.68
C TYR A 191 -9.29 -2.56 -4.67
N GLU A 192 -8.64 -2.64 -3.51
CA GLU A 192 -9.04 -3.58 -2.48
C GLU A 192 -10.32 -3.19 -1.74
N ARG A 193 -10.87 -2.02 -2.04
CA ARG A 193 -12.10 -1.57 -1.40
C ARG A 193 -13.32 -1.99 -2.19
N HIS A 194 -13.12 -2.61 -3.34
CA HIS A 194 -14.25 -3.03 -4.16
C HIS A 194 -14.12 -4.50 -4.57
N ASN A 195 -15.22 -5.07 -5.05
CA ASN A 195 -15.22 -6.49 -5.39
C ASN A 195 -15.46 -6.86 -6.84
N SER A 196 -16.42 -6.18 -7.46
CA SER A 196 -16.75 -6.46 -8.85
C SER A 196 -16.02 -5.54 -9.83
N TYR A 197 -15.42 -6.14 -10.86
CA TYR A 197 -14.70 -5.39 -11.89
C TYR A 197 -15.15 -5.88 -13.25
N THR A 198 -15.78 -5.00 -14.01
CA THR A 198 -16.30 -5.41 -15.30
C THR A 198 -15.83 -4.60 -16.48
N CYS A 199 -15.68 -5.28 -17.60
CA CYS A 199 -15.23 -4.68 -18.85
C CYS A 199 -16.37 -4.86 -19.86
N GLU A 200 -16.97 -3.76 -20.29
CA GLU A 200 -18.09 -3.79 -21.22
C GLU A 200 -17.77 -3.26 -22.61
N ALA A 201 -17.97 -4.10 -23.61
CA ALA A 201 -17.69 -3.72 -24.99
C ALA A 201 -18.95 -3.64 -25.86
N THR A 202 -19.11 -2.52 -26.55
CA THR A 202 -20.24 -2.34 -27.46
C THR A 202 -19.67 -2.25 -28.88
N HIS A 203 -20.23 -3.02 -29.80
CA HIS A 203 -19.75 -3.07 -31.18
C HIS A 203 -20.91 -3.48 -32.08
N LYS A 204 -20.97 -2.94 -33.31
CA LYS A 204 -22.07 -3.25 -34.22
C LYS A 204 -22.34 -4.73 -34.50
N THR A 205 -21.46 -5.61 -34.02
CA THR A 205 -21.62 -7.05 -34.24
C THR A 205 -22.63 -7.72 -33.28
N SER A 206 -23.20 -6.93 -32.38
CA SER A 206 -24.17 -7.44 -31.42
C SER A 206 -24.82 -6.23 -30.76
N THR A 207 -26.14 -6.22 -30.69
CA THR A 207 -26.82 -5.08 -30.08
C THR A 207 -26.64 -5.08 -28.56
N SER A 208 -26.36 -6.25 -28.00
CA SER A 208 -26.13 -6.38 -26.56
C SER A 208 -24.61 -6.37 -26.36
N PRO A 209 -24.11 -5.52 -25.45
CA PRO A 209 -22.67 -5.44 -25.20
C PRO A 209 -22.01 -6.73 -24.72
N ILE A 210 -20.75 -6.92 -25.12
CA ILE A 210 -19.99 -8.10 -24.71
C ILE A 210 -19.46 -7.76 -23.33
N VAL A 211 -19.78 -8.59 -22.34
CA VAL A 211 -19.36 -8.35 -20.97
C VAL A 211 -18.40 -9.39 -20.39
N LYS A 212 -17.37 -8.91 -19.70
CA LYS A 212 -16.39 -9.76 -19.06
C LYS A 212 -16.09 -9.15 -17.71
N SER A 213 -16.07 -9.98 -16.67
CA SER A 213 -15.79 -9.48 -15.33
C SER A 213 -15.28 -10.55 -14.36
N PHE A 214 -14.96 -10.11 -13.15
CA PHE A 214 -14.46 -10.99 -12.12
C PHE A 214 -14.61 -10.29 -10.78
N ASN A 215 -14.62 -11.08 -9.72
CA ASN A 215 -14.72 -10.55 -8.37
C ASN A 215 -13.50 -11.04 -7.61
N ARG A 216 -12.91 -10.16 -6.80
CA ARG A 216 -11.75 -10.57 -6.02
C ARG A 216 -12.14 -11.79 -5.22
N ASN A 217 -11.16 -12.64 -4.92
CA ASN A 217 -11.40 -13.86 -4.14
C ASN A 217 -12.19 -14.89 -4.93
N GLU A 218 -11.44 -15.73 -5.66
CA GLU A 218 -12.00 -16.79 -6.49
C GLU A 218 -10.88 -17.39 -7.35
N CYS A 219 -10.53 -16.68 -8.42
CA CYS A 219 -9.49 -17.12 -9.35
C CYS A 219 -9.20 -16.09 -10.45
N ARG B 1 20.43 -8.36 -52.97
CA ARG B 1 19.95 -6.95 -53.00
C ARG B 1 20.61 -6.07 -51.94
N VAL B 2 20.30 -4.78 -51.98
CA VAL B 2 20.84 -3.80 -51.05
C VAL B 2 19.96 -3.69 -49.81
N GLN B 3 20.59 -3.64 -48.63
CA GLN B 3 19.87 -3.53 -47.37
C GLN B 3 20.55 -2.52 -46.46
N LEU B 4 19.78 -1.62 -45.87
CA LEU B 4 20.35 -0.62 -44.98
C LEU B 4 19.92 -0.90 -43.56
N GLN B 5 20.72 -0.46 -42.61
CA GLN B 5 20.42 -0.65 -41.20
C GLN B 5 20.95 0.48 -40.33
N GLN B 6 20.06 1.19 -39.65
CA GLN B 6 20.47 2.30 -38.80
C GLN B 6 20.78 1.88 -37.38
N SER B 7 21.62 2.67 -36.74
CA SER B 7 21.99 2.44 -35.36
C SER B 7 22.33 3.81 -34.79
N GLY B 8 22.10 3.99 -33.50
CA GLY B 8 22.39 5.27 -32.89
C GLY B 8 21.75 5.37 -31.53
N PRO B 9 21.86 6.53 -30.85
CA PRO B 9 21.25 6.66 -29.53
C PRO B 9 19.73 6.70 -29.67
N GLY B 10 19.05 6.36 -28.59
CA GLY B 10 17.60 6.38 -28.63
C GLY B 10 17.16 7.65 -27.91
N LEU B 11 18.05 8.17 -27.07
CA LEU B 11 17.81 9.38 -26.30
C LEU B 11 19.02 10.30 -26.37
N VAL B 12 18.73 11.58 -26.57
CA VAL B 12 19.75 12.61 -26.64
C VAL B 12 19.20 13.79 -25.89
N LYS B 13 20.06 14.51 -25.18
CA LYS B 13 19.61 15.66 -24.42
C LYS B 13 19.68 16.96 -25.23
N PRO B 14 18.78 17.90 -24.94
CA PRO B 14 18.71 19.18 -25.64
C PRO B 14 20.07 19.88 -25.73
N SER B 15 20.30 20.49 -26.89
CA SER B 15 21.51 21.24 -27.22
C SER B 15 22.71 20.37 -27.60
N GLN B 16 22.57 19.05 -27.47
CA GLN B 16 23.65 18.14 -27.83
C GLN B 16 23.60 17.77 -29.30
N SER B 17 24.58 17.00 -29.74
CA SER B 17 24.65 16.57 -31.14
C SER B 17 24.10 15.15 -31.26
N LEU B 18 23.35 14.91 -32.33
CA LEU B 18 22.79 13.60 -32.60
C LEU B 18 23.76 12.94 -33.60
N SER B 19 24.14 11.69 -33.36
CA SER B 19 25.05 11.01 -34.24
C SER B 19 24.49 9.64 -34.64
N LEU B 20 24.16 9.46 -35.92
CA LEU B 20 23.60 8.19 -36.37
C LEU B 20 24.49 7.50 -37.41
N THR B 21 24.37 6.17 -37.49
CA THR B 21 25.16 5.40 -38.43
C THR B 21 24.25 4.52 -39.26
N CYS B 22 24.64 4.29 -40.51
CA CYS B 22 23.86 3.44 -41.37
C CYS B 22 24.81 2.48 -42.04
N THR B 23 24.66 1.20 -41.73
CA THR B 23 25.50 0.19 -42.32
C THR B 23 24.78 -0.38 -43.53
N VAL B 24 25.49 -0.40 -44.65
CA VAL B 24 24.98 -0.90 -45.93
C VAL B 24 25.60 -2.24 -46.32
N THR B 25 24.78 -3.20 -46.75
CA THR B 25 25.26 -4.52 -47.17
C THR B 25 24.66 -4.86 -48.52
N GLY B 26 25.36 -5.69 -49.29
CA GLY B 26 24.89 -6.11 -50.60
C GLY B 26 25.17 -5.17 -51.76
N TYR B 27 25.97 -4.12 -51.53
CA TYR B 27 26.29 -3.16 -52.57
C TYR B 27 27.31 -2.16 -52.06
N SER B 28 28.21 -1.73 -52.93
CA SER B 28 29.23 -0.77 -52.53
C SER B 28 28.63 0.62 -52.52
N ILE B 29 28.92 1.41 -51.49
CA ILE B 29 28.38 2.77 -51.40
C ILE B 29 29.01 3.71 -52.42
N THR B 30 30.14 3.31 -53.01
CA THR B 30 30.80 4.13 -54.01
C THR B 30 30.28 3.83 -55.40
N SER B 31 29.09 3.24 -55.49
CA SER B 31 28.51 2.93 -56.79
C SER B 31 27.02 3.19 -56.94
N ASP B 32 26.68 3.94 -57.98
CA ASP B 32 25.29 4.23 -58.36
C ASP B 32 24.30 4.99 -57.47
N PHE B 33 24.23 4.67 -56.19
CA PHE B 33 23.23 5.32 -55.34
C PHE B 33 23.46 6.71 -54.75
N ALA B 34 22.41 7.15 -54.07
CA ALA B 34 22.37 8.40 -53.38
C ALA B 34 21.96 7.88 -51.99
N TRP B 35 22.83 8.07 -51.00
CA TRP B 35 22.55 7.60 -49.66
C TRP B 35 21.91 8.69 -48.83
N ASN B 36 20.60 8.56 -48.62
CA ASN B 36 19.80 9.54 -47.91
C ASN B 36 19.50 9.31 -46.44
N TRP B 37 19.21 10.40 -45.76
CA TRP B 37 18.80 10.40 -44.37
C TRP B 37 17.46 11.12 -44.44
N ILE B 38 16.40 10.44 -44.00
CA ILE B 38 15.05 11.01 -43.97
C ILE B 38 14.50 10.75 -42.57
N ARG B 39 13.65 11.64 -42.06
CA ARG B 39 13.07 11.44 -40.74
C ARG B 39 11.58 11.60 -40.76
N GLN B 40 10.92 10.88 -39.85
CA GLN B 40 9.46 10.91 -39.76
C GLN B 40 9.03 11.37 -38.36
N PHE B 41 8.24 12.43 -38.33
CA PHE B 41 7.77 13.00 -37.07
C PHE B 41 6.52 12.30 -36.55
N PRO B 42 6.13 12.61 -35.31
CA PRO B 42 4.96 12.04 -34.68
C PRO B 42 3.69 11.95 -35.52
N GLY B 43 3.36 13.02 -36.23
CA GLY B 43 2.15 12.99 -37.04
C GLY B 43 2.34 12.25 -38.36
N ASN B 44 3.47 11.58 -38.51
CA ASN B 44 3.81 10.84 -39.73
C ASN B 44 4.14 11.73 -40.94
N LYS B 45 4.73 12.89 -40.67
CA LYS B 45 5.12 13.79 -41.75
C LYS B 45 6.57 13.43 -42.08
N LEU B 46 6.88 13.27 -43.35
CA LEU B 46 8.25 12.90 -43.73
C LEU B 46 9.02 14.12 -44.23
N GLU B 47 10.32 14.17 -43.92
CA GLU B 47 11.18 15.26 -44.34
C GLU B 47 12.51 14.73 -44.83
N TRP B 48 12.95 15.22 -45.99
CA TRP B 48 14.23 14.81 -46.56
C TRP B 48 15.31 15.67 -45.91
N MET B 49 16.29 15.02 -45.28
CA MET B 49 17.39 15.71 -44.62
C MET B 49 18.58 15.93 -45.55
N GLY B 50 18.96 14.89 -46.29
CA GLY B 50 20.08 15.03 -47.20
C GLY B 50 20.65 13.71 -47.70
N TYR B 51 21.69 13.79 -48.52
CA TYR B 51 22.34 12.59 -49.02
C TYR B 51 23.80 12.81 -49.31
N ILE B 52 24.46 11.72 -49.66
CA ILE B 52 25.84 11.71 -50.07
C ILE B 52 25.77 10.58 -51.09
N ASN B 53 26.16 10.87 -52.34
CA ASN B 53 26.09 9.88 -53.39
C ASN B 53 27.35 9.04 -53.54
N TYR B 54 27.36 8.16 -54.53
CA TYR B 54 28.49 7.27 -54.76
C TYR B 54 29.85 7.95 -54.88
N SER B 55 29.88 9.17 -55.42
CA SER B 55 31.15 9.88 -55.58
C SER B 55 31.53 10.78 -54.40
N GLY B 56 30.72 10.71 -53.32
CA GLY B 56 30.99 11.52 -52.13
C GLY B 56 30.38 12.91 -52.10
N PHE B 57 29.63 13.23 -53.15
CA PHE B 57 29.01 14.54 -53.23
C PHE B 57 27.85 14.65 -52.25
N THR B 58 27.71 15.80 -51.60
CA THR B 58 26.64 15.97 -50.62
C THR B 58 25.64 17.08 -50.92
N SER B 59 24.48 16.98 -50.29
CA SER B 59 23.41 17.94 -50.46
C SER B 59 22.46 17.82 -49.27
N HIS B 60 22.11 18.94 -48.65
CA HIS B 60 21.20 18.88 -47.52
C HIS B 60 20.13 19.97 -47.54
N ASN B 61 18.99 19.66 -46.96
CA ASN B 61 17.86 20.57 -46.89
C ASN B 61 18.21 21.85 -46.12
N PRO B 62 17.80 23.02 -46.63
CA PRO B 62 18.09 24.29 -45.94
C PRO B 62 17.42 24.45 -44.57
N SER B 63 16.37 23.66 -44.32
CA SER B 63 15.67 23.75 -43.04
C SER B 63 16.57 23.32 -41.88
N LEU B 64 17.69 22.70 -42.21
CA LEU B 64 18.63 22.23 -41.18
C LEU B 64 19.95 22.99 -41.26
N LYS B 65 19.97 24.08 -42.01
CA LYS B 65 21.17 24.88 -42.22
C LYS B 65 22.21 24.90 -41.11
N SER B 66 23.46 24.65 -41.49
CA SER B 66 24.59 24.66 -40.57
C SER B 66 24.48 23.78 -39.31
N ARG B 67 23.58 22.80 -39.34
CA ARG B 67 23.42 21.90 -38.20
C ARG B 67 23.66 20.46 -38.64
N ILE B 68 23.63 20.25 -39.96
CA ILE B 68 23.77 18.92 -40.49
C ILE B 68 25.05 18.69 -41.25
N SER B 69 25.55 17.47 -41.17
CA SER B 69 26.76 17.06 -41.86
C SER B 69 26.57 15.58 -42.21
N ILE B 70 26.81 15.21 -43.46
CA ILE B 70 26.64 13.83 -43.88
C ILE B 70 27.94 13.31 -44.48
N THR B 71 28.54 12.35 -43.80
CA THR B 71 29.80 11.80 -44.24
C THR B 71 29.71 10.29 -44.42
N ARG B 72 30.79 9.70 -44.91
CA ARG B 72 30.82 8.27 -45.14
C ARG B 72 32.17 7.66 -44.82
N ASP B 73 32.16 6.34 -44.63
CA ASP B 73 33.37 5.57 -44.33
C ASP B 73 33.37 4.42 -45.33
N THR B 74 33.97 4.64 -46.50
CA THR B 74 34.02 3.63 -47.54
C THR B 74 34.64 2.31 -47.10
N SER B 75 35.48 2.35 -46.07
CA SER B 75 36.14 1.15 -45.57
C SER B 75 35.19 0.18 -44.90
N LYS B 76 34.23 0.72 -44.15
CA LYS B 76 33.25 -0.12 -43.46
C LYS B 76 31.91 -0.06 -44.18
N ASN B 77 31.92 0.55 -45.37
CA ASN B 77 30.72 0.71 -46.19
C ASN B 77 29.54 1.31 -45.40
N GLN B 78 29.80 2.38 -44.65
CA GLN B 78 28.77 3.05 -43.87
C GLN B 78 28.75 4.56 -44.13
N PHE B 79 27.59 5.19 -43.93
CA PHE B 79 27.55 6.64 -44.03
C PHE B 79 26.92 7.13 -42.73
N PHE B 80 27.05 8.43 -42.45
CA PHE B 80 26.55 8.94 -41.20
C PHE B 80 25.79 10.24 -41.24
N LEU B 81 25.20 10.57 -40.10
CA LEU B 81 24.46 11.81 -39.94
C LEU B 81 24.97 12.47 -38.68
N GLN B 82 25.16 13.78 -38.73
CA GLN B 82 25.58 14.55 -37.56
C GLN B 82 24.62 15.73 -37.52
N LEU B 83 23.87 15.85 -36.43
CA LEU B 83 22.93 16.93 -36.29
C LEU B 83 23.23 17.65 -35.00
N ASN B 84 23.71 18.90 -35.12
CA ASN B 84 24.05 19.69 -33.95
C ASN B 84 22.89 20.49 -33.37
N SER B 85 23.04 20.86 -32.10
CA SER B 85 22.06 21.67 -31.38
C SER B 85 20.65 21.15 -31.57
N VAL B 86 20.40 19.90 -31.16
CA VAL B 86 19.07 19.34 -31.29
C VAL B 86 18.17 19.91 -30.21
N THR B 87 16.87 19.90 -30.46
CA THR B 87 15.89 20.38 -29.50
C THR B 87 14.79 19.34 -29.54
N THR B 88 13.83 19.43 -28.63
CA THR B 88 12.76 18.43 -28.61
C THR B 88 12.05 18.30 -29.96
N GLU B 89 12.11 19.33 -30.79
CA GLU B 89 11.46 19.28 -32.11
C GLU B 89 12.12 18.24 -33.00
N ASP B 90 13.38 17.92 -32.73
CA ASP B 90 14.11 16.95 -33.52
C ASP B 90 13.69 15.50 -33.23
N THR B 91 12.80 15.30 -32.25
CA THR B 91 12.34 13.95 -31.92
C THR B 91 11.59 13.36 -33.10
N ALA B 92 12.07 12.23 -33.59
CA ALA B 92 11.44 11.57 -34.73
C ALA B 92 12.10 10.23 -35.01
N THR B 93 11.63 9.56 -36.06
CA THR B 93 12.18 8.27 -36.47
C THR B 93 13.10 8.56 -37.66
N TYR B 94 14.38 8.25 -37.51
CA TYR B 94 15.36 8.48 -38.56
C TYR B 94 15.62 7.26 -39.43
N TYR B 95 15.52 7.46 -40.73
CA TYR B 95 15.73 6.41 -41.71
C TYR B 95 16.88 6.74 -42.64
N CYS B 96 17.51 5.71 -43.17
CA CYS B 96 18.52 5.90 -44.18
C CYS B 96 17.92 5.19 -45.38
N ALA B 97 18.16 5.73 -46.56
CA ALA B 97 17.61 5.13 -47.77
C ALA B 97 18.48 5.42 -48.98
N GLY B 98 18.63 4.40 -49.80
CA GLY B 98 19.40 4.55 -51.01
C GLY B 98 18.52 4.47 -52.22
N LEU B 99 18.69 5.45 -53.12
CA LEU B 99 17.94 5.46 -54.37
C LEU B 99 18.97 5.66 -55.47
N LEU B 100 18.72 5.08 -56.64
CA LEU B 100 19.66 5.22 -57.75
C LEU B 100 19.77 6.67 -58.17
N TRP B 101 21.00 7.15 -58.22
CA TRP B 101 21.25 8.53 -58.62
C TRP B 101 20.58 8.92 -59.93
N TYR B 102 20.75 8.09 -60.96
CA TYR B 102 20.21 8.37 -62.28
C TYR B 102 18.71 8.54 -62.44
N ASP B 103 17.92 7.58 -61.97
CA ASP B 103 16.48 7.67 -62.14
C ASP B 103 15.64 7.65 -60.86
N GLY B 104 16.26 7.36 -59.73
CA GLY B 104 15.53 7.33 -58.48
C GLY B 104 14.86 6.01 -58.14
N GLY B 105 15.18 4.96 -58.88
CA GLY B 105 14.59 3.65 -58.62
C GLY B 105 15.39 2.75 -57.70
N ALA B 106 14.90 1.51 -57.51
CA ALA B 106 15.53 0.51 -56.63
C ALA B 106 15.78 1.06 -55.23
N GLY B 107 14.88 1.91 -54.74
CA GLY B 107 15.05 2.50 -53.43
C GLY B 107 14.88 1.51 -52.30
N SER B 108 15.78 1.56 -51.32
CA SER B 108 15.75 0.68 -50.15
C SER B 108 15.98 1.48 -48.85
N TRP B 109 15.09 1.28 -47.88
CA TRP B 109 15.17 1.95 -46.58
C TRP B 109 15.55 1.00 -45.46
N GLY B 110 16.15 1.54 -44.42
CA GLY B 110 16.50 0.73 -43.26
C GLY B 110 15.25 0.61 -42.42
N GLN B 111 15.37 0.04 -41.24
CA GLN B 111 14.20 -0.15 -40.40
C GLN B 111 13.81 1.11 -39.66
N GLY B 112 14.79 1.99 -39.44
CA GLY B 112 14.51 3.22 -38.73
C GLY B 112 14.92 3.11 -37.28
N THR B 113 15.26 4.23 -36.68
CA THR B 113 15.67 4.24 -35.28
C THR B 113 15.03 5.43 -34.59
N LEU B 114 14.30 5.16 -33.53
CA LEU B 114 13.63 6.23 -32.80
C LEU B 114 14.62 7.10 -32.05
N VAL B 115 14.43 8.41 -32.15
CA VAL B 115 15.29 9.38 -31.48
C VAL B 115 14.44 10.34 -30.67
N THR B 116 14.70 10.39 -29.37
CA THR B 116 13.97 11.25 -28.45
C THR B 116 14.86 12.34 -27.87
N VAL B 117 14.40 13.59 -27.95
CA VAL B 117 15.12 14.72 -27.39
C VAL B 117 14.34 15.18 -26.17
N SER B 118 14.84 14.79 -25.00
CA SER B 118 14.18 15.12 -23.75
C SER B 118 15.18 15.21 -22.60
N ALA B 119 14.77 15.89 -21.54
CA ALA B 119 15.61 16.03 -20.36
C ALA B 119 15.33 14.86 -19.45
N ALA B 120 14.14 14.27 -19.58
CA ALA B 120 13.73 13.13 -18.75
C ALA B 120 14.82 12.08 -18.69
N LYS B 121 14.95 11.41 -17.54
CA LYS B 121 15.98 10.40 -17.38
C LYS B 121 15.52 9.00 -17.76
N THR B 122 16.48 8.23 -18.24
CA THR B 122 16.24 6.86 -18.64
C THR B 122 15.74 6.05 -17.45
N THR B 123 14.63 5.35 -17.64
CA THR B 123 14.08 4.52 -16.57
C THR B 123 13.76 3.12 -17.10
N ALA B 124 14.30 2.09 -16.44
CA ALA B 124 14.02 0.73 -16.87
C ALA B 124 12.54 0.46 -16.66
N PRO B 125 11.97 -0.51 -17.39
CA PRO B 125 10.55 -0.85 -17.26
C PRO B 125 10.25 -1.93 -16.22
N SER B 126 8.99 -2.03 -15.85
CA SER B 126 8.53 -3.06 -14.92
C SER B 126 7.68 -4.00 -15.78
N VAL B 127 7.85 -5.30 -15.58
CA VAL B 127 7.08 -6.25 -16.37
C VAL B 127 6.24 -7.16 -15.50
N TYR B 128 4.93 -6.98 -15.57
CA TYR B 128 4.00 -7.76 -14.77
C TYR B 128 3.29 -8.76 -15.67
N PRO B 129 3.16 -10.02 -15.23
CA PRO B 129 2.49 -11.05 -16.03
C PRO B 129 0.98 -10.99 -15.87
N LEU B 130 0.27 -11.33 -16.94
CA LEU B 130 -1.20 -11.30 -16.91
C LEU B 130 -1.80 -12.66 -17.18
N ALA B 131 -2.17 -13.35 -16.11
CA ALA B 131 -2.78 -14.68 -16.22
C ALA B 131 -4.28 -14.49 -16.16
N PRO B 132 -5.03 -15.38 -16.81
CA PRO B 132 -6.49 -15.27 -16.82
C PRO B 132 -7.14 -15.46 -15.46
N VAL B 133 -8.24 -16.19 -15.47
CA VAL B 133 -9.00 -16.53 -14.28
C VAL B 133 -9.26 -18.03 -14.42
N CYS B 134 -10.44 -18.50 -13.99
CA CYS B 134 -10.78 -19.93 -14.11
C CYS B 134 -12.03 -20.08 -14.99
N GLY B 135 -12.59 -18.94 -15.40
CA GLY B 135 -13.77 -18.95 -16.24
C GLY B 135 -13.40 -18.97 -17.70
N ASP B 136 -12.16 -18.57 -18.02
CA ASP B 136 -11.69 -18.57 -19.39
C ASP B 136 -10.65 -19.67 -19.61
N THR B 137 -10.26 -20.37 -18.54
CA THR B 137 -9.31 -21.49 -18.64
C THR B 137 -10.17 -22.74 -18.83
N THR B 138 -11.44 -22.51 -19.18
CA THR B 138 -12.41 -23.56 -19.44
C THR B 138 -13.29 -23.05 -20.59
N GLY B 139 -12.83 -23.30 -21.81
CA GLY B 139 -13.55 -22.87 -22.99
C GLY B 139 -12.78 -23.05 -24.28
N SER B 140 -13.24 -22.37 -25.33
CA SER B 140 -12.63 -22.43 -26.65
C SER B 140 -11.11 -22.26 -26.64
N SER B 141 -10.65 -21.02 -26.47
CA SER B 141 -9.23 -20.72 -26.43
C SER B 141 -8.88 -19.95 -25.18
N VAL B 142 -7.62 -19.53 -25.07
CA VAL B 142 -7.18 -18.77 -23.90
C VAL B 142 -6.28 -17.61 -24.28
N THR B 143 -6.45 -16.48 -23.59
CA THR B 143 -5.64 -15.33 -23.85
C THR B 143 -4.82 -14.98 -22.63
N LEU B 144 -3.52 -14.86 -22.83
CA LEU B 144 -2.57 -14.52 -21.78
C LEU B 144 -2.04 -13.14 -22.10
N GLY B 145 -1.52 -12.43 -21.10
CA GLY B 145 -1.00 -11.10 -21.35
C GLY B 145 0.31 -10.75 -20.68
N CYS B 146 0.79 -9.54 -20.96
CA CYS B 146 2.04 -9.06 -20.40
C CYS B 146 1.99 -7.53 -20.31
N LEU B 147 2.18 -7.01 -19.12
CA LEU B 147 2.12 -5.56 -18.89
C LEU B 147 3.51 -4.97 -18.64
N VAL B 148 3.87 -3.97 -19.43
CA VAL B 148 5.17 -3.31 -19.30
C VAL B 148 4.88 -1.86 -18.91
N LYS B 149 5.17 -1.52 -17.67
CA LYS B 149 4.84 -0.17 -17.20
C LYS B 149 6.01 0.71 -16.75
N GLY B 150 5.80 2.02 -16.90
CA GLY B 150 6.76 3.02 -16.48
C GLY B 150 8.21 2.97 -16.93
N TYR B 151 8.46 3.19 -18.22
CA TYR B 151 9.82 3.21 -18.71
C TYR B 151 10.04 4.43 -19.60
N PHE B 152 11.30 4.72 -19.90
CA PHE B 152 11.66 5.86 -20.74
C PHE B 152 13.13 5.77 -21.11
N PRO B 153 13.46 6.06 -22.37
CA PRO B 153 12.57 6.45 -23.46
C PRO B 153 12.14 5.22 -24.26
N GLU B 154 11.40 5.46 -25.34
CA GLU B 154 10.96 4.39 -26.22
C GLU B 154 12.20 3.95 -27.00
N PRO B 155 12.21 2.72 -27.52
CA PRO B 155 11.13 1.75 -27.38
C PRO B 155 11.56 0.58 -26.54
N VAL B 156 10.72 -0.45 -26.57
CA VAL B 156 10.98 -1.70 -25.88
C VAL B 156 10.58 -2.70 -26.95
N THR B 157 11.32 -3.80 -27.08
CA THR B 157 10.92 -4.81 -28.06
C THR B 157 10.42 -5.95 -27.20
N LEU B 158 9.22 -6.44 -27.51
CA LEU B 158 8.59 -7.51 -26.73
C LEU B 158 8.34 -8.76 -27.56
N THR B 159 8.67 -9.91 -26.99
CA THR B 159 8.48 -11.19 -27.69
C THR B 159 7.94 -12.25 -26.74
N TRP B 160 7.38 -13.31 -27.32
CA TRP B 160 6.86 -14.43 -26.52
C TRP B 160 7.72 -15.65 -26.82
N ASN B 161 8.21 -16.29 -25.76
CA ASN B 161 9.08 -17.46 -25.89
C ASN B 161 10.26 -17.12 -26.78
N SER B 162 10.89 -15.99 -26.46
CA SER B 162 12.06 -15.51 -27.18
C SER B 162 11.89 -15.37 -28.69
N GLY B 163 10.64 -15.37 -29.15
CA GLY B 163 10.39 -15.20 -30.58
C GLY B 163 9.86 -16.39 -31.34
N SER B 164 9.67 -17.51 -30.67
CA SER B 164 9.16 -18.70 -31.34
C SER B 164 7.63 -18.68 -31.44
N LEU B 165 6.99 -17.94 -30.53
CA LEU B 165 5.53 -17.80 -30.52
C LEU B 165 5.21 -16.44 -31.15
N SER B 166 4.93 -16.47 -32.45
CA SER B 166 4.64 -15.26 -33.23
C SER B 166 3.18 -15.03 -33.57
N SER B 167 2.44 -16.10 -33.85
CA SER B 167 1.04 -15.98 -34.20
C SER B 167 0.14 -15.70 -32.99
N GLY B 168 -1.04 -15.14 -33.28
CA GLY B 168 -1.99 -14.83 -32.24
C GLY B 168 -1.42 -13.84 -31.25
N VAL B 169 -0.55 -12.95 -31.72
CA VAL B 169 0.06 -11.98 -30.86
C VAL B 169 -0.34 -10.55 -31.21
N HIS B 170 -0.54 -9.74 -30.18
CA HIS B 170 -0.90 -8.34 -30.38
C HIS B 170 -0.13 -7.49 -29.39
N THR B 171 0.73 -6.61 -29.89
CA THR B 171 1.50 -5.74 -29.02
C THR B 171 0.99 -4.32 -29.31
N PHE B 172 0.35 -3.72 -28.32
CA PHE B 172 -0.23 -2.40 -28.48
C PHE B 172 0.73 -1.24 -28.35
N PRO B 173 0.50 -0.17 -29.12
CA PRO B 173 1.37 1.01 -29.07
C PRO B 173 1.44 1.53 -27.64
N ALA B 174 2.60 1.99 -27.22
CA ALA B 174 2.76 2.50 -25.87
C ALA B 174 2.06 3.85 -25.67
N VAL B 175 1.63 4.11 -24.43
CA VAL B 175 0.97 5.37 -24.09
C VAL B 175 1.81 6.09 -23.03
N LEU B 176 2.10 7.37 -23.28
CA LEU B 176 2.90 8.17 -22.36
C LEU B 176 2.06 8.72 -21.21
N GLN B 177 2.44 8.33 -19.99
CA GLN B 177 1.79 8.75 -18.74
C GLN B 177 2.86 9.10 -17.69
N SER B 178 2.74 10.26 -17.06
CA SER B 178 3.72 10.63 -16.04
C SER B 178 5.14 10.58 -16.61
N ASP B 179 5.25 10.93 -17.88
CA ASP B 179 6.56 10.90 -18.55
C ASP B 179 7.13 9.49 -18.53
N LEU B 180 6.24 8.51 -18.40
CA LEU B 180 6.62 7.09 -18.40
C LEU B 180 5.67 6.33 -19.31
N TYR B 181 6.23 5.46 -20.14
CA TYR B 181 5.43 4.68 -21.08
C TYR B 181 4.84 3.42 -20.49
N THR B 182 3.68 3.04 -21.00
CA THR B 182 3.01 1.82 -20.59
C THR B 182 2.63 1.15 -21.89
N LEU B 183 2.84 -0.15 -21.95
CA LEU B 183 2.52 -0.93 -23.13
C LEU B 183 2.08 -2.33 -22.72
N SER B 184 1.08 -2.86 -23.40
CA SER B 184 0.60 -4.19 -23.08
C SER B 184 0.69 -5.06 -24.31
N SER B 185 0.65 -6.37 -24.10
CA SER B 185 0.71 -7.32 -25.20
C SER B 185 -0.03 -8.59 -24.81
N SER B 186 -0.82 -9.13 -25.74
CA SER B 186 -1.54 -10.36 -25.48
C SER B 186 -1.18 -11.40 -26.53
N VAL B 187 -1.26 -12.66 -26.13
CA VAL B 187 -0.97 -13.77 -27.03
C VAL B 187 -2.10 -14.76 -26.85
N THR B 188 -2.51 -15.39 -27.94
CA THR B 188 -3.59 -16.36 -27.87
C THR B 188 -3.17 -17.73 -28.41
N VAL B 189 -3.49 -18.77 -27.65
CA VAL B 189 -3.16 -20.15 -28.02
C VAL B 189 -4.35 -21.04 -27.70
N THR B 190 -4.27 -22.32 -28.08
CA THR B 190 -5.35 -23.25 -27.80
C THR B 190 -5.56 -23.41 -26.30
N SER B 191 -6.82 -23.40 -25.89
CA SER B 191 -7.20 -23.55 -24.49
C SER B 191 -6.67 -24.83 -23.86
N SER B 192 -5.99 -25.65 -24.65
CA SER B 192 -5.46 -26.91 -24.14
C SER B 192 -3.94 -27.04 -24.23
N THR B 193 -3.26 -25.95 -24.57
CA THR B 193 -1.80 -25.97 -24.68
C THR B 193 -1.16 -25.35 -23.45
N TRP B 194 -1.91 -24.46 -22.80
CA TRP B 194 -1.45 -23.78 -21.60
C TRP B 194 -2.33 -24.22 -20.44
N PRO B 195 -1.75 -24.38 -19.25
CA PRO B 195 -0.34 -24.20 -18.88
C PRO B 195 0.58 -25.40 -19.11
N SER B 196 0.15 -26.37 -19.90
CA SER B 196 0.99 -27.54 -20.15
C SER B 196 2.35 -27.06 -20.64
N GLN B 197 2.33 -26.04 -21.48
CA GLN B 197 3.56 -25.51 -22.06
C GLN B 197 3.76 -24.05 -21.66
N SER B 198 4.83 -23.81 -20.93
CA SER B 198 5.15 -22.48 -20.45
C SER B 198 5.15 -21.43 -21.55
N ILE B 199 4.67 -20.25 -21.18
CA ILE B 199 4.61 -19.12 -22.07
C ILE B 199 5.33 -18.01 -21.34
N THR B 200 6.34 -17.43 -21.99
CA THR B 200 7.12 -16.39 -21.36
C THR B 200 7.15 -15.09 -22.11
N CYS B 201 7.09 -14.00 -21.37
CA CYS B 201 7.13 -12.68 -21.95
C CYS B 201 8.57 -12.18 -21.85
N ASN B 202 9.17 -11.85 -23.00
CA ASN B 202 10.54 -11.34 -23.02
C ASN B 202 10.52 -9.87 -23.37
N VAL B 203 10.96 -9.04 -22.43
CA VAL B 203 10.97 -7.61 -22.62
C VAL B 203 12.38 -7.04 -22.64
N ALA B 204 12.68 -6.28 -23.69
CA ALA B 204 13.98 -5.66 -23.82
C ALA B 204 13.85 -4.14 -23.91
N HIS B 205 14.73 -3.44 -23.23
CA HIS B 205 14.70 -1.99 -23.23
C HIS B 205 16.12 -1.50 -23.38
N PRO B 206 16.56 -1.25 -24.61
CA PRO B 206 17.92 -0.77 -24.90
C PRO B 206 18.40 0.41 -24.04
N ALA B 207 17.74 1.55 -24.16
CA ALA B 207 18.11 2.75 -23.43
C ALA B 207 18.68 2.49 -22.03
N SER B 208 18.19 1.45 -21.36
CA SER B 208 18.69 1.12 -20.02
C SER B 208 19.38 -0.25 -19.92
N SER B 209 19.64 -0.87 -21.06
CA SER B 209 20.29 -2.17 -21.12
C SER B 209 19.54 -3.20 -20.26
N THR B 210 18.21 -3.18 -20.35
CA THR B 210 17.39 -4.09 -19.59
C THR B 210 16.85 -5.23 -20.45
N LYS B 211 16.80 -6.42 -19.86
CA LYS B 211 16.29 -7.60 -20.53
C LYS B 211 15.72 -8.48 -19.43
N VAL B 212 14.40 -8.57 -19.38
CA VAL B 212 13.75 -9.38 -18.36
C VAL B 212 12.70 -10.30 -18.94
N ASP B 213 12.60 -11.49 -18.38
CA ASP B 213 11.61 -12.47 -18.82
C ASP B 213 10.53 -12.52 -17.77
N LYS B 214 9.33 -12.89 -18.19
CA LYS B 214 8.19 -13.00 -17.28
C LYS B 214 7.34 -14.17 -17.73
N LYS B 215 7.44 -15.28 -17.00
CA LYS B 215 6.69 -16.48 -17.31
C LYS B 215 5.23 -16.28 -16.89
N ILE B 216 4.29 -16.77 -17.69
CA ILE B 216 2.89 -16.63 -17.36
C ILE B 216 2.42 -17.87 -16.59
N GLU B 217 2.30 -17.74 -15.28
CA GLU B 217 1.86 -18.84 -14.44
C GLU B 217 0.41 -18.68 -14.00
N PRO B 218 -0.32 -19.80 -13.86
CA PRO B 218 -1.73 -19.77 -13.45
C PRO B 218 -1.98 -19.19 -12.06
N ARG B 219 -3.07 -18.43 -11.92
CA ARG B 219 -3.42 -17.83 -10.65
C ARG B 219 -3.92 -18.87 -9.67
N GLY B 220 -3.86 -18.57 -8.38
CA GLY B 220 -4.32 -19.49 -7.36
C GLY B 220 -3.49 -20.77 -7.32
N PRO B 221 -4.14 -21.96 -7.31
CA PRO B 221 -3.41 -23.22 -7.28
C PRO B 221 -2.45 -23.34 -8.46
N THR B 222 -1.23 -23.80 -8.19
CA THR B 222 -0.21 -23.95 -9.23
C THR B 222 0.52 -25.30 -9.23
N ASP C 1 -31.39 -23.49 -66.98
CA ASP C 1 -31.18 -22.33 -67.89
C ASP C 1 -29.79 -21.72 -67.68
N VAL C 2 -29.43 -20.74 -68.50
CA VAL C 2 -28.15 -20.09 -68.34
C VAL C 2 -28.28 -19.34 -67.04
N VAL C 3 -27.40 -19.64 -66.10
CA VAL C 3 -27.43 -18.97 -64.82
C VAL C 3 -26.40 -17.86 -64.86
N MET C 4 -26.76 -16.70 -64.30
CA MET C 4 -25.87 -15.56 -64.23
C MET C 4 -25.49 -15.36 -62.76
N THR C 5 -24.20 -15.51 -62.43
CA THR C 5 -23.74 -15.35 -61.07
C THR C 5 -22.98 -14.04 -60.89
N GLN C 6 -23.53 -13.15 -60.05
CA GLN C 6 -22.92 -11.85 -59.80
C GLN C 6 -22.18 -11.77 -58.47
N SER C 7 -21.10 -11.00 -58.46
CA SER C 7 -20.29 -10.81 -57.27
C SER C 7 -19.55 -9.46 -57.36
N PRO C 8 -19.33 -8.81 -56.20
CA PRO C 8 -19.74 -9.29 -54.88
C PRO C 8 -21.24 -9.07 -54.72
N LYS C 9 -21.81 -9.50 -53.59
CA LYS C 9 -23.25 -9.35 -53.34
C LYS C 9 -23.56 -7.88 -53.06
N THR C 10 -22.68 -7.23 -52.29
CA THR C 10 -22.82 -5.82 -51.95
C THR C 10 -21.44 -5.21 -52.09
N ILE C 11 -21.36 -3.90 -52.02
CA ILE C 11 -20.09 -3.24 -52.15
C ILE C 11 -20.14 -1.78 -51.78
N SER C 12 -19.15 -1.37 -51.00
CA SER C 12 -19.04 0.00 -50.51
C SER C 12 -17.88 0.72 -51.19
N VAL C 13 -18.14 1.94 -51.65
CA VAL C 13 -17.13 2.73 -52.34
C VAL C 13 -17.19 4.20 -52.01
N THR C 14 -16.02 4.80 -51.85
CA THR C 14 -15.89 6.22 -51.56
C THR C 14 -16.15 7.01 -52.84
N ILE C 15 -16.75 8.18 -52.72
CA ILE C 15 -17.03 8.99 -53.90
C ILE C 15 -15.74 9.48 -54.54
N GLY C 16 -15.66 9.37 -55.86
CA GLY C 16 -14.47 9.79 -56.59
C GLY C 16 -13.51 8.62 -56.76
N GLN C 17 -13.98 7.44 -56.37
CA GLN C 17 -13.19 6.22 -56.48
C GLN C 17 -13.73 5.28 -57.54
N PRO C 18 -12.90 4.37 -58.05
CA PRO C 18 -13.36 3.44 -59.08
C PRO C 18 -13.97 2.21 -58.43
N ALA C 19 -14.80 1.50 -59.19
CA ALA C 19 -15.44 0.30 -58.71
C ALA C 19 -15.39 -0.71 -59.84
N SER C 20 -15.62 -1.99 -59.51
CA SER C 20 -15.57 -3.04 -60.51
C SER C 20 -16.36 -4.26 -60.04
N ILE C 21 -17.36 -4.64 -60.83
CA ILE C 21 -18.19 -5.80 -60.48
C ILE C 21 -18.14 -6.90 -61.53
N SER C 22 -18.42 -8.12 -61.09
CA SER C 22 -18.37 -9.29 -61.94
C SER C 22 -19.72 -9.98 -62.20
N CYS C 23 -19.82 -10.58 -63.38
CA CYS C 23 -21.00 -11.34 -63.78
C CYS C 23 -20.45 -12.52 -64.58
N LYS C 24 -20.72 -13.73 -64.11
CA LYS C 24 -20.26 -14.94 -64.77
C LYS C 24 -21.43 -15.81 -65.25
N SER C 25 -21.40 -16.22 -66.51
CA SER C 25 -22.48 -17.06 -67.02
C SER C 25 -22.04 -18.50 -67.15
N SER C 26 -22.96 -19.41 -66.85
CA SER C 26 -22.73 -20.85 -66.90
C SER C 26 -22.62 -21.38 -68.32
N GLN C 27 -22.74 -20.48 -69.30
CA GLN C 27 -22.68 -20.85 -70.71
C GLN C 27 -22.18 -19.67 -71.54
N ARG C 28 -21.41 -19.94 -72.60
CA ARG C 28 -20.89 -18.87 -73.45
C ARG C 28 -22.03 -18.01 -73.94
N LEU C 29 -21.80 -16.70 -74.08
CA LEU C 29 -22.84 -15.80 -74.52
C LEU C 29 -22.66 -15.25 -75.93
N LEU C 30 -21.60 -15.66 -76.60
CA LEU C 30 -21.36 -15.19 -77.97
C LEU C 30 -22.15 -16.14 -78.86
N ASN C 31 -22.93 -15.61 -79.79
CA ASN C 31 -23.75 -16.44 -80.67
C ASN C 31 -23.11 -16.58 -82.05
N SER C 32 -23.80 -17.29 -82.95
CA SER C 32 -23.29 -17.53 -84.30
C SER C 32 -23.14 -16.29 -85.19
N ASN C 33 -23.70 -15.16 -84.77
CA ASN C 33 -23.59 -13.94 -85.56
C ASN C 33 -22.52 -12.97 -85.04
N GLY C 34 -21.63 -13.48 -84.20
CA GLY C 34 -20.56 -12.65 -83.66
C GLY C 34 -20.99 -11.68 -82.58
N LYS C 35 -22.28 -11.67 -82.25
CA LYS C 35 -22.80 -10.77 -81.23
C LYS C 35 -22.91 -11.43 -79.85
N THR C 36 -22.77 -10.60 -78.81
CA THR C 36 -22.86 -11.07 -77.42
C THR C 36 -23.96 -10.28 -76.73
N PHE C 37 -25.17 -10.84 -76.71
CA PHE C 37 -26.29 -10.15 -76.07
C PHE C 37 -26.20 -10.18 -74.55
N LEU C 38 -25.43 -9.24 -74.02
CA LEU C 38 -25.22 -9.14 -72.58
C LEU C 38 -25.36 -7.66 -72.18
N ASN C 39 -26.30 -7.37 -71.29
CA ASN C 39 -26.52 -5.98 -70.85
C ASN C 39 -26.30 -5.79 -69.36
N TRP C 40 -25.88 -4.57 -68.99
CA TRP C 40 -25.67 -4.20 -67.59
C TRP C 40 -26.69 -3.12 -67.28
N LEU C 41 -27.32 -3.22 -66.11
CA LEU C 41 -28.33 -2.25 -65.70
C LEU C 41 -28.11 -1.75 -64.27
N LEU C 42 -28.59 -0.54 -64.02
CA LEU C 42 -28.51 0.07 -62.70
C LEU C 42 -29.92 0.42 -62.26
N GLN C 43 -30.31 -0.06 -61.09
CA GLN C 43 -31.62 0.24 -60.54
C GLN C 43 -31.40 1.07 -59.29
N ARG C 44 -31.56 2.39 -59.43
CA ARG C 44 -31.39 3.27 -58.29
C ARG C 44 -32.59 3.04 -57.36
N PRO C 45 -32.46 3.43 -56.09
CA PRO C 45 -33.55 3.24 -55.13
C PRO C 45 -34.86 3.88 -55.58
N GLY C 46 -35.91 3.08 -55.65
CA GLY C 46 -37.22 3.59 -56.04
C GLY C 46 -37.44 3.73 -57.52
N GLN C 47 -36.41 3.48 -58.33
CA GLN C 47 -36.58 3.60 -59.76
C GLN C 47 -36.62 2.23 -60.39
N SER C 48 -36.78 2.20 -61.70
CA SER C 48 -36.83 0.93 -62.42
C SER C 48 -35.43 0.77 -62.99
N PRO C 49 -35.05 -0.47 -63.36
CA PRO C 49 -33.71 -0.69 -63.92
C PRO C 49 -33.50 0.21 -65.15
N LYS C 50 -32.30 0.77 -65.28
CA LYS C 50 -32.01 1.61 -66.43
C LYS C 50 -30.76 1.12 -67.15
N ARG C 51 -30.70 1.37 -68.46
CA ARG C 51 -29.59 0.92 -69.30
C ARG C 51 -28.21 1.51 -68.99
N LEU C 52 -27.18 0.73 -69.31
CA LEU C 52 -25.79 1.14 -69.12
C LEU C 52 -24.92 0.60 -70.25
N ILE C 53 -24.88 -0.71 -70.35
CA ILE C 53 -24.05 -1.38 -71.35
C ILE C 53 -24.86 -2.37 -72.17
N TYR C 54 -24.59 -2.44 -73.47
CA TYR C 54 -25.28 -3.41 -74.32
C TYR C 54 -24.23 -4.09 -75.20
N LEU C 55 -24.59 -5.23 -75.77
CA LEU C 55 -23.67 -5.97 -76.60
C LEU C 55 -22.42 -6.30 -75.82
N GLY C 56 -22.58 -6.55 -74.54
CA GLY C 56 -21.45 -6.92 -73.70
C GLY C 56 -20.39 -5.88 -73.39
N THR C 57 -19.98 -5.08 -74.38
CA THR C 57 -18.95 -4.08 -74.13
C THR C 57 -19.26 -2.72 -74.73
N LYS C 58 -20.51 -2.47 -75.07
CA LYS C 58 -20.85 -1.19 -75.69
C LYS C 58 -21.62 -0.21 -74.83
N LEU C 59 -21.12 1.02 -74.75
CA LEU C 59 -21.74 2.06 -73.95
C LEU C 59 -23.13 2.34 -74.54
N ASP C 60 -24.17 2.20 -73.73
CA ASP C 60 -25.53 2.39 -74.22
C ASP C 60 -25.91 3.85 -74.39
N SER C 61 -27.05 4.03 -75.07
CA SER C 61 -27.59 5.34 -75.38
C SER C 61 -27.65 6.34 -74.22
N GLY C 62 -26.95 7.47 -74.40
CA GLY C 62 -26.93 8.53 -73.40
C GLY C 62 -26.33 8.22 -72.04
N VAL C 63 -25.54 7.16 -71.95
CA VAL C 63 -24.93 6.77 -70.68
C VAL C 63 -23.57 7.42 -70.47
N PRO C 64 -23.30 7.92 -69.25
CA PRO C 64 -22.00 8.57 -68.97
C PRO C 64 -20.85 7.61 -69.23
N ASP C 65 -19.85 8.09 -69.95
CA ASP C 65 -18.68 7.28 -70.29
C ASP C 65 -17.94 6.69 -69.09
N ARG C 66 -18.30 7.14 -67.89
CA ARG C 66 -17.68 6.65 -66.67
C ARG C 66 -17.89 5.15 -66.51
N PHE C 67 -18.91 4.63 -67.22
CA PHE C 67 -19.25 3.22 -67.19
C PHE C 67 -18.57 2.50 -68.35
N THR C 68 -18.01 1.33 -68.09
CA THR C 68 -17.34 0.57 -69.12
C THR C 68 -17.54 -0.91 -68.87
N GLY C 69 -18.01 -1.61 -69.89
CA GLY C 69 -18.22 -3.03 -69.77
C GLY C 69 -17.12 -3.74 -70.54
N SER C 70 -16.76 -4.95 -70.10
CA SER C 70 -15.72 -5.67 -70.79
C SER C 70 -15.85 -7.14 -70.50
N GLY C 71 -15.01 -7.93 -71.17
CA GLY C 71 -15.02 -9.36 -70.99
C GLY C 71 -15.66 -10.05 -72.17
N SER C 72 -15.52 -11.37 -72.20
CA SER C 72 -16.06 -12.19 -73.26
C SER C 72 -16.18 -13.61 -72.75
N GLY C 73 -16.78 -14.47 -73.55
CA GLY C 73 -16.94 -15.85 -73.15
C GLY C 73 -18.01 -16.01 -72.09
N THR C 74 -17.58 -16.10 -70.84
CA THR C 74 -18.50 -16.27 -69.72
C THR C 74 -18.23 -15.28 -68.60
N ASP C 75 -17.13 -14.56 -68.69
CA ASP C 75 -16.76 -13.58 -67.68
C ASP C 75 -16.95 -12.17 -68.16
N PHE C 76 -17.81 -11.43 -67.47
CA PHE C 76 -18.07 -10.05 -67.85
C PHE C 76 -17.84 -9.13 -66.68
N THR C 77 -17.31 -7.96 -66.96
CA THR C 77 -17.00 -7.00 -65.91
C THR C 77 -17.55 -5.62 -66.20
N LEU C 78 -18.07 -4.97 -65.17
CA LEU C 78 -18.58 -3.61 -65.28
C LEU C 78 -17.65 -2.75 -64.44
N LYS C 79 -17.24 -1.60 -64.97
CA LYS C 79 -16.36 -0.74 -64.21
C LYS C 79 -16.91 0.67 -64.22
N ILE C 80 -16.58 1.40 -63.18
CA ILE C 80 -17.00 2.79 -63.04
C ILE C 80 -15.70 3.54 -62.81
N SER C 81 -15.34 4.45 -63.71
CA SER C 81 -14.10 5.20 -63.55
C SER C 81 -14.06 5.91 -62.20
N ARG C 82 -15.09 6.69 -61.89
CA ARG C 82 -15.13 7.38 -60.60
C ARG C 82 -16.56 7.60 -60.12
N VAL C 83 -16.93 6.80 -59.12
CA VAL C 83 -18.25 6.82 -58.54
C VAL C 83 -18.77 8.19 -58.10
N GLU C 84 -20.06 8.40 -58.36
CA GLU C 84 -20.77 9.64 -57.99
C GLU C 84 -21.93 9.20 -57.13
N ALA C 85 -22.49 10.14 -56.38
CA ALA C 85 -23.60 9.83 -55.47
C ALA C 85 -24.77 9.08 -56.11
N GLU C 86 -25.15 9.49 -57.32
CA GLU C 86 -26.27 8.86 -58.01
C GLU C 86 -25.97 7.48 -58.63
N ASP C 87 -24.78 6.93 -58.38
CA ASP C 87 -24.45 5.63 -58.91
C ASP C 87 -24.90 4.51 -57.97
N LEU C 88 -25.39 4.88 -56.79
CA LEU C 88 -25.85 3.88 -55.82
C LEU C 88 -27.15 3.21 -56.27
N GLY C 89 -27.28 1.92 -55.93
CA GLY C 89 -28.45 1.15 -56.32
C GLY C 89 -27.99 -0.26 -56.61
N VAL C 90 -28.81 -1.09 -57.24
CA VAL C 90 -28.41 -2.46 -57.53
C VAL C 90 -28.12 -2.64 -59.01
N TYR C 91 -26.93 -3.18 -59.32
CA TYR C 91 -26.55 -3.41 -60.72
C TYR C 91 -26.90 -4.82 -61.10
N TYR C 92 -27.43 -4.99 -62.30
CA TYR C 92 -27.82 -6.30 -62.81
C TYR C 92 -27.21 -6.54 -64.17
N CYS C 93 -26.96 -7.80 -64.49
CA CYS C 93 -26.48 -8.14 -65.81
C CYS C 93 -27.62 -8.97 -66.38
N TRP C 94 -27.83 -8.86 -67.69
CA TRP C 94 -28.92 -9.57 -68.33
C TRP C 94 -28.42 -10.13 -69.66
N GLN C 95 -28.60 -11.44 -69.86
CA GLN C 95 -28.17 -12.07 -71.11
C GLN C 95 -29.34 -12.38 -72.03
N GLY C 96 -29.19 -12.04 -73.31
CA GLY C 96 -30.22 -12.29 -74.29
C GLY C 96 -29.72 -13.18 -75.40
N THR C 97 -28.75 -14.05 -75.10
CA THR C 97 -28.20 -14.94 -76.10
C THR C 97 -28.88 -16.30 -76.05
N HIS C 98 -29.24 -16.73 -74.84
CA HIS C 98 -29.87 -18.03 -74.64
C HIS C 98 -31.28 -18.00 -74.06
N PHE C 99 -32.22 -18.52 -74.81
CA PHE C 99 -33.61 -18.58 -74.37
C PHE C 99 -33.73 -19.68 -73.31
N PRO C 100 -34.37 -19.39 -72.17
CA PRO C 100 -34.99 -18.14 -71.74
C PRO C 100 -33.98 -17.15 -71.16
N TYR C 101 -34.18 -15.88 -71.46
CA TYR C 101 -33.26 -14.84 -71.01
C TYR C 101 -33.34 -14.67 -69.51
N THR C 102 -32.17 -14.61 -68.87
CA THR C 102 -32.08 -14.51 -67.41
C THR C 102 -31.18 -13.40 -66.88
N PHE C 103 -31.51 -12.93 -65.68
CA PHE C 103 -30.72 -11.87 -65.04
C PHE C 103 -29.80 -12.43 -63.97
N GLY C 104 -28.80 -11.65 -63.59
CA GLY C 104 -27.90 -12.07 -62.54
C GLY C 104 -28.60 -11.76 -61.21
N GLY C 105 -27.96 -12.07 -60.09
CA GLY C 105 -28.58 -11.81 -58.80
C GLY C 105 -28.48 -10.37 -58.36
N GLY C 106 -27.73 -9.58 -59.11
CA GLY C 106 -27.57 -8.17 -58.76
C GLY C 106 -26.44 -7.91 -57.78
N THR C 107 -25.88 -6.70 -57.83
CA THR C 107 -24.80 -6.30 -56.95
C THR C 107 -25.16 -4.91 -56.43
N LYS C 108 -25.19 -4.76 -55.10
CA LYS C 108 -25.54 -3.47 -54.49
C LYS C 108 -24.34 -2.59 -54.17
N LEU C 109 -24.31 -1.40 -54.74
CA LEU C 109 -23.23 -0.46 -54.51
C LEU C 109 -23.63 0.59 -53.49
N GLU C 110 -22.91 0.64 -52.38
CA GLU C 110 -23.19 1.62 -51.34
C GLU C 110 -22.16 2.71 -51.45
N ILE C 111 -22.64 3.94 -51.36
CA ILE C 111 -21.75 5.06 -51.45
C ILE C 111 -21.13 5.33 -50.09
N LYS C 112 -19.83 5.57 -50.08
CA LYS C 112 -19.11 5.87 -48.85
C LYS C 112 -18.94 7.37 -48.71
N ARG C 113 -19.39 7.90 -47.58
CA ARG C 113 -19.27 9.33 -47.33
C ARG C 113 -18.94 9.58 -45.87
N ALA C 114 -18.68 10.84 -45.53
CA ALA C 114 -18.33 11.22 -44.16
C ALA C 114 -19.47 10.87 -43.20
N ASP C 115 -19.13 10.59 -41.95
CA ASP C 115 -20.15 10.28 -40.96
C ASP C 115 -21.10 11.46 -40.80
N ALA C 116 -22.33 11.17 -40.41
CA ALA C 116 -23.33 12.21 -40.21
C ALA C 116 -24.30 11.76 -39.13
N ALA C 117 -24.41 12.57 -38.07
CA ALA C 117 -25.30 12.26 -36.96
C ALA C 117 -26.76 12.44 -37.39
N PRO C 118 -27.68 11.70 -36.74
CA PRO C 118 -29.09 11.83 -37.11
C PRO C 118 -29.80 13.00 -36.46
N THR C 119 -30.74 13.58 -37.20
CA THR C 119 -31.56 14.67 -36.69
C THR C 119 -32.80 13.92 -36.21
N VAL C 120 -32.92 13.79 -34.89
CA VAL C 120 -34.02 13.07 -34.29
C VAL C 120 -35.17 13.98 -33.86
N SER C 121 -36.39 13.49 -34.06
CA SER C 121 -37.59 14.21 -33.68
C SER C 121 -38.58 13.18 -33.15
N ILE C 122 -39.33 13.56 -32.13
CA ILE C 122 -40.32 12.63 -31.56
C ILE C 122 -41.72 13.25 -31.64
N PHE C 123 -42.73 12.42 -31.83
CA PHE C 123 -44.10 12.89 -31.96
C PHE C 123 -45.12 12.09 -31.16
N PRO C 124 -45.93 12.79 -30.36
CA PRO C 124 -46.95 12.14 -29.53
C PRO C 124 -48.11 11.74 -30.45
N PRO C 125 -49.00 10.85 -30.00
CA PRO C 125 -50.13 10.44 -30.83
C PRO C 125 -50.97 11.67 -31.20
N SER C 126 -51.80 11.55 -32.21
CA SER C 126 -52.64 12.66 -32.61
C SER C 126 -53.98 12.58 -31.89
N SER C 127 -54.61 13.74 -31.68
CA SER C 127 -55.91 13.78 -31.02
C SER C 127 -56.86 12.84 -31.75
N GLU C 128 -56.80 12.92 -33.08
CA GLU C 128 -57.66 12.11 -33.93
C GLU C 128 -57.47 10.62 -33.74
N GLN C 129 -56.21 10.17 -33.75
CA GLN C 129 -55.94 8.75 -33.56
C GLN C 129 -56.41 8.33 -32.18
N LEU C 130 -56.22 9.20 -31.21
CA LEU C 130 -56.64 8.87 -29.86
C LEU C 130 -58.13 8.56 -29.80
N THR C 131 -58.98 9.49 -30.26
CA THR C 131 -60.43 9.28 -30.21
C THR C 131 -60.85 8.00 -30.94
N SER C 132 -59.95 7.43 -31.73
CA SER C 132 -60.25 6.22 -32.46
C SER C 132 -59.93 4.96 -31.63
N GLY C 133 -59.29 5.16 -30.49
CA GLY C 133 -58.94 4.04 -29.63
C GLY C 133 -57.51 3.56 -29.83
N GLY C 134 -56.70 4.33 -30.55
CA GLY C 134 -55.33 3.94 -30.79
C GLY C 134 -54.33 4.96 -30.30
N ALA C 135 -53.06 4.56 -30.24
CA ALA C 135 -52.00 5.44 -29.77
C ALA C 135 -50.65 5.08 -30.39
N SER C 136 -50.11 5.98 -31.21
CA SER C 136 -48.82 5.75 -31.84
C SER C 136 -47.87 6.90 -31.57
N VAL C 137 -46.68 6.56 -31.08
CA VAL C 137 -45.64 7.54 -30.78
C VAL C 137 -44.60 7.35 -31.89
N VAL C 138 -44.49 8.34 -32.78
CA VAL C 138 -43.55 8.23 -33.88
C VAL C 138 -42.27 9.02 -33.67
N CYS C 139 -41.16 8.41 -34.04
CA CYS C 139 -39.86 9.05 -33.89
C CYS C 139 -39.07 8.95 -35.19
N PHE C 140 -38.52 10.08 -35.65
CA PHE C 140 -37.73 10.09 -36.88
C PHE C 140 -36.23 10.35 -36.66
N LEU C 141 -35.41 9.61 -37.41
CA LEU C 141 -33.96 9.76 -37.34
C LEU C 141 -33.52 9.99 -38.79
N ASN C 142 -33.40 11.24 -39.20
CA ASN C 142 -33.07 11.54 -40.59
C ASN C 142 -31.64 11.91 -40.99
N ASN C 143 -31.31 11.56 -42.23
CA ASN C 143 -30.02 11.86 -42.85
C ASN C 143 -28.78 11.54 -42.04
N PHE C 144 -28.55 10.26 -41.79
CA PHE C 144 -27.36 9.86 -41.05
C PHE C 144 -26.52 8.87 -41.83
N TYR C 145 -25.26 8.76 -41.44
CA TYR C 145 -24.34 7.82 -42.08
C TYR C 145 -23.26 7.46 -41.07
N PRO C 146 -22.89 6.18 -41.01
CA PRO C 146 -23.42 5.06 -41.79
C PRO C 146 -24.78 4.50 -41.35
N LYS C 147 -25.30 3.58 -42.16
CA LYS C 147 -26.60 2.95 -41.96
C LYS C 147 -26.84 2.37 -40.57
N ASP C 148 -25.79 1.86 -39.96
CA ASP C 148 -25.91 1.25 -38.64
C ASP C 148 -26.37 2.26 -37.59
N ILE C 149 -27.46 1.90 -36.91
CA ILE C 149 -28.01 2.77 -35.88
C ILE C 149 -28.97 1.94 -35.02
N ASN C 150 -28.98 2.20 -33.71
CA ASN C 150 -29.84 1.47 -32.78
C ASN C 150 -30.76 2.42 -32.00
N VAL C 151 -32.06 2.24 -32.15
CA VAL C 151 -33.02 3.07 -31.44
C VAL C 151 -33.68 2.27 -30.33
N LYS C 152 -33.84 2.89 -29.16
CA LYS C 152 -34.46 2.27 -28.00
C LYS C 152 -35.61 3.11 -27.44
N TRP C 153 -36.73 2.46 -27.09
CA TRP C 153 -37.88 3.15 -26.50
C TRP C 153 -37.99 2.96 -25.00
N LYS C 154 -38.33 4.03 -24.30
CA LYS C 154 -38.49 3.99 -22.86
C LYS C 154 -39.77 4.69 -22.40
N ILE C 155 -40.61 3.94 -21.69
CA ILE C 155 -41.87 4.46 -21.17
C ILE C 155 -41.65 4.64 -19.66
N ASP C 156 -41.51 5.89 -19.25
CA ASP C 156 -41.27 6.23 -17.84
C ASP C 156 -40.01 5.55 -17.32
N GLY C 157 -38.95 5.57 -18.14
CA GLY C 157 -37.69 4.97 -17.74
C GLY C 157 -37.48 3.51 -18.11
N SER C 158 -38.56 2.74 -18.21
CA SER C 158 -38.44 1.32 -18.56
C SER C 158 -38.42 1.09 -20.08
N GLU C 159 -37.49 0.24 -20.53
CA GLU C 159 -37.36 -0.05 -21.95
C GLU C 159 -38.57 -0.84 -22.47
N ARG C 160 -39.05 -0.47 -23.65
CA ARG C 160 -40.19 -1.12 -24.27
C ARG C 160 -39.80 -1.59 -25.66
N GLN C 161 -39.97 -2.89 -25.91
CA GLN C 161 -39.62 -3.47 -27.20
C GLN C 161 -40.83 -3.97 -27.99
N ASN C 162 -41.86 -4.45 -27.29
CA ASN C 162 -43.03 -4.96 -27.97
C ASN C 162 -43.92 -3.87 -28.53
N GLY C 163 -44.43 -4.08 -29.73
CA GLY C 163 -45.30 -3.10 -30.35
C GLY C 163 -44.53 -2.01 -31.09
N VAL C 164 -43.22 -2.20 -31.24
CA VAL C 164 -42.37 -1.25 -31.94
C VAL C 164 -42.14 -1.71 -33.37
N LEU C 165 -42.25 -0.78 -34.31
CA LEU C 165 -42.06 -1.08 -35.73
C LEU C 165 -41.13 -0.05 -36.36
N ASN C 166 -40.13 -0.54 -37.08
CA ASN C 166 -39.14 0.32 -37.72
C ASN C 166 -39.14 0.21 -39.25
N SER C 167 -38.69 1.28 -39.92
CA SER C 167 -38.63 1.29 -41.38
C SER C 167 -37.51 2.23 -41.81
N TRP C 168 -36.63 1.72 -42.67
CA TRP C 168 -35.51 2.50 -43.17
C TRP C 168 -35.66 2.81 -44.66
N THR C 169 -35.13 3.95 -45.06
CA THR C 169 -35.16 4.37 -46.46
C THR C 169 -33.84 3.90 -47.04
N ASP C 170 -33.80 3.62 -48.34
CA ASP C 170 -32.55 3.20 -48.98
C ASP C 170 -31.64 4.41 -48.92
N GLN C 171 -30.36 4.20 -49.23
CA GLN C 171 -29.44 5.33 -49.22
C GLN C 171 -29.96 6.42 -50.16
N ASP C 172 -29.87 7.67 -49.73
CA ASP C 172 -30.34 8.78 -50.55
C ASP C 172 -29.40 8.98 -51.74
N SER C 173 -29.95 9.08 -52.94
CA SER C 173 -29.13 9.24 -54.12
C SER C 173 -28.53 10.65 -54.32
N LYS C 174 -28.82 11.56 -53.40
CA LYS C 174 -28.27 12.90 -53.51
C LYS C 174 -27.19 13.19 -52.46
N ASP C 175 -27.49 12.96 -51.19
CA ASP C 175 -26.52 13.19 -50.12
C ASP C 175 -25.90 11.91 -49.56
N SER C 176 -26.37 10.77 -50.03
CA SER C 176 -25.84 9.48 -49.60
C SER C 176 -26.09 9.14 -48.13
N THR C 177 -27.06 9.79 -47.51
CA THR C 177 -27.38 9.51 -46.10
C THR C 177 -28.54 8.54 -46.03
N TYR C 178 -28.84 8.07 -44.82
CA TYR C 178 -29.93 7.16 -44.59
C TYR C 178 -30.85 7.78 -43.57
N SER C 179 -32.12 7.34 -43.60
CA SER C 179 -33.12 7.84 -42.67
C SER C 179 -33.92 6.67 -42.15
N MET C 180 -34.54 6.85 -40.98
CA MET C 180 -35.31 5.78 -40.36
C MET C 180 -36.42 6.34 -39.49
N SER C 181 -37.52 5.59 -39.41
CA SER C 181 -38.62 5.99 -38.55
C SER C 181 -38.92 4.82 -37.62
N SER C 182 -39.07 5.12 -36.34
CA SER C 182 -39.38 4.11 -35.34
C SER C 182 -40.75 4.45 -34.77
N THR C 183 -41.65 3.49 -34.74
CA THR C 183 -42.99 3.75 -34.22
C THR C 183 -43.43 2.79 -33.12
N LEU C 184 -43.87 3.38 -32.01
CA LEU C 184 -44.36 2.64 -30.85
C LEU C 184 -45.87 2.74 -30.81
N THR C 185 -46.53 1.59 -30.94
CA THR C 185 -47.98 1.56 -30.93
C THR C 185 -48.47 0.92 -29.64
N LEU C 186 -49.42 1.57 -28.98
CA LEU C 186 -49.98 1.10 -27.72
C LEU C 186 -51.50 1.30 -27.72
N THR C 187 -52.18 0.62 -26.79
CA THR C 187 -53.64 0.79 -26.67
C THR C 187 -53.80 2.18 -26.06
N LYS C 188 -54.90 2.86 -26.37
CA LYS C 188 -55.14 4.19 -25.81
C LYS C 188 -55.01 4.17 -24.29
N ASP C 189 -55.55 3.11 -23.67
CA ASP C 189 -55.48 2.99 -22.22
C ASP C 189 -54.07 2.85 -21.67
N GLU C 190 -53.24 2.00 -22.27
CA GLU C 190 -51.88 1.84 -21.78
C GLU C 190 -51.10 3.14 -21.97
N TYR C 191 -51.41 3.86 -23.03
CA TYR C 191 -50.73 5.12 -23.30
C TYR C 191 -51.03 6.14 -22.21
N GLU C 192 -52.31 6.26 -21.86
CA GLU C 192 -52.73 7.23 -20.85
C GLU C 192 -52.35 6.84 -19.42
N ARG C 193 -51.78 5.65 -19.25
CA ARG C 193 -51.37 5.17 -17.93
C ARG C 193 -49.94 5.57 -17.60
N HIS C 194 -49.26 6.17 -18.56
CA HIS C 194 -47.87 6.57 -18.36
C HIS C 194 -47.63 8.03 -18.73
N ASN C 195 -46.51 8.58 -18.29
CA ASN C 195 -46.24 9.99 -18.54
C ASN C 195 -45.03 10.32 -19.41
N SER C 196 -43.93 9.63 -19.17
CA SER C 196 -42.70 9.87 -19.92
C SER C 196 -42.54 8.94 -21.12
N TYR C 197 -42.23 9.52 -22.26
CA TYR C 197 -42.03 8.76 -23.50
C TYR C 197 -40.74 9.23 -24.14
N THR C 198 -39.77 8.32 -24.22
CA THR C 198 -38.49 8.69 -24.78
C THR C 198 -38.01 7.85 -25.94
N CYS C 199 -37.31 8.53 -26.85
CA CYS C 199 -36.75 7.90 -28.04
C CYS C 199 -35.22 8.04 -27.93
N GLU C 200 -34.52 6.91 -27.80
CA GLU C 200 -33.07 6.92 -27.67
C GLU C 200 -32.33 6.37 -28.88
N ALA C 201 -31.46 7.20 -29.45
CA ALA C 201 -30.68 6.78 -30.61
C ALA C 201 -29.19 6.68 -30.33
N THR C 202 -28.60 5.54 -30.72
CA THR C 202 -27.17 5.32 -30.56
C THR C 202 -26.58 5.21 -31.96
N HIS C 203 -25.51 5.95 -32.21
CA HIS C 203 -24.87 5.97 -33.53
C HIS C 203 -23.40 6.34 -33.34
N LYS C 204 -22.51 5.78 -34.17
CA LYS C 204 -21.08 6.06 -34.03
C LYS C 204 -20.66 7.53 -34.04
N THR C 205 -21.59 8.43 -34.34
CA THR C 205 -21.28 9.87 -34.39
C THR C 205 -21.23 10.53 -33.00
N SER C 206 -21.51 9.77 -31.96
CA SER C 206 -21.49 10.29 -30.60
C SER C 206 -21.52 9.09 -29.67
N THR C 207 -20.63 9.07 -28.68
CA THR C 207 -20.61 7.94 -27.76
C THR C 207 -21.81 7.97 -26.81
N SER C 208 -22.38 9.15 -26.63
CA SER C 208 -23.55 9.30 -25.78
C SER C 208 -24.77 9.32 -26.72
N PRO C 209 -25.78 8.48 -26.42
CA PRO C 209 -26.97 8.42 -27.27
C PRO C 209 -27.74 9.74 -27.41
N ILE C 210 -28.37 9.93 -28.57
CA ILE C 210 -29.17 11.12 -28.82
C ILE C 210 -30.53 10.82 -28.22
N VAL C 211 -30.97 11.68 -27.31
CA VAL C 211 -32.25 11.48 -26.64
C VAL C 211 -33.30 12.54 -26.91
N LYS C 212 -34.52 12.09 -27.16
CA LYS C 212 -35.66 12.97 -27.41
C LYS C 212 -36.85 12.38 -26.66
N SER C 213 -37.57 13.23 -25.94
CA SER C 213 -38.73 12.77 -25.18
C SER C 213 -39.75 13.85 -24.88
N PHE C 214 -40.84 13.43 -24.25
CA PHE C 214 -41.90 14.37 -23.87
C PHE C 214 -42.76 13.70 -22.81
N ASN C 215 -43.50 14.50 -22.06
CA ASN C 215 -44.40 14.01 -21.04
C ASN C 215 -45.77 14.52 -21.37
N ARG C 216 -46.79 13.67 -21.21
CA ARG C 216 -48.15 14.09 -21.48
C ARG C 216 -48.42 15.33 -20.64
N ASN C 217 -49.31 16.20 -21.14
CA ASN C 217 -49.66 17.42 -20.44
C ASN C 217 -48.51 18.44 -20.44
N GLU C 218 -48.50 19.26 -21.48
CA GLU C 218 -47.51 20.30 -21.67
C GLU C 218 -47.67 20.90 -23.07
N CYS C 219 -47.17 20.17 -24.07
CA CYS C 219 -47.26 20.59 -25.47
C CYS C 219 -46.69 19.54 -26.44
N ARG D 1 -37.75 10.72 -77.24
CA ARG D 1 -37.40 9.31 -76.89
C ARG D 1 -38.63 8.45 -76.58
N VAL D 2 -38.38 7.16 -76.36
CA VAL D 2 -39.43 6.19 -76.07
C VAL D 2 -39.69 6.11 -74.57
N GLN D 3 -40.97 6.08 -74.19
CA GLN D 3 -41.36 5.98 -72.79
C GLN D 3 -42.49 4.99 -72.59
N LEU D 4 -42.36 4.11 -71.62
CA LEU D 4 -43.39 3.13 -71.38
C LEU D 4 -44.09 3.43 -70.08
N GLN D 5 -45.34 2.99 -69.98
CA GLN D 5 -46.11 3.21 -68.75
C GLN D 5 -47.11 2.08 -68.49
N GLN D 6 -46.95 1.40 -67.37
CA GLN D 6 -47.84 0.30 -67.03
C GLN D 6 -49.07 0.75 -66.25
N SER D 7 -50.12 -0.04 -66.38
CA SER D 7 -51.36 0.20 -65.67
C SER D 7 -52.02 -1.16 -65.47
N GLY D 8 -52.77 -1.31 -64.40
CA GLY D 8 -53.41 -2.59 -64.15
C GLY D 8 -53.93 -2.66 -62.73
N PRO D 9 -54.49 -3.79 -62.32
CA PRO D 9 -55.00 -3.89 -60.95
C PRO D 9 -53.83 -3.91 -59.99
N GLY D 10 -54.10 -3.54 -58.74
CA GLY D 10 -53.05 -3.56 -57.73
C GLY D 10 -53.25 -4.82 -56.90
N LEU D 11 -54.49 -5.32 -56.92
CA LEU D 11 -54.86 -6.51 -56.18
C LEU D 11 -55.68 -7.46 -57.06
N VAL D 12 -55.34 -8.74 -56.96
CA VAL D 12 -56.02 -9.77 -57.73
C VAL D 12 -56.16 -10.94 -56.78
N LYS D 13 -57.28 -11.65 -56.87
CA LYS D 13 -57.50 -12.80 -56.00
C LYS D 13 -56.98 -14.11 -56.59
N PRO D 14 -56.53 -15.04 -55.73
CA PRO D 14 -56.00 -16.33 -56.16
C PRO D 14 -56.90 -17.05 -57.16
N SER D 15 -56.26 -17.68 -58.12
CA SER D 15 -56.88 -18.44 -59.21
C SER D 15 -57.45 -17.59 -60.34
N GLN D 16 -57.45 -16.27 -60.16
CA GLN D 16 -57.96 -15.38 -61.21
C GLN D 16 -56.87 -15.04 -62.23
N SER D 17 -57.24 -14.28 -63.26
CA SER D 17 -56.32 -13.86 -64.29
C SER D 17 -55.82 -12.44 -64.04
N LEU D 18 -54.54 -12.22 -64.25
CA LEU D 18 -53.93 -10.90 -64.07
C LEU D 18 -53.92 -10.29 -65.47
N SER D 19 -54.35 -9.04 -65.57
CA SER D 19 -54.36 -8.37 -66.87
C SER D 19 -53.66 -7.00 -66.77
N LEU D 20 -52.54 -6.83 -67.47
CA LEU D 20 -51.81 -5.56 -67.42
C LEU D 20 -51.70 -4.91 -68.80
N THR D 21 -51.57 -3.59 -68.79
CA THR D 21 -51.45 -2.84 -70.04
C THR D 21 -50.22 -1.97 -69.99
N CYS D 22 -49.61 -1.75 -71.15
CA CYS D 22 -48.44 -0.91 -71.23
C CYS D 22 -48.64 0.02 -72.41
N THR D 23 -48.73 1.30 -72.09
CA THR D 23 -48.92 2.29 -73.13
C THR D 23 -47.55 2.84 -73.48
N VAL D 24 -47.25 2.85 -74.78
CA VAL D 24 -45.98 3.33 -75.32
C VAL D 24 -46.15 4.67 -76.06
N THR D 25 -45.26 5.61 -75.80
CA THR D 25 -45.30 6.92 -76.48
C THR D 25 -43.92 7.24 -77.00
N GLY D 26 -43.87 8.04 -78.08
CA GLY D 26 -42.60 8.44 -78.67
C GLY D 26 -41.99 7.47 -79.67
N TYR D 27 -42.70 6.41 -80.02
CA TYR D 27 -42.18 5.44 -80.98
C TYR D 27 -43.29 4.45 -81.33
N SER D 28 -43.32 4.01 -82.57
CA SER D 28 -44.32 3.05 -83.03
C SER D 28 -43.93 1.66 -82.55
N ILE D 29 -44.86 0.88 -82.03
CA ILE D 29 -44.53 -0.46 -81.54
C ILE D 29 -44.25 -1.44 -82.67
N THR D 30 -44.63 -1.06 -83.89
CA THR D 30 -44.40 -1.91 -85.06
C THR D 30 -43.05 -1.64 -85.68
N SER D 31 -42.14 -1.03 -84.92
CA SER D 31 -40.81 -0.74 -85.43
C SER D 31 -39.66 -1.00 -84.47
N ASP D 32 -38.68 -1.77 -84.94
CA ASP D 32 -37.44 -2.04 -84.21
C ASP D 32 -37.35 -2.76 -82.87
N PHE D 33 -38.20 -2.42 -81.92
CA PHE D 33 -38.10 -3.04 -80.60
C PHE D 33 -38.68 -4.43 -80.33
N ALA D 34 -38.43 -4.85 -79.10
CA ALA D 34 -38.92 -6.10 -78.55
C ALA D 34 -39.60 -5.55 -77.29
N TRP D 35 -40.92 -5.71 -77.21
CA TRP D 35 -41.65 -5.21 -76.05
C TRP D 35 -41.81 -6.30 -75.01
N ASN D 36 -41.04 -6.15 -73.94
CA ASN D 36 -40.97 -7.09 -72.83
C ASN D 36 -41.79 -6.84 -71.59
N TRP D 37 -42.08 -7.92 -70.89
CA TRP D 37 -42.77 -7.89 -69.62
C TRP D 37 -41.78 -8.58 -68.71
N ILE D 38 -41.35 -7.87 -67.66
CA ILE D 38 -40.41 -8.43 -66.68
C ILE D 38 -41.01 -8.13 -65.30
N ARG D 39 -40.79 -9.03 -64.32
CA ARG D 39 -41.32 -8.79 -62.97
C ARG D 39 -40.23 -8.93 -61.93
N GLN D 40 -40.41 -8.18 -60.83
CA GLN D 40 -39.44 -8.19 -59.74
C GLN D 40 -40.13 -8.62 -58.45
N PHE D 41 -39.60 -9.68 -57.84
CA PHE D 41 -40.15 -10.21 -56.60
C PHE D 41 -39.63 -9.49 -55.38
N PRO D 42 -40.23 -9.77 -54.22
CA PRO D 42 -39.86 -9.17 -52.95
C PRO D 42 -38.37 -9.09 -52.64
N GLY D 43 -37.64 -10.15 -52.90
CA GLY D 43 -36.21 -10.13 -52.62
C GLY D 43 -35.40 -9.43 -53.70
N ASN D 44 -36.11 -8.79 -54.63
CA ASN D 44 -35.48 -8.06 -55.72
C ASN D 44 -34.86 -8.98 -56.78
N LYS D 45 -35.46 -10.14 -57.00
CA LYS D 45 -34.99 -11.07 -58.01
C LYS D 45 -35.77 -10.71 -59.27
N LEU D 46 -35.09 -10.59 -60.40
CA LEU D 46 -35.76 -10.24 -61.67
C LEU D 46 -35.98 -11.48 -62.53
N GLU D 47 -37.12 -11.53 -63.23
CA GLU D 47 -37.43 -12.65 -64.12
C GLU D 47 -38.05 -12.14 -65.42
N TRP D 48 -37.54 -12.65 -66.54
CA TRP D 48 -38.03 -12.28 -67.85
C TRP D 48 -39.25 -13.14 -68.13
N MET D 49 -40.38 -12.49 -68.40
CA MET D 49 -41.63 -13.20 -68.70
C MET D 49 -41.81 -13.43 -70.19
N GLY D 50 -41.53 -12.41 -71.01
CA GLY D 50 -41.69 -12.58 -72.44
C GLY D 50 -41.74 -11.27 -73.21
N TYR D 51 -41.89 -11.38 -74.53
CA TYR D 51 -41.98 -10.20 -75.37
C TYR D 51 -42.83 -10.44 -76.60
N ILE D 52 -43.04 -9.37 -77.33
CA ILE D 52 -43.73 -9.37 -78.60
C ILE D 52 -42.95 -8.26 -79.31
N ASN D 53 -42.34 -8.58 -80.45
CA ASN D 53 -41.54 -7.60 -81.17
C ASN D 53 -42.33 -6.77 -82.18
N TYR D 54 -41.63 -5.90 -82.90
CA TYR D 54 -42.27 -5.04 -83.87
C TYR D 54 -43.14 -5.73 -84.90
N SER D 55 -42.80 -6.95 -85.29
CA SER D 55 -43.60 -7.68 -86.29
C SER D 55 -44.68 -8.56 -85.69
N GLY D 56 -44.86 -8.48 -84.37
CA GLY D 56 -45.90 -9.27 -83.71
C GLY D 56 -45.49 -10.65 -83.25
N PHE D 57 -44.22 -10.98 -83.44
CA PHE D 57 -43.72 -12.28 -83.02
C PHE D 57 -43.62 -12.35 -81.48
N THR D 58 -43.98 -13.50 -80.91
CA THR D 58 -43.93 -13.64 -79.46
C THR D 58 -43.01 -14.74 -78.96
N SER D 59 -42.65 -14.63 -77.68
CA SER D 59 -41.76 -15.58 -77.04
C SER D 59 -41.92 -15.42 -75.52
N HIS D 60 -42.13 -16.52 -74.81
CA HIS D 60 -42.27 -16.42 -73.36
C HIS D 60 -41.52 -17.51 -72.60
N ASN D 61 -41.14 -17.17 -71.38
CA ASN D 61 -40.40 -18.07 -70.50
C ASN D 61 -41.18 -19.36 -70.19
N PRO D 62 -40.53 -20.52 -70.24
CA PRO D 62 -41.23 -21.79 -69.95
C PRO D 62 -41.73 -21.90 -68.50
N SER D 63 -41.15 -21.11 -67.60
CA SER D 63 -41.57 -21.16 -66.20
C SER D 63 -43.02 -20.72 -66.02
N LEU D 64 -43.59 -20.11 -67.06
CA LEU D 64 -44.97 -19.65 -67.00
C LEU D 64 -45.85 -20.43 -67.98
N LYS D 65 -45.33 -21.52 -68.51
CA LYS D 65 -46.03 -22.34 -69.49
C LYS D 65 -47.56 -22.34 -69.43
N SER D 66 -48.16 -22.13 -70.60
CA SER D 66 -49.61 -22.13 -70.75
C SER D 66 -50.42 -21.22 -69.81
N ARG D 67 -49.76 -20.24 -69.19
CA ARG D 67 -50.46 -19.32 -68.30
C ARG D 67 -50.31 -17.89 -68.80
N ILE D 68 -49.36 -17.70 -69.71
CA ILE D 68 -49.07 -16.38 -70.21
C ILE D 68 -49.44 -16.18 -71.66
N SER D 69 -49.84 -14.95 -71.99
CA SER D 69 -50.20 -14.57 -73.35
C SER D 69 -49.82 -13.09 -73.49
N ILE D 70 -49.09 -12.75 -74.54
CA ILE D 70 -48.69 -11.37 -74.75
C ILE D 70 -49.17 -10.90 -76.09
N THR D 71 -50.08 -9.91 -76.07
CA THR D 71 -50.65 -9.38 -77.28
C THR D 71 -50.46 -7.88 -77.37
N ARG D 72 -50.87 -7.31 -78.50
CA ARG D 72 -50.73 -5.89 -78.70
C ARG D 72 -51.91 -5.29 -79.44
N ASP D 73 -52.04 -3.98 -79.31
CA ASP D 73 -53.09 -3.22 -79.99
C ASP D 73 -52.36 -2.07 -80.73
N THR D 74 -51.96 -2.32 -81.97
CA THR D 74 -51.25 -1.33 -82.75
C THR D 74 -52.00 -0.02 -82.93
N SER D 75 -53.32 -0.05 -82.81
CA SER D 75 -54.14 1.15 -82.94
C SER D 75 -53.92 2.15 -81.80
N LYS D 76 -53.79 1.64 -80.58
CA LYS D 76 -53.58 2.48 -79.41
C LYS D 76 -52.12 2.42 -78.97
N ASN D 77 -51.30 1.81 -79.81
CA ASN D 77 -49.87 1.65 -79.54
C ASN D 77 -49.61 1.07 -78.14
N GLN D 78 -50.33 0.03 -77.78
CA GLN D 78 -50.17 -0.64 -76.48
C GLN D 78 -49.97 -2.15 -76.60
N PHE D 79 -49.27 -2.76 -75.65
CA PHE D 79 -49.17 -4.20 -75.66
C PHE D 79 -49.64 -4.68 -74.29
N PHE D 80 -49.94 -5.97 -74.16
CA PHE D 80 -50.48 -6.46 -72.90
C PHE D 80 -49.93 -7.76 -72.37
N LEU D 81 -50.33 -8.07 -71.14
CA LEU D 81 -49.92 -9.29 -70.48
C LEU D 81 -51.17 -9.92 -69.92
N GLN D 82 -51.29 -11.24 -70.08
CA GLN D 82 -52.41 -12.00 -69.54
C GLN D 82 -51.76 -13.15 -68.80
N LEU D 83 -52.01 -13.24 -67.50
CA LEU D 83 -51.43 -14.30 -66.70
C LEU D 83 -52.56 -15.01 -65.99
N ASN D 84 -52.83 -16.26 -66.38
CA ASN D 84 -53.91 -17.03 -65.77
C ASN D 84 -53.51 -17.81 -64.53
N SER D 85 -54.51 -18.15 -63.73
CA SER D 85 -54.34 -18.94 -62.51
C SER D 85 -53.20 -18.42 -61.65
N VAL D 86 -53.32 -17.17 -61.21
CA VAL D 86 -52.27 -16.58 -60.40
C VAL D 86 -52.40 -17.13 -58.98
N THR D 87 -51.31 -17.09 -58.23
CA THR D 87 -51.29 -17.55 -56.85
C THR D 87 -50.48 -16.49 -56.11
N THR D 88 -50.45 -16.56 -54.79
CA THR D 88 -49.71 -15.54 -54.05
C THR D 88 -48.26 -15.42 -54.51
N GLU D 89 -47.71 -16.48 -55.12
CA GLU D 89 -46.31 -16.44 -55.59
C GLU D 89 -46.14 -15.43 -56.72
N ASP D 90 -47.22 -15.10 -57.43
CA ASP D 90 -47.16 -14.16 -58.52
C ASP D 90 -47.06 -12.71 -58.04
N THR D 91 -47.13 -12.49 -56.73
CA THR D 91 -47.05 -11.14 -56.20
C THR D 91 -45.68 -10.56 -56.50
N ALA D 92 -45.64 -9.43 -57.21
CA ALA D 92 -44.40 -8.79 -57.58
C ALA D 92 -44.66 -7.46 -58.26
N THR D 93 -43.58 -6.82 -58.69
CA THR D 93 -43.67 -5.55 -59.39
C THR D 93 -43.48 -5.87 -60.87
N TYR D 94 -44.49 -5.55 -61.69
CA TYR D 94 -44.43 -5.81 -63.11
C TYR D 94 -44.01 -4.60 -63.94
N TYR D 95 -43.01 -4.83 -64.78
CA TYR D 95 -42.46 -3.80 -65.64
C TYR D 95 -42.63 -4.17 -67.11
N CYS D 96 -42.69 -3.15 -67.95
CA CYS D 96 -42.69 -3.37 -69.38
C CYS D 96 -41.42 -2.68 -69.81
N ALA D 97 -40.75 -3.23 -70.81
CA ALA D 97 -39.51 -2.67 -71.29
C ALA D 97 -39.26 -2.98 -72.74
N GLY D 98 -38.78 -1.98 -73.46
CA GLY D 98 -38.49 -2.16 -74.87
C GLY D 98 -37.00 -2.09 -75.11
N LEU D 99 -36.48 -3.08 -75.81
CA LEU D 99 -35.07 -3.10 -76.16
C LEU D 99 -35.03 -3.34 -77.67
N LEU D 100 -34.02 -2.77 -78.35
CA LEU D 100 -33.90 -2.93 -79.79
C LEU D 100 -33.67 -4.39 -80.15
N TRP D 101 -34.49 -4.90 -81.05
CA TRP D 101 -34.38 -6.28 -81.47
C TRP D 101 -32.98 -6.68 -81.92
N TYR D 102 -32.38 -5.88 -82.77
CA TYR D 102 -31.08 -6.18 -83.33
C TYR D 102 -29.90 -6.32 -82.37
N ASP D 103 -29.68 -5.35 -81.51
CA ASP D 103 -28.54 -5.42 -80.60
C ASP D 103 -28.85 -5.36 -79.09
N GLY D 104 -30.10 -5.08 -78.74
CA GLY D 104 -30.45 -5.02 -77.33
C GLY D 104 -30.23 -3.68 -76.64
N GLY D 105 -29.92 -2.65 -77.41
CA GLY D 105 -29.69 -1.33 -76.84
C GLY D 105 -30.92 -0.40 -76.78
N ALA D 106 -30.68 0.83 -76.31
CA ALA D 106 -31.73 1.85 -76.16
C ALA D 106 -32.92 1.32 -75.34
N GLY D 107 -32.63 0.49 -74.35
CA GLY D 107 -33.67 -0.09 -73.52
C GLY D 107 -34.35 0.92 -72.62
N SER D 108 -35.69 0.88 -72.58
CA SER D 108 -36.48 1.78 -71.74
C SER D 108 -37.57 1.02 -70.98
N TRP D 109 -37.63 1.22 -69.66
CA TRP D 109 -38.59 0.56 -68.78
C TRP D 109 -39.66 1.54 -68.28
N GLY D 110 -40.82 1.01 -67.95
CA GLY D 110 -41.88 1.84 -67.42
C GLY D 110 -41.62 2.02 -65.94
N GLN D 111 -42.55 2.62 -65.24
CA GLN D 111 -42.35 2.84 -63.83
C GLN D 111 -42.63 1.61 -63.01
N GLY D 112 -43.48 0.71 -63.52
CA GLY D 112 -43.80 -0.50 -62.80
C GLY D 112 -45.11 -0.36 -62.06
N THR D 113 -45.82 -1.46 -61.88
CA THR D 113 -47.08 -1.45 -61.17
C THR D 113 -47.13 -2.61 -60.21
N LEU D 114 -47.39 -2.31 -58.95
CA LEU D 114 -47.44 -3.35 -57.94
C LEU D 114 -48.69 -4.21 -58.11
N VAL D 115 -48.49 -5.52 -58.02
CA VAL D 115 -49.59 -6.48 -58.13
C VAL D 115 -49.58 -7.43 -56.93
N THR D 116 -50.69 -7.43 -56.19
CA THR D 116 -50.83 -8.28 -55.01
C THR D 116 -51.89 -9.36 -55.20
N VAL D 117 -51.52 -10.60 -54.91
CA VAL D 117 -52.43 -11.73 -55.01
C VAL D 117 -52.77 -12.15 -53.59
N SER D 118 -53.94 -11.75 -53.13
CA SER D 118 -54.38 -12.04 -51.77
C SER D 118 -55.91 -12.09 -51.66
N ALA D 119 -56.38 -12.76 -50.63
CA ALA D 119 -57.80 -12.88 -50.39
C ALA D 119 -58.25 -11.67 -49.57
N ALA D 120 -57.30 -11.08 -48.83
CA ALA D 120 -57.60 -9.92 -47.99
C ALA D 120 -58.39 -8.87 -48.74
N LYS D 121 -59.28 -8.18 -48.03
CA LYS D 121 -60.11 -7.17 -48.67
C LYS D 121 -59.51 -5.78 -48.65
N THR D 122 -59.82 -5.01 -49.69
CA THR D 122 -59.36 -3.65 -49.84
C THR D 122 -59.85 -2.80 -48.67
N THR D 123 -58.94 -2.10 -48.01
CA THR D 123 -59.30 -1.25 -46.88
C THR D 123 -58.67 0.12 -47.05
N ALA D 124 -59.49 1.16 -46.99
CA ALA D 124 -58.98 2.51 -47.13
C ALA D 124 -58.08 2.81 -45.93
N PRO D 125 -57.16 3.77 -46.06
CA PRO D 125 -56.25 4.11 -44.96
C PRO D 125 -56.77 5.23 -44.05
N SER D 126 -56.14 5.36 -42.90
CA SER D 126 -56.45 6.40 -41.94
C SER D 126 -55.24 7.32 -41.95
N VAL D 127 -55.47 8.62 -41.97
CA VAL D 127 -54.37 9.57 -42.01
C VAL D 127 -54.39 10.49 -40.80
N TYR D 128 -53.42 10.31 -39.93
CA TYR D 128 -53.32 11.13 -38.72
C TYR D 128 -52.16 12.11 -38.88
N PRO D 129 -52.37 13.39 -38.51
CA PRO D 129 -51.32 14.40 -38.61
C PRO D 129 -50.36 14.35 -37.43
N LEU D 130 -49.10 14.66 -37.68
CA LEU D 130 -48.10 14.64 -36.62
C LEU D 130 -47.45 16.03 -36.43
N ALA D 131 -47.95 16.75 -35.42
CA ALA D 131 -47.43 18.06 -35.08
C ALA D 131 -46.43 17.88 -33.96
N PRO D 132 -45.41 18.76 -33.91
CA PRO D 132 -44.39 18.66 -32.87
C PRO D 132 -44.90 18.88 -31.45
N VAL D 133 -44.11 19.63 -30.70
CA VAL D 133 -44.41 20.00 -29.33
C VAL D 133 -44.10 21.50 -29.27
N CYS D 134 -43.58 21.98 -28.15
CA CYS D 134 -43.22 23.41 -28.03
C CYS D 134 -41.73 23.54 -27.76
N GLY D 135 -41.07 22.40 -27.62
CA GLY D 135 -39.64 22.39 -27.36
C GLY D 135 -38.86 22.37 -28.66
N ASP D 136 -39.52 21.98 -29.75
CA ASP D 136 -38.87 21.93 -31.05
C ASP D 136 -39.43 23.01 -31.97
N THR D 137 -40.46 23.72 -31.51
CA THR D 137 -41.03 24.84 -32.27
C THR D 137 -40.28 26.11 -31.84
N THR D 138 -39.15 25.87 -31.17
CA THR D 138 -38.26 26.91 -30.68
C THR D 138 -36.83 26.38 -30.86
N GLY D 139 -36.28 26.59 -32.05
CA GLY D 139 -34.95 26.12 -32.34
C GLY D 139 -34.57 26.28 -33.81
N SER D 140 -33.51 25.58 -34.21
CA SER D 140 -32.98 25.62 -35.58
C SER D 140 -34.07 25.43 -36.65
N SER D 141 -34.53 24.20 -36.82
CA SER D 141 -35.57 23.89 -37.81
C SER D 141 -36.71 23.15 -37.15
N VAL D 142 -37.68 22.73 -37.95
CA VAL D 142 -38.84 21.99 -37.43
C VAL D 142 -39.22 20.81 -38.32
N THR D 143 -39.58 19.70 -37.67
CA THR D 143 -39.99 18.54 -38.42
C THR D 143 -41.44 18.21 -38.13
N LEU D 144 -42.22 18.09 -39.19
CA LEU D 144 -43.63 17.76 -39.13
C LEU D 144 -43.80 16.36 -39.70
N GLY D 145 -44.88 15.69 -39.36
CA GLY D 145 -45.08 14.34 -39.86
C GLY D 145 -46.49 13.99 -40.32
N CYS D 146 -46.65 12.78 -40.83
CA CYS D 146 -47.93 12.30 -41.31
C CYS D 146 -47.96 10.78 -41.17
N LEU D 147 -48.97 10.28 -40.46
CA LEU D 147 -49.09 8.85 -40.24
C LEU D 147 -50.25 8.25 -41.02
N VAL D 148 -49.96 7.23 -41.82
CA VAL D 148 -50.96 6.55 -42.65
C VAL D 148 -51.06 5.13 -42.13
N LYS D 149 -52.15 4.81 -41.46
CA LYS D 149 -52.28 3.49 -40.87
C LYS D 149 -53.43 2.61 -41.36
N GLY D 150 -53.20 1.29 -41.30
CA GLY D 150 -54.18 0.29 -41.66
C GLY D 150 -54.88 0.30 -43.00
N TYR D 151 -54.15 0.08 -44.08
CA TYR D 151 -54.76 0.04 -45.41
C TYR D 151 -54.30 -1.21 -46.15
N PHE D 152 -54.98 -1.52 -47.24
CA PHE D 152 -54.66 -2.68 -48.07
C PHE D 152 -55.42 -2.61 -49.39
N PRO D 153 -54.75 -2.92 -50.51
CA PRO D 153 -53.35 -3.34 -50.62
C PRO D 153 -52.46 -2.12 -50.88
N GLU D 154 -51.19 -2.39 -51.13
CA GLU D 154 -50.24 -1.33 -51.46
C GLU D 154 -50.56 -0.93 -52.90
N PRO D 155 -50.18 0.30 -53.29
CA PRO D 155 -49.50 1.26 -52.44
C PRO D 155 -50.38 2.45 -52.18
N VAL D 156 -49.77 3.48 -51.63
CA VAL D 156 -50.42 4.76 -51.37
C VAL D 156 -49.37 5.75 -51.84
N THR D 157 -49.79 6.83 -52.49
CA THR D 157 -48.80 7.82 -52.91
C THR D 157 -49.06 8.98 -51.95
N LEU D 158 -47.98 9.47 -51.35
CA LEU D 158 -48.06 10.55 -50.38
C LEU D 158 -47.27 11.78 -50.81
N THR D 159 -47.89 12.95 -50.68
CA THR D 159 -47.24 14.21 -51.06
C THR D 159 -47.54 15.29 -50.03
N TRP D 160 -46.73 16.35 -50.06
CA TRP D 160 -46.91 17.48 -49.16
C TRP D 160 -47.28 18.69 -50.00
N ASN D 161 -48.37 19.36 -49.61
CA ASN D 161 -48.88 20.52 -50.35
C ASN D 161 -49.08 20.15 -51.82
N SER D 162 -49.77 19.03 -52.03
CA SER D 162 -50.08 18.53 -53.35
C SER D 162 -48.88 18.36 -54.28
N GLY D 163 -47.67 18.34 -53.72
CA GLY D 163 -46.50 18.15 -54.54
C GLY D 163 -45.55 19.32 -54.73
N SER D 164 -45.88 20.46 -54.14
CA SER D 164 -45.03 21.64 -54.27
C SER D 164 -43.89 21.61 -53.25
N LEU D 165 -44.10 20.90 -52.15
CA LEU D 165 -43.09 20.77 -51.10
C LEU D 165 -42.42 19.40 -51.28
N SER D 166 -41.30 19.40 -52.01
CA SER D 166 -40.57 18.18 -52.33
C SER D 166 -39.30 17.95 -51.51
N SER D 167 -38.57 19.01 -51.21
CA SER D 167 -37.32 18.87 -50.46
C SER D 167 -37.55 18.63 -48.96
N GLY D 168 -36.52 18.08 -48.31
CA GLY D 168 -36.59 17.80 -46.89
C GLY D 168 -37.71 16.83 -46.57
N VAL D 169 -38.00 15.94 -47.52
CA VAL D 169 -39.06 14.98 -47.32
C VAL D 169 -38.55 13.55 -47.26
N HIS D 170 -39.15 12.77 -46.38
CA HIS D 170 -38.77 11.37 -46.22
C HIS D 170 -40.04 10.53 -46.05
N THR D 171 -40.29 9.64 -47.00
CA THR D 171 -41.46 8.78 -46.91
C THR D 171 -40.93 7.37 -46.72
N PHE D 172 -41.17 6.80 -45.55
CA PHE D 172 -40.66 5.47 -45.25
C PHE D 172 -41.45 4.30 -45.80
N PRO D 173 -40.76 3.21 -46.16
CA PRO D 173 -41.42 2.03 -46.70
C PRO D 173 -42.50 1.55 -45.73
N ALA D 174 -43.63 1.09 -46.26
CA ALA D 174 -44.70 0.60 -45.41
C ALA D 174 -44.36 -0.73 -44.75
N VAL D 175 -44.95 -0.96 -43.58
CA VAL D 175 -44.75 -2.20 -42.85
C VAL D 175 -46.08 -2.90 -42.69
N LEU D 176 -46.13 -4.18 -43.04
CA LEU D 176 -47.37 -4.96 -42.95
C LEU D 176 -47.60 -5.48 -41.53
N GLN D 177 -48.72 -5.06 -40.93
CA GLN D 177 -49.16 -5.46 -39.59
C GLN D 177 -50.66 -5.79 -39.60
N SER D 178 -51.04 -6.94 -39.04
CA SER D 178 -52.46 -7.29 -39.02
C SER D 178 -53.04 -7.26 -40.42
N ASP D 179 -52.23 -7.64 -41.40
CA ASP D 179 -52.67 -7.64 -42.79
C ASP D 179 -53.07 -6.23 -43.21
N LEU D 180 -52.52 -5.23 -42.53
CA LEU D 180 -52.78 -3.82 -42.83
C LEU D 180 -51.44 -3.08 -42.81
N TYR D 181 -51.23 -2.23 -43.81
CA TYR D 181 -50.00 -1.48 -43.92
C TYR D 181 -49.98 -0.19 -43.11
N THR D 182 -48.80 0.18 -42.64
CA THR D 182 -48.61 1.41 -41.90
C THR D 182 -47.41 2.06 -42.56
N LEU D 183 -47.51 3.36 -42.79
CA LEU D 183 -46.41 4.10 -43.42
C LEU D 183 -46.38 5.51 -42.82
N SER D 184 -45.20 6.04 -42.60
CA SER D 184 -45.07 7.38 -42.05
C SER D 184 -44.24 8.23 -43.01
N SER D 185 -44.35 9.53 -42.85
CA SER D 185 -43.61 10.45 -43.70
C SER D 185 -43.36 11.74 -42.93
N SER D 186 -42.13 12.26 -43.05
CA SER D 186 -41.78 13.49 -42.37
C SER D 186 -41.27 14.51 -43.39
N VAL D 187 -41.47 15.78 -43.08
CA VAL D 187 -41.02 16.85 -43.93
C VAL D 187 -40.35 17.85 -43.02
N THR D 188 -39.29 18.48 -43.50
CA THR D 188 -38.56 19.45 -42.70
C THR D 188 -38.46 20.81 -43.42
N VAL D 189 -38.75 21.88 -42.69
CA VAL D 189 -38.69 23.23 -43.23
C VAL D 189 -38.07 24.16 -42.17
N THR D 190 -37.87 25.42 -42.51
CA THR D 190 -37.29 26.36 -41.57
C THR D 190 -38.20 26.56 -40.37
N SER D 191 -37.61 26.57 -39.18
CA SER D 191 -38.34 26.74 -37.94
C SER D 191 -39.15 28.04 -37.88
N SER D 192 -39.05 28.85 -38.93
CA SER D 192 -39.75 30.12 -38.99
C SER D 192 -40.76 30.23 -40.14
N THR D 193 -41.01 29.12 -40.84
CA THR D 193 -41.96 29.13 -41.95
C THR D 193 -43.29 28.53 -41.52
N TRP D 194 -43.24 27.67 -40.52
CA TRP D 194 -44.43 27.01 -39.99
C TRP D 194 -44.63 27.49 -38.56
N PRO D 195 -45.89 27.69 -38.14
CA PRO D 195 -47.15 27.50 -38.88
C PRO D 195 -47.62 28.69 -39.73
N SER D 196 -46.74 29.65 -39.98
CA SER D 196 -47.14 30.80 -40.79
C SER D 196 -47.76 30.30 -42.09
N GLN D 197 -47.14 29.26 -42.65
CA GLN D 197 -47.61 28.70 -43.91
C GLN D 197 -48.05 27.25 -43.74
N SER D 198 -49.33 27.01 -43.99
CA SER D 198 -49.91 25.69 -43.85
C SER D 198 -49.14 24.62 -44.59
N ILE D 199 -49.08 23.46 -43.97
CA ILE D 199 -48.41 22.30 -44.54
C ILE D 199 -49.46 21.20 -44.50
N THR D 200 -49.71 20.61 -45.67
CA THR D 200 -50.74 19.58 -45.76
C THR D 200 -50.24 18.25 -46.29
N CYS D 201 -50.74 17.19 -45.69
CA CYS D 201 -50.37 15.84 -46.10
C CYS D 201 -51.44 15.34 -47.04
N ASN D 202 -51.05 14.99 -48.27
CA ASN D 202 -52.01 14.47 -49.25
C ASN D 202 -51.76 12.99 -49.43
N VAL D 203 -52.76 12.18 -49.08
CA VAL D 203 -52.65 10.74 -49.18
C VAL D 203 -53.63 10.17 -50.19
N ALA D 204 -53.12 9.36 -51.12
CA ALA D 204 -53.94 8.75 -52.14
C ALA D 204 -53.81 7.23 -52.08
N HIS D 205 -54.93 6.54 -52.21
CA HIS D 205 -54.92 5.10 -52.16
C HIS D 205 -55.82 4.59 -53.25
N PRO D 206 -55.25 4.31 -54.44
CA PRO D 206 -56.01 3.81 -55.58
C PRO D 206 -56.98 2.65 -55.30
N ALA D 207 -56.43 1.51 -54.88
CA ALA D 207 -57.24 0.32 -54.60
C ALA D 207 -58.64 0.61 -54.04
N SER D 208 -58.75 1.68 -53.26
CA SER D 208 -60.04 2.03 -52.66
C SER D 208 -60.57 3.38 -53.11
N SER D 209 -59.92 3.98 -54.11
CA SER D 209 -60.34 5.28 -54.64
C SER D 209 -60.41 6.34 -53.52
N THR D 210 -59.41 6.32 -52.65
CA THR D 210 -59.37 7.26 -51.54
C THR D 210 -58.35 8.37 -51.78
N LYS D 211 -58.72 9.58 -51.36
CA LYS D 211 -57.88 10.75 -51.50
C LYS D 211 -58.23 11.66 -50.34
N VAL D 212 -57.34 11.77 -49.37
CA VAL D 212 -57.62 12.60 -48.21
C VAL D 212 -56.46 13.51 -47.90
N ASP D 213 -56.76 14.72 -47.45
CA ASP D 213 -55.74 15.69 -47.09
C ASP D 213 -55.72 15.78 -45.57
N LYS D 214 -54.57 16.14 -45.02
CA LYS D 214 -54.42 16.27 -43.59
C LYS D 214 -53.50 17.44 -43.32
N LYS D 215 -54.08 18.56 -42.90
CA LYS D 215 -53.30 19.76 -42.60
C LYS D 215 -52.58 19.58 -41.26
N ILE D 216 -51.34 20.06 -41.18
CA ILE D 216 -50.58 19.94 -39.93
C ILE D 216 -50.78 21.19 -39.10
N GLU D 217 -51.63 21.09 -38.08
CA GLU D 217 -51.92 22.23 -37.21
C GLU D 217 -51.20 22.09 -35.87
N PRO D 218 -50.78 23.23 -35.28
CA PRO D 218 -50.08 23.22 -33.98
C PRO D 218 -50.90 22.66 -32.81
N ARG D 219 -50.24 21.93 -31.92
CA ARG D 219 -50.89 21.32 -30.76
C ARG D 219 -51.23 22.40 -29.73
N GLY D 220 -52.21 22.13 -28.87
CA GLY D 220 -52.60 23.09 -27.86
C GLY D 220 -53.20 24.36 -28.44
N PRO D 221 -52.74 25.54 -27.99
CA PRO D 221 -53.26 26.81 -28.52
C PRO D 221 -53.08 26.90 -30.04
N THR D 222 -54.12 27.37 -30.71
CA THR D 222 -54.11 27.48 -32.17
C THR D 222 -54.59 28.83 -32.72
N ASP E 1 43.31 23.64 38.13
CA ASP E 1 43.78 22.48 37.31
C ASP E 1 42.60 21.89 36.54
N VAL E 2 42.89 20.90 35.71
CA VAL E 2 41.83 20.24 34.96
C VAL E 2 41.03 19.49 35.99
N VAL E 3 39.75 19.80 36.08
CA VAL E 3 38.91 19.14 37.06
C VAL E 3 38.15 18.04 36.36
N MET E 4 38.04 16.89 37.01
CA MET E 4 37.31 15.74 36.46
C MET E 4 36.04 15.57 37.29
N THR E 5 34.88 15.73 36.65
CA THR E 5 33.61 15.58 37.35
C THR E 5 32.92 14.26 36.97
N GLN E 6 32.76 13.38 37.95
CA GLN E 6 32.12 12.09 37.73
C GLN E 6 30.68 12.02 38.21
N SER E 7 29.86 11.27 37.48
CA SER E 7 28.46 11.08 37.82
C SER E 7 27.97 9.74 37.27
N PRO E 8 27.01 9.10 37.96
CA PRO E 8 26.41 9.59 39.21
C PRO E 8 27.41 9.36 40.35
N LYS E 9 27.08 9.81 41.56
CA LYS E 9 27.96 9.64 42.72
C LYS E 9 27.97 8.18 43.16
N THR E 10 26.80 7.54 43.12
CA THR E 10 26.66 6.14 43.47
C THR E 10 25.73 5.54 42.43
N ILE E 11 25.63 4.23 42.42
CA ILE E 11 24.78 3.56 41.46
C ILE E 11 24.56 2.10 41.76
N SER E 12 23.30 1.70 41.68
CA SER E 12 22.87 0.35 41.97
C SER E 12 22.48 -0.38 40.67
N VAL E 13 22.96 -1.61 40.52
CA VAL E 13 22.68 -2.39 39.33
C VAL E 13 22.50 -3.88 39.61
N THR E 14 21.52 -4.47 38.94
CA THR E 14 21.22 -5.88 39.08
C THR E 14 22.26 -6.67 38.32
N ILE E 15 22.62 -7.85 38.82
CA ILE E 15 23.62 -8.67 38.14
C ILE E 15 23.10 -9.16 36.81
N GLY E 16 23.94 -9.06 35.78
CA GLY E 16 23.54 -9.48 34.44
C GLY E 16 22.96 -8.30 33.66
N GLN E 17 23.05 -7.12 34.25
CA GLN E 17 22.55 -5.91 33.63
C GLN E 17 23.69 -4.99 33.21
N PRO E 18 23.43 -4.08 32.26
CA PRO E 18 24.48 -3.16 31.83
C PRO E 18 24.52 -1.93 32.73
N ALA E 19 25.63 -1.23 32.71
CA ALA E 19 25.79 -0.02 33.50
C ALA E 19 26.51 0.98 32.63
N SER E 20 26.48 2.24 33.03
CA SER E 20 27.12 3.31 32.26
C SER E 20 27.40 4.51 33.14
N ILE E 21 28.66 4.91 33.24
CA ILE E 21 29.03 6.06 34.06
C ILE E 21 29.72 7.15 33.25
N SER E 22 29.65 8.37 33.77
CA SER E 22 30.21 9.53 33.10
C SER E 22 31.37 10.22 33.82
N CYS E 23 32.26 10.80 33.01
CA CYS E 23 33.42 11.54 33.51
C CYS E 23 33.56 12.72 32.54
N LYS E 24 33.44 13.94 33.08
CA LYS E 24 33.57 15.15 32.26
C LYS E 24 34.74 16.01 32.69
N SER E 25 35.59 16.40 31.75
CA SER E 25 36.73 17.23 32.09
C SER E 25 36.51 18.69 31.70
N SER E 26 36.99 19.59 32.53
CA SER E 26 36.86 21.03 32.33
C SER E 26 37.76 21.53 31.22
N GLN E 27 38.50 20.63 30.59
CA GLN E 27 39.42 21.00 29.51
C GLN E 27 39.60 19.80 28.57
N ARG E 28 39.76 20.07 27.28
CA ARG E 28 39.93 19.00 26.29
C ARG E 28 41.10 18.13 26.72
N LEU E 29 41.01 16.83 26.45
CA LEU E 29 42.08 15.93 26.84
C LEU E 29 42.89 15.35 25.69
N LEU E 30 42.57 15.76 24.46
CA LEU E 30 43.32 15.28 23.31
C LEU E 30 44.51 16.23 23.19
N ASN E 31 45.71 15.68 23.03
CA ASN E 31 46.91 16.51 22.93
C ASN E 31 47.39 16.64 21.49
N SER E 32 48.50 17.33 21.29
CA SER E 32 49.05 17.57 19.96
C SER E 32 49.53 16.32 19.20
N ASN E 33 49.63 15.19 19.89
CA ASN E 33 50.09 13.95 19.26
C ASN E 33 48.95 13.01 18.91
N GLY E 34 47.73 13.52 18.92
CA GLY E 34 46.56 12.71 18.59
C GLY E 34 46.16 11.73 19.67
N LYS E 35 46.86 11.74 20.80
CA LYS E 35 46.55 10.83 21.90
C LYS E 35 45.70 11.49 22.99
N THR E 36 44.89 10.68 23.66
CA THR E 36 44.03 11.15 24.73
C THR E 36 44.36 10.36 26.00
N PHE E 37 45.23 10.93 26.83
CA PHE E 37 45.63 10.24 28.07
C PHE E 37 44.52 10.28 29.13
N LEU E 38 43.58 9.35 29.00
CA LEU E 38 42.45 9.25 29.91
C LEU E 38 42.29 7.79 30.30
N ASN E 39 42.37 7.49 31.59
CA ASN E 39 42.23 6.12 32.08
C ASN E 39 41.04 5.92 33.02
N TRP E 40 40.47 4.71 33.00
CA TRP E 40 39.36 4.36 33.89
C TRP E 40 39.90 3.30 34.84
N LEU E 41 39.53 3.39 36.11
CA LEU E 41 40.00 2.44 37.11
C LEU E 41 38.87 1.93 38.01
N LEU E 42 39.06 0.73 38.54
CA LEU E 42 38.10 0.13 39.44
C LEU E 42 38.84 -0.22 40.71
N GLN E 43 38.33 0.25 41.84
CA GLN E 43 38.92 -0.05 43.12
C GLN E 43 37.90 -0.86 43.88
N ARG E 44 38.11 -2.18 43.93
CA ARG E 44 37.21 -3.06 44.64
C ARG E 44 37.46 -2.82 46.11
N PRO E 45 36.50 -3.18 46.97
CA PRO E 45 36.65 -3.00 48.43
C PRO E 45 37.92 -3.66 49.00
N GLY E 46 38.74 -2.87 49.66
CA GLY E 46 39.95 -3.40 50.24
C GLY E 46 41.13 -3.54 49.29
N GLN E 47 40.91 -3.27 48.02
CA GLN E 47 42.00 -3.41 47.07
C GLN E 47 42.47 -2.03 46.63
N SER E 48 43.50 -2.03 45.79
CA SER E 48 44.01 -0.78 45.27
C SER E 48 43.37 -0.61 43.91
N PRO E 49 43.34 0.63 43.37
CA PRO E 49 42.75 0.85 42.06
C PRO E 49 43.43 -0.04 41.01
N LYS E 50 42.63 -0.60 40.11
CA LYS E 50 43.19 -1.44 39.08
C LYS E 50 42.76 -0.95 37.69
N ARG E 51 43.60 -1.22 36.69
CA ARG E 51 43.34 -0.79 35.31
C ARG E 51 42.12 -1.40 34.60
N LEU E 52 41.59 -0.62 33.66
CA LEU E 52 40.43 -1.01 32.85
C LEU E 52 40.56 -0.47 31.44
N ILE E 53 40.60 0.85 31.33
CA ILE E 53 40.69 1.51 30.04
C ILE E 53 41.85 2.49 30.00
N TYR E 54 42.54 2.56 28.86
CA TYR E 54 43.62 3.51 28.69
C TYR E 54 43.45 4.20 27.34
N LEU E 55 44.15 5.32 27.15
CA LEU E 55 44.02 6.05 25.90
C LEU E 55 42.57 6.41 25.63
N GLY E 56 41.82 6.68 26.68
CA GLY E 56 40.43 7.06 26.54
C GLY E 56 39.42 6.03 26.05
N THR E 57 39.78 5.20 25.08
CA THR E 57 38.84 4.21 24.56
C THR E 57 39.47 2.85 24.32
N LYS E 58 40.63 2.59 24.91
CA LYS E 58 41.29 1.31 24.69
C LYS E 58 41.24 0.32 25.85
N LEU E 59 40.81 -0.89 25.57
CA LEU E 59 40.72 -1.94 26.58
C LEU E 59 42.15 -2.22 27.08
N ASP E 60 42.37 -2.05 28.38
CA ASP E 60 43.70 -2.27 28.94
C ASP E 60 44.09 -3.74 29.07
N SER E 61 45.38 -3.93 29.35
CA SER E 61 45.97 -5.25 29.49
C SER E 61 45.22 -6.24 30.39
N GLY E 62 44.83 -7.37 29.80
CA GLY E 62 44.13 -8.41 30.53
C GLY E 62 42.77 -8.09 31.13
N VAL E 63 42.13 -7.03 30.64
CA VAL E 63 40.82 -6.64 31.17
C VAL E 63 39.66 -7.28 30.40
N PRO E 64 38.65 -7.77 31.12
CA PRO E 64 37.51 -8.40 30.44
C PRO E 64 36.84 -7.44 29.46
N ASP E 65 36.59 -7.91 28.25
CA ASP E 65 35.96 -7.10 27.21
C ASP E 65 34.60 -6.51 27.59
N ARG E 66 34.05 -6.94 28.73
CA ARG E 66 32.77 -6.45 29.20
C ARG E 66 32.84 -4.95 29.45
N PHE E 67 34.06 -4.45 29.61
CA PHE E 67 34.31 -3.04 29.87
C PHE E 67 34.61 -2.32 28.54
N THR E 68 34.01 -1.15 28.36
CA THR E 68 34.22 -0.39 27.13
C THR E 68 34.21 1.10 27.45
N GLY E 69 35.26 1.78 27.01
CA GLY E 69 35.35 3.21 27.24
C GLY E 69 35.05 3.91 25.93
N SER E 70 34.51 5.11 26.01
CA SER E 70 34.21 5.85 24.80
C SER E 70 34.12 7.32 25.09
N GLY E 71 33.97 8.10 24.02
CA GLY E 71 33.87 9.54 24.15
C GLY E 71 35.14 10.22 23.71
N SER E 72 35.07 11.53 23.59
CA SER E 72 36.21 12.34 23.19
C SER E 72 35.96 13.76 23.63
N GLY E 73 36.95 14.62 23.46
CA GLY E 73 36.81 16.00 23.85
C GLY E 73 36.88 16.15 25.35
N THR E 74 35.71 16.27 25.98
CA THR E 74 35.65 16.43 27.43
C THR E 74 34.67 15.45 28.08
N ASP E 75 33.92 14.72 27.26
CA ASP E 75 32.94 13.77 27.76
C ASP E 75 33.39 12.35 27.53
N PHE E 76 33.57 11.61 28.62
CA PHE E 76 34.01 10.24 28.52
C PHE E 76 33.03 9.32 29.25
N THR E 77 32.81 8.16 28.67
CA THR E 77 31.88 7.21 29.25
C THR E 77 32.46 5.82 29.40
N LEU E 78 32.13 5.17 30.52
CA LEU E 78 32.56 3.81 30.79
C LEU E 78 31.30 2.99 30.78
N LYS E 79 31.36 1.83 30.13
CA LYS E 79 30.20 0.96 30.08
C LYS E 79 30.60 -0.45 30.45
N ILE E 80 29.65 -1.17 31.00
CA ILE E 80 29.85 -2.56 31.38
C ILE E 80 28.71 -3.29 30.69
N SER E 81 29.06 -4.21 29.77
CA SER E 81 28.03 -4.95 29.05
C SER E 81 27.09 -5.65 30.03
N ARG E 82 27.62 -6.44 30.95
CA ARG E 82 26.78 -7.11 31.93
C ARG E 82 27.50 -7.33 33.25
N VAL E 83 27.10 -6.53 34.23
CA VAL E 83 27.69 -6.55 35.57
C VAL E 83 27.76 -7.92 36.23
N GLU E 84 28.87 -8.14 36.92
CA GLU E 84 29.12 -9.36 37.68
C GLU E 84 29.40 -8.93 39.10
N ALA E 85 29.30 -9.85 40.04
CA ALA E 85 29.51 -9.55 41.46
C ALA E 85 30.81 -8.81 41.76
N GLU E 86 31.91 -9.23 41.14
CA GLU E 86 33.20 -8.60 41.39
C GLU E 86 33.40 -7.24 40.73
N ASP E 87 32.36 -6.69 40.12
CA ASP E 87 32.50 -5.38 39.50
C ASP E 87 32.21 -4.26 40.48
N LEU E 88 31.78 -4.61 41.69
CA LEU E 88 31.46 -3.62 42.69
C LEU E 88 32.71 -2.95 43.24
N GLY E 89 32.59 -1.67 43.56
CA GLY E 89 33.71 -0.90 44.07
C GLY E 89 33.57 0.51 43.55
N VAL E 90 34.62 1.33 43.64
CA VAL E 90 34.54 2.70 43.15
C VAL E 90 35.34 2.87 41.86
N TYR E 91 34.68 3.38 40.82
CA TYR E 91 35.34 3.61 39.55
C TYR E 91 35.88 5.03 39.51
N TYR E 92 37.08 5.18 38.97
CA TYR E 92 37.71 6.48 38.85
C TYR E 92 38.20 6.73 37.45
N CYS E 93 38.23 7.99 37.03
CA CYS E 93 38.80 8.32 35.73
C CYS E 93 40.02 9.14 36.09
N TRP E 94 41.06 9.03 35.27
CA TRP E 94 42.31 9.72 35.53
C TRP E 94 42.84 10.26 34.22
N GLN E 95 43.12 11.56 34.18
CA GLN E 95 43.65 12.19 32.97
C GLN E 95 45.14 12.49 33.07
N GLY E 96 45.88 12.14 32.04
CA GLY E 96 47.31 12.38 32.02
C GLY E 96 47.71 13.28 30.87
N THR E 97 46.79 14.12 30.42
CA THR E 97 47.07 15.01 29.30
C THR E 97 47.55 16.38 29.80
N HIS E 98 47.00 16.82 30.93
CA HIS E 98 47.35 18.11 31.51
C HIS E 98 47.98 18.08 32.90
N PHE E 99 49.20 18.60 32.98
CA PHE E 99 49.92 18.65 34.24
C PHE E 99 49.32 19.78 35.09
N PRO E 100 49.00 19.50 36.37
CA PRO E 100 49.15 18.24 37.10
C PRO E 100 48.01 17.25 36.84
N TYR E 101 48.35 15.97 36.74
CA TYR E 101 47.35 14.95 36.47
C TYR E 101 46.38 14.79 37.64
N THR E 102 45.10 14.73 37.32
CA THR E 102 44.04 14.65 38.33
C THR E 102 43.02 13.55 38.12
N PHE E 103 42.42 13.08 39.20
CA PHE E 103 41.41 12.03 39.14
C PHE E 103 40.01 12.60 39.32
N GLY E 104 39.01 11.83 38.91
CA GLY E 104 37.63 12.27 39.09
C GLY E 104 37.25 11.97 40.53
N GLY E 105 36.03 12.30 40.93
CA GLY E 105 35.61 12.04 42.29
C GLY E 105 35.21 10.60 42.57
N GLY E 106 35.17 9.80 41.51
CA GLY E 106 34.80 8.40 41.66
C GLY E 106 33.30 8.14 41.62
N THR E 107 32.94 6.94 41.20
CA THR E 107 31.53 6.55 41.12
C THR E 107 31.43 5.16 41.75
N LYS E 108 30.55 5.02 42.74
CA LYS E 108 30.38 3.74 43.43
C LYS E 108 29.26 2.88 42.86
N LEU E 109 29.62 1.67 42.45
CA LEU E 109 28.66 0.73 41.89
C LEU E 109 28.25 -0.32 42.89
N GLU E 110 26.97 -0.38 43.23
CA GLU E 110 26.44 -1.37 44.17
C GLU E 110 25.67 -2.44 43.34
N ILE E 111 25.66 -3.71 43.75
CA ILE E 111 25.00 -4.82 43.04
C ILE E 111 23.63 -5.16 43.62
N LYS E 112 22.67 -5.46 42.75
CA LYS E 112 21.31 -5.80 43.19
C LYS E 112 21.14 -7.32 43.20
N ARG E 113 20.73 -7.85 44.35
CA ARG E 113 20.53 -9.28 44.49
C ARG E 113 19.31 -9.56 45.34
N ALA E 114 18.92 -10.83 45.44
CA ALA E 114 17.77 -11.22 46.22
C ALA E 114 17.95 -10.85 47.70
N ASP E 115 16.85 -10.60 48.40
CA ASP E 115 16.95 -10.25 49.81
C ASP E 115 17.59 -11.41 50.57
N ALA E 116 18.24 -11.09 51.69
CA ALA E 116 18.86 -12.11 52.52
C ALA E 116 18.85 -11.63 53.96
N ALA E 117 18.26 -12.44 54.83
CA ALA E 117 18.18 -12.11 56.25
C ALA E 117 19.55 -12.24 56.90
N PRO E 118 19.79 -11.48 57.97
CA PRO E 118 21.09 -11.56 58.65
C PRO E 118 21.22 -12.73 59.63
N THR E 119 22.43 -13.26 59.73
CA THR E 119 22.73 -14.33 60.67
C THR E 119 23.30 -13.54 61.83
N VAL E 120 22.52 -13.43 62.90
CA VAL E 120 22.90 -12.67 64.09
C VAL E 120 23.50 -13.56 65.17
N SER E 121 24.53 -13.04 65.83
CA SER E 121 25.21 -13.73 66.92
C SER E 121 25.56 -12.68 67.96
N ILE E 122 25.44 -13.03 69.24
CA ILE E 122 25.77 -12.10 70.31
C ILE E 122 26.90 -12.66 71.19
N PHE E 123 27.73 -11.78 71.71
CA PHE E 123 28.87 -12.22 72.53
C PHE E 123 29.11 -11.40 73.80
N PRO E 124 29.17 -12.08 74.95
CA PRO E 124 29.38 -11.42 76.23
C PRO E 124 30.82 -10.98 76.30
N PRO E 125 31.17 -10.07 77.22
CA PRO E 125 32.56 -9.61 77.33
C PRO E 125 33.44 -10.81 77.63
N SER E 126 34.74 -10.65 77.44
CA SER E 126 35.66 -11.74 77.73
C SER E 126 36.18 -11.62 79.15
N SER E 127 36.53 -12.75 79.74
CA SER E 127 37.07 -12.76 81.10
C SER E 127 38.24 -11.78 81.17
N GLU E 128 39.10 -11.86 80.15
CA GLU E 128 40.27 -11.02 80.07
C GLU E 128 39.96 -9.54 80.06
N GLN E 129 39.01 -9.13 79.22
CA GLN E 129 38.65 -7.72 79.15
C GLN E 129 38.07 -7.29 80.49
N LEU E 130 37.31 -8.17 81.11
CA LEU E 130 36.71 -7.86 82.40
C LEU E 130 37.78 -7.49 83.42
N THR E 131 38.72 -8.40 83.66
CA THR E 131 39.79 -8.15 84.64
C THR E 131 40.54 -6.85 84.37
N SER E 132 40.38 -6.29 83.17
CA SER E 132 41.06 -5.04 82.82
C SER E 132 40.23 -3.81 83.18
N GLY E 133 38.99 -4.04 83.63
CA GLY E 133 38.13 -2.94 84.01
C GLY E 133 37.19 -2.49 82.91
N GLY E 134 37.10 -3.28 81.85
CA GLY E 134 36.21 -2.93 80.75
C GLY E 134 35.16 -3.99 80.46
N ALA E 135 34.17 -3.63 79.66
CA ALA E 135 33.11 -4.56 79.30
C ALA E 135 32.50 -4.23 77.94
N SER E 136 32.65 -5.14 76.98
CA SER E 136 32.11 -4.94 75.64
C SER E 136 31.25 -6.11 75.24
N VAL E 137 30.02 -5.81 74.81
CA VAL E 137 29.09 -6.83 74.36
C VAL E 137 29.04 -6.66 72.84
N VAL E 138 29.59 -7.64 72.13
CA VAL E 138 29.63 -7.58 70.66
C VAL E 138 28.54 -8.41 69.99
N CYS E 139 27.94 -7.84 68.94
CA CYS E 139 26.88 -8.50 68.20
C CYS E 139 27.15 -8.40 66.69
N PHE E 140 27.08 -9.54 66.00
CA PHE E 140 27.31 -9.58 64.56
C PHE E 140 26.06 -9.87 63.73
N LEU E 141 25.92 -9.17 62.61
CA LEU E 141 24.80 -9.38 61.71
C LEU E 141 25.44 -9.58 60.34
N ASN E 142 25.67 -10.83 59.97
CA ASN E 142 26.35 -11.14 58.72
C ASN E 142 25.56 -11.55 57.48
N ASN E 143 26.13 -11.20 56.32
CA ASN E 143 25.58 -11.53 55.02
C ASN E 143 24.12 -11.24 54.78
N PHE E 144 23.75 -9.97 54.79
CA PHE E 144 22.37 -9.61 54.56
C PHE E 144 22.24 -8.64 53.39
N TYR E 145 21.04 -8.58 52.84
CA TYR E 145 20.76 -7.66 51.75
C TYR E 145 19.28 -7.35 51.77
N PRO E 146 18.91 -6.08 51.56
CA PRO E 146 19.78 -4.92 51.31
C PRO E 146 20.49 -4.34 52.53
N LYS E 147 21.40 -3.40 52.27
CA LYS E 147 22.22 -2.73 53.28
C LYS E 147 21.46 -2.14 54.47
N ASP E 148 20.24 -1.67 54.21
CA ASP E 148 19.43 -1.08 55.26
C ASP E 148 19.11 -2.07 56.36
N ILE E 149 19.45 -1.71 57.59
CA ILE E 149 19.19 -2.55 58.75
C ILE E 149 19.31 -1.71 60.01
N ASN E 150 18.47 -1.98 61.00
CA ASN E 150 18.46 -1.24 62.26
C ASN E 150 18.65 -2.16 63.47
N VAL E 151 19.72 -1.93 64.23
CA VAL E 151 19.98 -2.74 65.41
C VAL E 151 19.71 -1.94 66.66
N LYS E 152 19.07 -2.56 67.64
CA LYS E 152 18.74 -1.92 68.92
C LYS E 152 19.25 -2.73 70.11
N TRP E 153 19.83 -2.06 71.11
CA TRP E 153 20.33 -2.73 72.32
C TRP E 153 19.40 -2.54 73.52
N LYS E 154 19.21 -3.62 74.27
CA LYS E 154 18.36 -3.59 75.46
C LYS E 154 19.04 -4.23 76.66
N ILE E 155 19.18 -3.47 77.73
CA ILE E 155 19.78 -3.96 78.98
C ILE E 155 18.64 -4.17 79.97
N ASP E 156 18.29 -5.43 80.19
CA ASP E 156 17.19 -5.78 81.08
C ASP E 156 15.88 -5.13 80.61
N GLY E 157 15.63 -5.20 79.30
CA GLY E 157 14.41 -4.63 78.75
C GLY E 157 14.45 -3.17 78.33
N SER E 158 15.31 -2.36 78.94
CA SER E 158 15.41 -0.96 78.59
C SER E 158 16.39 -0.71 77.43
N GLU E 159 15.98 0.13 76.49
CA GLU E 159 16.82 0.43 75.33
C GLU E 159 18.05 1.25 75.73
N ARG E 160 19.19 0.91 75.16
CA ARG E 160 20.43 1.61 75.45
C ARG E 160 21.06 2.07 74.16
N GLN E 161 21.32 3.36 74.07
CA GLN E 161 21.91 3.94 72.86
C GLN E 161 23.32 4.51 73.06
N ASN E 162 23.60 5.00 74.26
CA ASN E 162 24.91 5.56 74.53
C ASN E 162 25.98 4.49 74.71
N GLY E 163 27.16 4.74 74.16
CA GLY E 163 28.24 3.78 74.29
C GLY E 163 28.18 2.68 73.25
N VAL E 164 27.30 2.83 72.27
CA VAL E 164 27.16 1.86 71.20
C VAL E 164 27.95 2.32 69.97
N LEU E 165 28.68 1.40 69.36
CA LEU E 165 29.47 1.71 68.17
C LEU E 165 29.22 0.66 67.09
N ASN E 166 28.94 1.11 65.88
CA ASN E 166 28.67 0.24 64.75
C ASN E 166 29.67 0.37 63.60
N SER E 167 29.81 -0.70 62.82
CA SER E 167 30.75 -0.71 61.70
C SER E 167 30.24 -1.68 60.64
N TRP E 168 30.15 -1.20 59.40
CA TRP E 168 29.64 -2.00 58.29
C TRP E 168 30.76 -2.30 57.29
N THR E 169 30.66 -3.46 56.65
CA THR E 169 31.64 -3.87 55.64
C THR E 169 31.02 -3.44 54.31
N ASP E 170 31.86 -3.13 53.31
CA ASP E 170 31.36 -2.74 52.00
C ASP E 170 30.67 -3.98 51.44
N GLN E 171 29.93 -3.80 50.35
CA GLN E 171 29.25 -4.95 49.77
C GLN E 171 30.29 -6.02 49.45
N ASP E 172 29.98 -7.27 49.73
CA ASP E 172 30.90 -8.38 49.46
C ASP E 172 30.99 -8.60 47.94
N SER E 173 32.21 -8.68 47.42
CA SER E 173 32.39 -8.84 45.97
C SER E 173 32.12 -10.26 45.45
N LYS E 174 31.75 -11.16 46.35
CA LYS E 174 31.46 -12.53 45.92
C LYS E 174 29.95 -12.84 45.97
N ASP E 175 29.32 -12.61 47.13
CA ASP E 175 27.89 -12.89 47.26
C ASP E 175 27.02 -11.63 47.24
N SER E 176 27.66 -10.47 47.18
CA SER E 176 26.93 -9.20 47.14
C SER E 176 26.14 -8.86 48.42
N THR E 177 26.46 -9.51 49.53
CA THR E 177 25.75 -9.23 50.79
C THR E 177 26.53 -8.21 51.61
N TYR E 178 25.93 -7.75 52.69
CA TYR E 178 26.56 -6.80 53.59
C TYR E 178 26.61 -7.41 54.97
N SER E 179 27.54 -6.94 55.77
CA SER E 179 27.68 -7.41 57.14
C SER E 179 27.88 -6.22 58.06
N MET E 180 27.59 -6.40 59.34
CA MET E 180 27.72 -5.31 60.29
C MET E 180 27.98 -5.82 61.70
N SER E 181 28.69 -5.05 62.49
CA SER E 181 28.98 -5.44 63.86
C SER E 181 28.53 -4.27 64.74
N SER E 182 27.80 -4.57 65.81
CA SER E 182 27.35 -3.55 66.75
C SER E 182 27.98 -3.86 68.08
N THR E 183 28.62 -2.86 68.69
CA THR E 183 29.26 -3.11 69.97
C THR E 183 28.84 -2.15 71.07
N LEU E 184 28.46 -2.74 72.21
CA LEU E 184 28.02 -1.98 73.38
C LEU E 184 29.14 -2.04 74.42
N THR E 185 29.68 -0.87 74.75
CA THR E 185 30.76 -0.79 75.72
C THR E 185 30.24 -0.13 77.00
N LEU E 186 30.53 -0.76 78.14
CA LEU E 186 30.10 -0.28 79.45
C LEU E 186 31.23 -0.43 80.46
N THR E 187 31.11 0.24 81.60
CA THR E 187 32.12 0.11 82.64
C THR E 187 31.87 -1.28 83.22
N LYS E 188 32.92 -1.91 83.74
CA LYS E 188 32.77 -3.24 84.33
C LYS E 188 31.66 -3.23 85.38
N ASP E 189 31.59 -2.16 86.17
CA ASP E 189 30.59 -2.04 87.21
C ASP E 189 29.16 -1.97 86.69
N GLU E 190 28.92 -1.15 85.68
CA GLU E 190 27.58 -1.04 85.14
C GLU E 190 27.17 -2.36 84.50
N TYR E 191 28.13 -3.05 83.91
CA TYR E 191 27.83 -4.33 83.28
C TYR E 191 27.37 -5.36 84.31
N GLU E 192 28.08 -5.44 85.44
CA GLU E 192 27.76 -6.40 86.49
C GLU E 192 26.52 -6.04 87.30
N ARG E 193 25.93 -4.87 87.04
CA ARG E 193 24.72 -4.43 87.74
C ARG E 193 23.46 -4.86 87.02
N HIS E 194 23.61 -5.48 85.86
CA HIS E 194 22.45 -5.92 85.10
C HIS E 194 22.57 -7.38 84.67
N ASN E 195 21.45 -7.97 84.25
CA ASN E 195 21.47 -9.38 83.92
C ASN E 195 21.14 -9.74 82.48
N SER E 196 20.14 -9.07 81.91
CA SER E 196 19.74 -9.36 80.54
C SER E 196 20.40 -8.43 79.53
N TYR E 197 20.93 -9.01 78.46
CA TYR E 197 21.58 -8.25 77.41
C TYR E 197 21.05 -8.73 76.07
N THR E 198 20.36 -7.85 75.36
CA THR E 198 19.77 -8.25 74.10
C THR E 198 20.18 -7.42 72.89
N CYS E 199 20.28 -8.12 71.75
CA CYS E 199 20.64 -7.50 70.49
C CYS E 199 19.43 -7.68 69.56
N GLU E 200 18.81 -6.57 69.16
CA GLU E 200 17.62 -6.63 68.29
C GLU E 200 17.87 -6.09 66.90
N ALA E 201 17.61 -6.94 65.91
CA ALA E 201 17.80 -6.56 64.52
C ALA E 201 16.50 -6.49 63.71
N THR E 202 16.29 -5.35 63.02
CA THR E 202 15.11 -5.18 62.19
C THR E 202 15.60 -5.07 60.75
N HIS E 203 15.00 -5.85 59.86
CA HIS E 203 15.38 -5.87 58.45
C HIS E 203 14.18 -6.31 57.60
N LYS E 204 14.05 -5.76 56.40
CA LYS E 204 12.90 -6.09 55.55
C LYS E 204 12.65 -7.56 55.28
N THR E 205 13.56 -8.43 55.69
CA THR E 205 13.41 -9.87 55.47
C THR E 205 12.47 -10.55 56.47
N SER E 206 11.97 -9.79 57.43
CA SER E 206 11.05 -10.31 58.45
C SER E 206 10.41 -9.12 59.14
N THR E 207 9.09 -9.14 59.29
CA THR E 207 8.42 -8.02 59.94
C THR E 207 8.70 -8.03 61.45
N SER E 208 9.03 -9.20 61.97
CA SER E 208 9.35 -9.31 63.39
C SER E 208 10.87 -9.28 63.51
N PRO E 209 11.41 -8.43 64.39
CA PRO E 209 12.86 -8.33 64.57
C PRO E 209 13.57 -9.62 64.99
N ILE E 210 14.81 -9.78 64.53
CA ILE E 210 15.60 -10.94 64.89
C ILE E 210 16.22 -10.61 66.24
N VAL E 211 15.97 -11.46 67.23
CA VAL E 211 16.46 -11.21 68.58
C VAL E 211 17.46 -12.24 69.09
N LYS E 212 18.52 -11.74 69.71
CA LYS E 212 19.55 -12.59 70.30
C LYS E 212 19.93 -11.99 71.65
N SER E 213 20.01 -12.82 72.67
CA SER E 213 20.35 -12.33 74.01
C SER E 213 20.93 -13.38 74.93
N PHE E 214 21.33 -12.94 76.12
CA PHE E 214 21.89 -13.82 77.12
C PHE E 214 21.81 -13.15 78.47
N ASN E 215 21.88 -13.94 79.52
CA ASN E 215 21.85 -13.43 80.87
C ASN E 215 23.12 -13.90 81.56
N ARG E 216 23.74 -13.02 82.34
CA ARG E 216 24.95 -13.40 83.04
C ARG E 216 24.62 -14.64 83.87
N ASN E 217 25.64 -15.46 84.10
CA ASN E 217 25.44 -16.69 84.88
C ASN E 217 24.64 -17.74 84.13
N GLU E 218 25.35 -18.55 83.36
CA GLU E 218 24.77 -19.62 82.57
C GLU E 218 25.83 -20.20 81.62
N CYS E 219 26.12 -19.48 80.54
CA CYS E 219 27.11 -19.92 79.55
C CYS E 219 27.33 -18.87 78.44
N ARG F 1 54.83 -10.66 35.26
CA ARG F 1 54.34 -9.25 35.26
C ARG F 1 55.03 -8.37 36.31
N VAL F 2 54.70 -7.08 36.27
CA VAL F 2 55.27 -6.09 37.20
C VAL F 2 54.42 -5.99 38.46
N GLN F 3 55.08 -5.96 39.63
CA GLN F 3 54.39 -5.85 40.90
C GLN F 3 55.12 -4.85 41.81
N LEU F 4 54.36 -3.96 42.42
CA LEU F 4 54.93 -2.97 43.30
C LEU F 4 54.54 -3.26 44.73
N GLN F 5 55.37 -2.82 45.66
CA GLN F 5 55.10 -3.02 47.09
C GLN F 5 55.65 -1.88 47.94
N GLN F 6 54.77 -1.19 48.66
CA GLN F 6 55.22 -0.08 49.49
C GLN F 6 55.57 -0.51 50.90
N SER F 7 56.42 0.28 51.51
CA SER F 7 56.81 0.04 52.89
C SER F 7 57.15 1.42 53.47
N GLY F 8 56.97 1.59 54.76
CA GLY F 8 57.29 2.87 55.37
C GLY F 8 56.68 2.95 56.74
N PRO F 9 56.81 4.10 57.42
CA PRO F 9 56.24 4.22 58.77
C PRO F 9 54.72 4.26 58.66
N GLY F 10 54.06 3.91 59.76
CA GLY F 10 52.60 3.94 59.77
C GLY F 10 52.19 5.19 60.49
N LEU F 11 53.10 5.70 61.32
CA LEU F 11 52.87 6.91 62.10
C LEU F 11 54.06 7.84 62.01
N VAL F 12 53.77 9.12 61.82
CA VAL F 12 54.79 10.15 61.72
C VAL F 12 54.26 11.35 62.49
N LYS F 13 55.14 12.06 63.18
CA LYS F 13 54.70 13.20 63.96
C LYS F 13 54.73 14.49 63.17
N PRO F 14 53.83 15.43 63.49
CA PRO F 14 53.74 16.71 62.80
C PRO F 14 55.09 17.42 62.68
N SER F 15 55.28 18.05 61.52
CA SER F 15 56.48 18.80 61.15
C SER F 15 57.67 17.93 60.72
N GLN F 16 57.55 16.61 60.87
CA GLN F 16 58.64 15.72 60.48
C GLN F 16 58.53 15.35 59.00
N SER F 17 59.52 14.59 58.52
CA SER F 17 59.54 14.16 57.12
C SER F 17 59.01 12.74 57.00
N LEU F 18 58.22 12.50 55.96
CA LEU F 18 57.64 11.18 55.69
C LEU F 18 58.60 10.54 54.68
N SER F 19 58.97 9.30 54.90
CA SER F 19 59.88 8.61 53.98
C SER F 19 59.29 7.25 53.59
N LEU F 20 58.95 7.06 52.31
CA LEU F 20 58.38 5.80 51.87
C LEU F 20 59.24 5.13 50.81
N THR F 21 59.14 3.81 50.72
CA THR F 21 59.91 3.05 49.74
C THR F 21 58.97 2.17 48.94
N CYS F 22 59.33 1.96 47.69
CA CYS F 22 58.54 1.10 46.82
C CYS F 22 59.48 0.15 46.12
N THR F 23 59.35 -1.14 46.45
CA THR F 23 60.16 -2.15 45.82
C THR F 23 59.41 -2.72 44.62
N VAL F 24 60.09 -2.72 43.49
CA VAL F 24 59.54 -3.22 42.22
C VAL F 24 60.16 -4.56 41.82
N THR F 25 59.34 -5.51 41.39
CA THR F 25 59.82 -6.82 40.95
C THR F 25 59.17 -7.16 39.62
N GLY F 26 59.86 -7.97 38.81
CA GLY F 26 59.35 -8.39 37.52
C GLY F 26 59.59 -7.43 36.36
N TYR F 27 60.38 -6.39 36.58
CA TYR F 27 60.66 -5.43 35.54
C TYR F 27 61.70 -4.43 36.02
N SER F 28 62.57 -3.98 35.12
CA SER F 28 63.61 -3.02 35.48
C SER F 28 63.00 -1.62 35.53
N ILE F 29 63.33 -0.84 36.57
CA ILE F 29 62.78 0.50 36.68
C ILE F 29 63.38 1.46 35.65
N THR F 30 64.48 1.06 35.03
CA THR F 30 65.12 1.88 34.01
C THR F 30 64.56 1.59 32.64
N SER F 31 63.37 1.00 32.58
CA SER F 31 62.75 0.70 31.29
C SER F 31 61.26 0.97 31.19
N ASP F 32 60.89 1.73 30.17
CA ASP F 32 59.49 2.01 29.83
C ASP F 32 58.51 2.74 30.74
N PHE F 33 58.48 2.43 32.02
CA PHE F 33 57.50 3.06 32.90
C PHE F 33 57.72 4.44 33.48
N ALA F 34 56.69 4.88 34.20
CA ALA F 34 56.66 6.13 34.91
C ALA F 34 56.31 5.60 36.31
N TRP F 35 57.22 5.78 37.27
CA TRP F 35 56.96 5.30 38.62
C TRP F 35 56.35 6.39 39.48
N ASN F 36 55.05 6.25 39.70
CA ASN F 36 54.25 7.22 40.46
C ASN F 36 53.99 6.97 41.93
N TRP F 37 53.72 8.07 42.62
CA TRP F 37 53.35 8.05 44.01
C TRP F 37 52.01 8.75 43.98
N ILE F 38 50.97 8.07 44.46
CA ILE F 38 49.62 8.63 44.53
C ILE F 38 49.11 8.36 45.94
N ARG F 39 48.28 9.25 46.48
CA ARG F 39 47.74 9.03 47.82
C ARG F 39 46.23 9.18 47.84
N GLN F 40 45.61 8.45 48.75
CA GLN F 40 44.15 8.47 48.89
C GLN F 40 43.76 8.94 50.30
N PHE F 41 42.95 9.99 50.36
CA PHE F 41 42.51 10.55 51.63
C PHE F 41 41.30 9.84 52.18
N PRO F 42 40.95 10.14 53.43
CA PRO F 42 39.79 9.54 54.09
C PRO F 42 38.50 9.47 53.29
N GLY F 43 38.14 10.54 52.59
CA GLY F 43 36.92 10.51 51.82
C GLY F 43 37.06 9.79 50.48
N ASN F 44 38.20 9.12 50.30
CA ASN F 44 38.50 8.39 49.07
C ASN F 44 38.80 9.28 47.87
N LYS F 45 39.38 10.45 48.12
CA LYS F 45 39.73 11.36 47.04
C LYS F 45 41.17 11.00 46.68
N LEU F 46 41.46 10.85 45.39
CA LEU F 46 42.81 10.49 44.95
C LEU F 46 43.57 11.72 44.47
N GLU F 47 44.87 11.76 44.73
CA GLU F 47 45.72 12.86 44.30
C GLU F 47 47.05 12.34 43.76
N TRP F 48 47.45 12.84 42.59
CA TRP F 48 48.71 12.45 41.98
C TRP F 48 49.81 13.30 42.60
N MET F 49 50.81 12.66 43.20
CA MET F 49 51.93 13.36 43.84
C MET F 49 53.08 13.58 42.87
N GLY F 50 53.45 12.55 42.11
CA GLY F 50 54.54 12.70 41.17
C GLY F 50 55.10 11.40 40.67
N TYR F 51 56.12 11.49 39.82
CA TYR F 51 56.76 10.30 39.29
C TYR F 51 58.21 10.52 38.98
N ILE F 52 58.86 9.43 38.59
CA ILE F 52 60.23 9.43 38.15
C ILE F 52 60.14 8.31 37.12
N ASN F 53 60.50 8.61 35.87
CA ASN F 53 60.41 7.61 34.81
C ASN F 53 61.67 6.79 34.62
N TYR F 54 61.65 5.90 33.63
CA TYR F 54 62.77 5.02 33.37
C TYR F 54 64.14 5.71 33.21
N SER F 55 64.15 6.94 32.69
CA SER F 55 65.41 7.65 32.50
C SER F 55 65.81 8.52 33.67
N GLY F 56 65.04 8.47 34.74
CA GLY F 56 65.34 9.26 35.94
C GLY F 56 64.72 10.65 35.98
N PHE F 57 63.94 10.98 34.96
CA PHE F 57 63.30 12.29 34.90
C PHE F 57 62.18 12.38 35.93
N THR F 58 62.06 13.52 36.59
CA THR F 58 61.01 13.68 37.60
C THR F 58 60.00 14.79 37.32
N SER F 59 58.85 14.68 37.99
CA SER F 59 57.76 15.65 37.85
C SER F 59 56.84 15.51 39.06
N HIS F 60 56.52 16.61 39.72
CA HIS F 60 55.64 16.55 40.86
C HIS F 60 54.58 17.65 40.89
N ASN F 61 53.44 17.33 41.50
CA ASN F 61 52.30 18.23 41.62
C ASN F 61 52.66 19.52 42.38
N PRO F 62 52.23 20.68 41.87
CA PRO F 62 52.55 21.95 42.56
C PRO F 62 51.90 22.09 43.94
N SER F 63 50.87 21.30 44.21
CA SER F 63 50.20 21.37 45.51
C SER F 63 51.14 20.94 46.65
N LEU F 64 52.27 20.32 46.29
CA LEU F 64 53.23 19.85 47.28
C LEU F 64 54.54 20.62 47.17
N LYS F 65 54.53 21.72 46.43
CA LYS F 65 55.73 22.52 46.19
C LYS F 65 56.79 22.54 47.28
N SER F 66 58.03 22.30 46.86
CA SER F 66 59.19 22.30 47.74
C SER F 66 59.13 21.41 48.99
N ARG F 67 58.23 20.44 48.98
CA ARG F 67 58.11 19.53 50.14
C ARG F 67 58.34 18.11 49.67
N ILE F 68 58.25 17.90 48.36
CA ILE F 68 58.38 16.57 47.81
C ILE F 68 59.66 16.35 47.02
N SER F 69 60.15 15.12 47.07
CA SER F 69 61.35 14.71 46.35
C SER F 69 61.15 13.24 45.99
N ILE F 70 61.37 12.89 44.72
CA ILE F 70 61.20 11.51 44.31
C ILE F 70 62.49 11.00 43.67
N THR F 71 63.11 10.04 44.33
CA THR F 71 64.37 9.48 43.87
C THR F 71 64.28 7.98 43.69
N ARG F 72 65.35 7.40 43.17
CA ARG F 72 65.37 5.97 42.93
C ARG F 72 66.73 5.37 43.21
N ASP F 73 66.75 4.06 43.38
CA ASP F 73 67.97 3.30 43.64
C ASP F 73 67.94 2.14 42.63
N THR F 74 68.49 2.37 41.44
CA THR F 74 68.49 1.35 40.39
C THR F 74 69.16 0.04 40.81
N SER F 75 70.03 0.08 41.81
CA SER F 75 70.72 -1.12 42.28
C SER F 75 69.77 -2.10 42.97
N LYS F 76 68.83 -1.59 43.77
CA LYS F 76 67.88 -2.42 44.47
C LYS F 76 66.52 -2.35 43.78
N ASN F 77 66.49 -1.73 42.60
CA ASN F 77 65.26 -1.58 41.81
C ASN F 77 64.10 -0.98 42.64
N GLN F 78 64.39 0.07 43.40
CA GLN F 78 63.37 0.75 44.21
C GLN F 78 63.34 2.26 43.96
N PHE F 79 62.19 2.88 44.18
CA PHE F 79 62.13 4.33 44.09
C PHE F 79 61.54 4.81 45.41
N PHE F 80 61.67 6.10 45.69
CA PHE F 80 61.20 6.60 46.96
C PHE F 80 60.43 7.90 46.95
N LEU F 81 59.88 8.23 48.12
CA LEU F 81 59.14 9.46 48.30
C LEU F 81 59.67 10.12 49.55
N GLN F 82 59.86 11.43 49.51
CA GLN F 82 60.31 12.19 50.66
C GLN F 82 59.34 13.36 50.73
N LEU F 83 58.62 13.46 51.84
CA LEU F 83 57.67 14.55 52.01
C LEU F 83 58.01 15.27 53.30
N ASN F 84 58.48 16.51 53.18
CA ASN F 84 58.85 17.29 54.35
C ASN F 84 57.70 18.08 54.98
N SER F 85 57.88 18.44 56.24
CA SER F 85 56.91 19.24 56.99
C SER F 85 55.50 18.72 56.85
N VAL F 86 55.27 17.47 57.24
CA VAL F 86 53.93 16.91 57.14
C VAL F 86 53.07 17.48 58.25
N THR F 87 51.77 17.45 58.04
CA THR F 87 50.80 17.92 59.03
C THR F 87 49.71 16.87 59.00
N THR F 88 48.77 16.96 59.94
CA THR F 88 47.72 15.96 60.00
C THR F 88 46.98 15.82 58.66
N GLU F 89 47.01 16.87 57.83
CA GLU F 89 46.33 16.82 56.53
C GLU F 89 46.97 15.79 55.61
N ASP F 90 48.24 15.47 55.85
CA ASP F 90 48.93 14.50 55.02
C ASP F 90 48.53 13.06 55.32
N THR F 91 47.67 12.85 56.32
CA THR F 91 47.24 11.50 56.66
C THR F 91 46.45 10.92 55.51
N ALA F 92 46.93 9.78 54.99
CA ALA F 92 46.27 9.13 53.86
C ALA F 92 46.90 7.79 53.55
N THR F 93 46.40 7.13 52.51
CA THR F 93 46.95 5.85 52.07
C THR F 93 47.84 6.14 50.86
N TYR F 94 49.13 5.82 50.97
CA TYR F 94 50.07 6.07 49.90
C TYR F 94 50.33 4.86 49.03
N TYR F 95 50.17 5.07 47.73
CA TYR F 95 50.37 4.02 46.74
C TYR F 95 51.49 4.36 45.78
N CYS F 96 52.11 3.32 45.23
CA CYS F 96 53.09 3.53 44.19
C CYS F 96 52.47 2.83 43.00
N ALA F 97 52.69 3.37 41.80
CA ALA F 97 52.11 2.80 40.62
C ALA F 97 52.93 3.11 39.40
N GLY F 98 53.06 2.11 38.54
CA GLY F 98 53.80 2.27 37.32
C GLY F 98 52.89 2.18 36.14
N LEU F 99 53.02 3.15 35.25
CA LEU F 99 52.23 3.16 34.02
C LEU F 99 53.24 3.37 32.90
N LEU F 100 52.98 2.79 31.74
CA LEU F 100 53.86 2.95 30.59
C LEU F 100 53.95 4.40 30.17
N TRP F 101 55.17 4.90 30.08
CA TRP F 101 55.41 6.27 29.68
C TRP F 101 54.70 6.67 28.40
N TYR F 102 54.85 5.83 27.37
CA TYR F 102 54.27 6.12 26.06
C TYR F 102 52.77 6.29 25.95
N ASP F 103 52.01 5.32 26.42
CA ASP F 103 50.56 5.41 26.29
C ASP F 103 49.76 5.38 27.59
N GLY F 104 50.42 5.09 28.71
CA GLY F 104 49.70 5.05 29.97
C GLY F 104 49.04 3.73 30.33
N GLY F 105 49.37 2.67 29.58
CA GLY F 105 48.79 1.36 29.83
C GLY F 105 49.61 0.45 30.75
N ALA F 106 49.12 -0.78 30.94
CA ALA F 106 49.78 -1.78 31.79
C ALA F 106 50.07 -1.23 33.19
N GLY F 107 49.18 -0.39 33.70
CA GLY F 107 49.37 0.20 35.02
C GLY F 107 49.25 -0.81 36.15
N SER F 108 50.17 -0.75 37.12
CA SER F 108 50.18 -1.64 38.28
C SER F 108 50.45 -0.86 39.56
N TRP F 109 49.58 -1.06 40.56
CA TRP F 109 49.70 -0.39 41.85
C TRP F 109 50.13 -1.36 42.93
N GLY F 110 50.75 -0.81 43.97
CA GLY F 110 51.14 -1.62 45.10
C GLY F 110 49.89 -1.74 45.91
N GLN F 111 50.03 -2.31 47.05
CA GLN F 111 48.86 -2.47 47.86
C GLN F 111 48.50 -1.22 48.63
N GLY F 112 49.48 -0.33 48.81
CA GLY F 112 49.22 0.89 49.54
C GLY F 112 49.68 0.76 50.97
N THR F 113 50.04 1.89 51.57
CA THR F 113 50.50 1.88 52.95
C THR F 113 49.89 3.06 53.69
N LEU F 114 49.21 2.76 54.78
CA LEU F 114 48.58 3.81 55.54
C LEU F 114 49.59 4.68 56.27
N VAL F 115 49.39 5.98 56.20
CA VAL F 115 50.25 6.96 56.85
C VAL F 115 49.42 7.90 57.71
N THR F 116 49.74 7.95 59.00
CA THR F 116 49.03 8.80 59.95
C THR F 116 49.95 9.87 60.53
N VAL F 117 49.47 11.11 60.49
CA VAL F 117 50.20 12.25 61.02
C VAL F 117 49.46 12.66 62.29
N SER F 118 50.02 12.28 63.42
CA SER F 118 49.42 12.58 64.70
C SER F 118 50.46 12.65 65.82
N ALA F 119 50.10 13.34 66.89
CA ALA F 119 50.98 13.45 68.05
C ALA F 119 50.76 12.26 68.95
N ALA F 120 49.57 11.67 68.88
CA ALA F 120 49.21 10.51 69.70
C ALA F 120 50.32 9.47 69.69
N LYS F 121 50.50 8.78 70.81
CA LYS F 121 51.55 7.78 70.90
C LYS F 121 51.11 6.38 70.52
N THR F 122 52.06 5.62 70.00
CA THR F 122 51.79 4.26 69.57
C THR F 122 51.37 3.42 70.77
N THR F 123 50.25 2.71 70.63
CA THR F 123 49.77 1.88 71.71
C THR F 123 49.45 0.49 71.17
N ALA F 124 50.03 -0.55 71.77
CA ALA F 124 49.74 -1.90 71.33
C ALA F 124 48.26 -2.20 71.63
N PRO F 125 47.67 -3.15 70.90
CA PRO F 125 46.26 -3.52 71.10
C PRO F 125 46.04 -4.62 72.13
N SER F 126 44.78 -4.77 72.55
CA SER F 126 44.38 -5.80 73.49
C SER F 126 43.52 -6.74 72.65
N VAL F 127 43.70 -8.04 72.84
CA VAL F 127 42.92 -9.00 72.05
C VAL F 127 42.13 -9.93 72.95
N TYR F 128 40.81 -9.76 72.94
CA TYR F 128 39.93 -10.57 73.76
C TYR F 128 39.19 -11.56 72.88
N PRO F 129 39.11 -12.82 73.30
CA PRO F 129 38.40 -13.85 72.52
C PRO F 129 36.89 -13.80 72.74
N LEU F 130 36.13 -14.13 71.71
CA LEU F 130 34.68 -14.12 71.80
C LEU F 130 34.07 -15.49 71.54
N ALA F 131 33.76 -16.20 72.61
CA ALA F 131 33.15 -17.52 72.52
C ALA F 131 31.65 -17.35 72.64
N PRO F 132 30.88 -18.24 72.01
CA PRO F 132 29.42 -18.14 72.08
C PRO F 132 28.85 -18.36 73.47
N VAL F 133 27.76 -19.11 73.48
CA VAL F 133 27.06 -19.48 74.70
C VAL F 133 26.80 -20.99 74.55
N CYS F 134 25.65 -21.47 75.02
CA CYS F 134 25.32 -22.89 74.91
C CYS F 134 24.03 -23.06 74.09
N GLY F 135 23.43 -21.92 73.71
CA GLY F 135 22.23 -21.93 72.92
C GLY F 135 22.53 -21.91 71.43
N ASP F 136 23.75 -21.51 71.07
CA ASP F 136 24.16 -21.48 69.70
C ASP F 136 25.21 -22.56 69.41
N THR F 137 25.64 -23.26 70.45
CA THR F 137 26.59 -24.37 70.29
C THR F 137 25.74 -25.64 70.13
N THR F 138 24.46 -25.42 69.85
CA THR F 138 23.48 -26.46 69.60
C THR F 138 22.55 -25.96 68.51
N GLY F 139 22.95 -26.18 67.26
CA GLY F 139 22.17 -25.73 66.12
C GLY F 139 22.89 -25.90 64.79
N SER F 140 22.38 -25.20 63.78
CA SER F 140 22.94 -25.24 62.42
C SER F 140 24.45 -25.05 62.36
N SER F 141 24.91 -23.81 62.54
CA SER F 141 26.33 -23.50 62.51
C SER F 141 26.72 -22.74 63.77
N VAL F 142 27.97 -22.30 63.83
CA VAL F 142 28.45 -21.55 64.99
C VAL F 142 29.32 -20.38 64.59
N THR F 143 29.16 -19.27 65.30
CA THR F 143 29.96 -18.09 65.01
C THR F 143 30.83 -17.76 66.20
N LEU F 144 32.12 -17.63 65.95
CA LEU F 144 33.12 -17.29 66.96
C LEU F 144 33.62 -15.89 66.63
N GLY F 145 34.19 -15.20 67.61
CA GLY F 145 34.68 -13.86 67.37
C GLY F 145 36.00 -13.50 67.99
N CYS F 146 36.46 -12.28 67.71
CA CYS F 146 37.73 -11.78 68.21
C CYS F 146 37.66 -10.26 68.33
N LEU F 147 37.90 -9.75 69.52
CA LEU F 147 37.83 -8.31 69.76
C LEU F 147 39.22 -7.71 69.95
N VAL F 148 39.53 -6.69 69.18
CA VAL F 148 40.82 -6.01 69.24
C VAL F 148 40.53 -4.59 69.68
N LYS F 149 40.87 -4.24 70.91
CA LYS F 149 40.56 -2.93 71.41
C LYS F 149 41.74 -2.04 71.83
N GLY F 150 41.52 -0.73 71.71
CA GLY F 150 42.49 0.28 72.11
C GLY F 150 43.92 0.26 71.58
N TYR F 151 44.09 0.50 70.29
CA TYR F 151 45.44 0.53 69.74
C TYR F 151 45.59 1.78 68.86
N PHE F 152 46.83 2.10 68.52
CA PHE F 152 47.15 3.24 67.68
C PHE F 152 48.59 3.17 67.23
N PRO F 153 48.86 3.49 65.96
CA PRO F 153 47.91 3.90 64.92
C PRO F 153 47.45 2.67 64.14
N GLU F 154 46.67 2.92 63.09
CA GLU F 154 46.21 1.84 62.22
C GLU F 154 47.42 1.44 61.36
N PRO F 155 47.41 0.21 60.83
CA PRO F 155 46.33 -0.77 60.99
C PRO F 155 46.83 -1.95 61.81
N VAL F 156 46.02 -2.99 61.80
CA VAL F 156 46.34 -4.25 62.45
C VAL F 156 45.89 -5.24 61.39
N THR F 157 46.63 -6.33 61.21
CA THR F 157 46.19 -7.32 60.24
C THR F 157 45.75 -8.48 61.10
N LEU F 158 44.54 -8.99 60.84
CA LEU F 158 43.96 -10.07 61.62
C LEU F 158 43.68 -11.30 60.79
N THR F 159 44.05 -12.47 61.33
CA THR F 159 43.84 -13.73 60.61
C THR F 159 43.36 -14.80 61.56
N TRP F 160 42.80 -15.88 61.01
CA TRP F 160 42.32 -17.00 61.81
C TRP F 160 43.19 -18.21 61.45
N ASN F 161 43.73 -18.87 62.48
CA ASN F 161 44.59 -20.02 62.29
C ASN F 161 45.74 -19.65 61.36
N SER F 162 46.38 -18.53 61.66
CA SER F 162 47.50 -18.03 60.89
C SER F 162 47.26 -17.87 59.40
N GLY F 163 45.98 -17.86 59.00
CA GLY F 163 45.67 -17.68 57.60
C GLY F 163 45.12 -18.87 56.83
N SER F 164 44.97 -20.01 57.49
CA SER F 164 44.44 -21.19 56.81
C SER F 164 42.91 -21.18 56.80
N LEU F 165 42.31 -20.45 57.74
CA LEU F 165 40.85 -20.33 57.82
C LEU F 165 40.48 -18.98 57.21
N SER F 166 40.15 -18.99 55.93
CA SER F 166 39.81 -17.79 55.18
C SER F 166 38.32 -17.56 54.93
N SER F 167 37.59 -18.64 54.66
CA SER F 167 36.17 -18.52 54.38
C SER F 167 35.32 -18.27 55.63
N GLY F 168 34.13 -17.73 55.40
CA GLY F 168 33.23 -17.44 56.49
C GLY F 168 33.82 -16.46 57.46
N VAL F 169 34.67 -15.55 56.97
CA VAL F 169 35.31 -14.58 57.81
C VAL F 169 34.87 -13.15 57.50
N HIS F 170 34.69 -12.35 58.54
CA HIS F 170 34.32 -10.95 58.40
C HIS F 170 35.12 -10.10 59.36
N THR F 171 35.94 -9.22 58.83
CA THR F 171 36.74 -8.34 59.67
C THR F 171 36.19 -6.95 59.44
N PHE F 172 35.60 -6.37 60.47
CA PHE F 172 35.01 -5.04 60.34
C PHE F 172 35.97 -3.87 60.46
N PRO F 173 35.70 -2.79 59.71
CA PRO F 173 36.55 -1.60 59.74
C PRO F 173 36.67 -1.12 61.19
N ALA F 174 37.85 -0.62 61.55
CA ALA F 174 38.06 -0.12 62.89
C ALA F 174 37.34 1.20 63.15
N VAL F 175 36.98 1.44 64.41
CA VAL F 175 36.33 2.68 64.81
C VAL F 175 37.21 3.39 65.83
N LEU F 176 37.47 4.67 65.59
CA LEU F 176 38.31 5.47 66.49
C LEU F 176 37.52 6.00 67.67
N GLN F 177 37.96 5.59 68.87
CA GLN F 177 37.35 5.99 70.16
C GLN F 177 38.46 6.33 71.17
N SER F 178 38.36 7.49 71.82
CA SER F 178 39.38 7.86 72.80
C SER F 178 40.75 7.83 72.16
N ASP F 179 40.82 8.19 70.89
CA ASP F 179 42.08 8.19 70.18
C ASP F 179 42.68 6.78 70.15
N LEU F 180 41.82 5.78 70.29
CA LEU F 180 42.22 4.38 70.25
C LEU F 180 41.22 3.61 69.38
N TYR F 181 41.75 2.77 68.51
CA TYR F 181 40.92 2.00 67.60
C TYR F 181 40.38 0.71 68.19
N THR F 182 39.19 0.33 67.72
CA THR F 182 38.55 -0.90 68.15
C THR F 182 38.11 -1.56 66.85
N LEU F 183 38.32 -2.86 66.78
CA LEU F 183 37.97 -3.61 65.57
C LEU F 183 37.57 -5.01 66.00
N SER F 184 36.55 -5.56 65.35
CA SER F 184 36.09 -6.90 65.68
C SER F 184 36.12 -7.75 64.44
N SER F 185 36.11 -9.06 64.64
CA SER F 185 36.14 -10.00 63.52
C SER F 185 35.45 -11.28 63.91
N SER F 186 34.62 -11.80 63.02
CA SER F 186 33.91 -13.05 63.28
C SER F 186 34.23 -14.08 62.19
N VAL F 187 34.20 -15.35 62.59
CA VAL F 187 34.46 -16.44 61.66
C VAL F 187 33.37 -17.45 61.87
N THR F 188 32.90 -18.06 60.81
CA THR F 188 31.82 -19.04 60.90
C THR F 188 32.23 -20.40 60.33
N VAL F 189 31.96 -21.46 61.07
CA VAL F 189 32.30 -22.83 60.66
C VAL F 189 31.14 -23.75 61.02
N THR F 190 31.23 -25.01 60.63
CA THR F 190 30.16 -25.95 60.95
C THR F 190 30.03 -26.14 62.45
N SER F 191 28.78 -26.15 62.92
CA SER F 191 28.47 -26.31 64.33
C SER F 191 29.04 -27.61 64.92
N SER F 192 29.69 -28.40 64.09
CA SER F 192 30.25 -29.67 64.54
C SER F 192 31.76 -29.77 64.38
N THR F 193 32.42 -28.67 64.03
CA THR F 193 33.87 -28.67 63.86
C THR F 193 34.55 -28.07 65.07
N TRP F 194 33.82 -27.21 65.77
CA TRP F 194 34.33 -26.53 66.95
C TRP F 194 33.51 -27.00 68.14
N PRO F 195 34.15 -27.17 69.30
CA PRO F 195 35.58 -26.98 69.60
C PRO F 195 36.49 -28.16 69.32
N SER F 196 36.04 -29.14 68.54
CA SER F 196 36.88 -30.28 68.23
C SER F 196 38.21 -29.78 67.70
N GLN F 197 38.13 -28.76 66.86
CA GLN F 197 39.34 -28.19 66.24
C GLN F 197 39.54 -26.74 66.65
N SER F 198 40.64 -26.50 67.33
CA SER F 198 40.96 -25.17 67.82
C SER F 198 40.90 -24.10 66.74
N ILE F 199 40.43 -22.93 67.16
CA ILE F 199 40.30 -21.79 66.28
C ILE F 199 41.05 -20.68 67.00
N THR F 200 42.02 -20.09 66.32
CA THR F 200 42.83 -19.04 66.92
C THR F 200 42.81 -17.72 66.19
N CYS F 201 42.77 -16.66 66.96
CA CYS F 201 42.77 -15.32 66.41
C CYS F 201 44.20 -14.81 66.43
N ASN F 202 44.75 -14.47 65.26
CA ASN F 202 46.12 -13.94 65.19
C ASN F 202 46.06 -12.46 64.86
N VAL F 203 46.54 -11.63 65.78
CA VAL F 203 46.51 -10.19 65.62
C VAL F 203 47.92 -9.62 65.54
N ALA F 204 48.15 -8.83 64.50
CA ALA F 204 49.46 -8.20 64.30
C ALA F 204 49.30 -6.69 64.24
N HIS F 205 50.21 -5.98 64.91
CA HIS F 205 50.16 -4.53 64.91
C HIS F 205 51.56 -4.03 64.72
N PRO F 206 51.94 -3.74 63.47
CA PRO F 206 53.28 -3.24 63.13
C PRO F 206 53.79 -2.07 63.99
N ALA F 207 53.10 -0.94 63.92
CA ALA F 207 53.50 0.25 64.66
C ALA F 207 54.14 -0.02 66.02
N SER F 208 53.72 -1.08 66.69
CA SER F 208 54.26 -1.43 68.00
C SER F 208 54.96 -2.78 68.04
N SER F 209 55.16 -3.39 66.88
CA SER F 209 55.83 -4.69 66.78
C SER F 209 55.14 -5.73 67.64
N THR F 210 53.81 -5.72 67.63
CA THR F 210 53.03 -6.66 68.42
C THR F 210 52.47 -7.78 67.56
N LYS F 211 52.44 -8.98 68.13
CA LYS F 211 51.93 -10.16 67.47
C LYS F 211 51.41 -11.07 68.58
N VAL F 212 50.09 -11.18 68.68
CA VAL F 212 49.53 -12.01 69.73
C VAL F 212 48.46 -12.93 69.17
N ASP F 213 48.38 -14.13 69.72
CA ASP F 213 47.38 -15.11 69.30
C ASP F 213 46.35 -15.19 70.41
N LYS F 214 45.14 -15.57 70.04
CA LYS F 214 44.06 -15.70 70.99
C LYS F 214 43.20 -16.89 70.56
N LYS F 215 43.34 -17.99 71.28
CA LYS F 215 42.58 -19.19 70.98
C LYS F 215 41.13 -19.03 71.48
N ILE F 216 40.17 -19.52 70.70
CA ILE F 216 38.78 -19.39 71.10
C ILE F 216 38.36 -20.64 71.86
N GLU F 217 38.30 -20.53 73.19
CA GLU F 217 37.92 -21.67 74.03
C GLU F 217 36.49 -21.52 74.53
N PRO F 218 35.77 -22.65 74.69
CA PRO F 218 34.38 -22.65 75.16
C PRO F 218 34.19 -22.09 76.57
N ARG F 219 33.10 -21.35 76.76
CA ARG F 219 32.80 -20.75 78.06
C ARG F 219 32.33 -21.83 79.05
N GLY F 220 32.48 -21.54 80.34
CA GLY F 220 32.07 -22.49 81.37
C GLY F 220 32.91 -23.76 81.36
N PRO F 221 32.28 -24.95 81.37
CA PRO F 221 33.02 -26.21 81.36
C PRO F 221 33.94 -26.30 80.13
N THR F 222 35.16 -26.75 80.35
CA THR F 222 36.15 -26.86 79.27
C THR F 222 36.87 -28.22 79.21
N ASP G 1 3.24 -25.99 21.55
CA ASP G 1 3.46 -24.82 20.65
C ASP G 1 4.85 -24.19 20.91
N VAL G 2 5.21 -23.21 20.11
CA VAL G 2 6.48 -22.54 20.32
C VAL G 2 6.30 -21.80 21.63
N VAL G 3 7.16 -22.11 22.59
CA VAL G 3 7.07 -21.45 23.88
C VAL G 3 8.10 -20.34 23.90
N MET G 4 7.70 -19.20 24.47
CA MET G 4 8.59 -18.04 24.58
C MET G 4 8.93 -17.86 26.06
N THR G 5 10.21 -18.00 26.40
CA THR G 5 10.63 -17.87 27.80
C THR G 5 11.36 -16.55 28.03
N GLN G 6 10.77 -15.68 28.85
CA GLN G 6 11.37 -14.38 29.14
C GLN G 6 12.06 -14.30 30.49
N SER G 7 13.15 -13.54 30.54
CA SER G 7 13.93 -13.35 31.76
C SER G 7 14.65 -12.01 31.73
N PRO G 8 14.84 -11.36 32.88
CA PRO G 8 14.39 -11.84 34.19
C PRO G 8 12.87 -11.65 34.32
N LYS G 9 12.28 -12.12 35.41
CA LYS G 9 10.83 -11.98 35.63
C LYS G 9 10.50 -10.53 35.94
N THR G 10 11.35 -9.89 36.72
CA THR G 10 11.20 -8.48 37.09
C THR G 10 12.58 -7.86 36.99
N ILE G 11 12.63 -6.55 37.09
CA ILE G 11 13.90 -5.88 36.99
C ILE G 11 13.82 -4.41 37.39
N SER G 12 14.78 -4.01 38.21
CA SER G 12 14.88 -2.65 38.72
C SER G 12 16.04 -1.90 38.08
N VAL G 13 15.77 -0.67 37.63
CA VAL G 13 16.79 0.13 36.98
C VAL G 13 16.71 1.61 37.32
N THR G 14 17.87 2.22 37.53
CA THR G 14 17.97 3.63 37.85
C THR G 14 17.74 4.43 36.57
N ILE G 15 17.12 5.60 36.70
CA ILE G 15 16.87 6.43 35.52
C ILE G 15 18.17 6.94 34.93
N GLY G 16 18.29 6.86 33.61
CA GLY G 16 19.50 7.29 32.93
C GLY G 16 20.48 6.13 32.76
N GLN G 17 20.01 4.94 33.11
CA GLN G 17 20.82 3.73 33.01
C GLN G 17 20.32 2.82 31.91
N PRO G 18 21.19 1.92 31.41
CA PRO G 18 20.75 1.00 30.36
C PRO G 18 20.12 -0.24 30.96
N ALA G 19 19.34 -0.96 30.17
CA ALA G 19 18.68 -2.17 30.62
C ALA G 19 18.78 -3.17 29.48
N SER G 20 18.56 -4.45 29.78
CA SER G 20 18.65 -5.50 28.77
C SER G 20 17.87 -6.72 29.19
N ILE G 21 16.88 -7.10 28.39
CA ILE G 21 16.06 -8.27 28.69
C ILE G 21 16.15 -9.36 27.64
N SER G 22 15.86 -10.59 28.05
CA SER G 22 15.94 -11.74 27.16
C SER G 22 14.63 -12.45 26.87
N CYS G 23 14.55 -13.02 25.67
CA CYS G 23 13.40 -13.77 25.22
C CYS G 23 13.99 -14.94 24.42
N LYS G 24 13.70 -16.16 24.86
CA LYS G 24 14.21 -17.36 24.20
C LYS G 24 13.06 -18.24 23.69
N SER G 25 13.12 -18.62 22.42
CA SER G 25 12.07 -19.47 21.85
C SER G 25 12.53 -20.91 21.72
N SER G 26 11.61 -21.83 21.97
CA SER G 26 11.85 -23.27 21.90
C SER G 26 12.01 -23.77 20.48
N GLN G 27 11.92 -22.85 19.51
CA GLN G 27 12.03 -23.22 18.10
C GLN G 27 12.53 -22.00 17.31
N ARG G 28 13.33 -22.25 16.27
CA ARG G 28 13.87 -21.16 15.46
C ARG G 28 12.72 -20.30 14.94
N LEU G 29 12.94 -19.01 14.83
CA LEU G 29 11.89 -18.11 14.37
C LEU G 29 12.11 -17.52 12.98
N LEU G 30 13.20 -17.91 12.32
CA LEU G 30 13.47 -17.42 10.97
C LEU G 30 12.71 -18.37 10.05
N ASN G 31 11.95 -17.82 9.10
CA ASN G 31 11.18 -18.66 8.19
C ASN G 31 11.86 -18.77 6.83
N SER G 32 11.20 -19.47 5.90
CA SER G 32 11.75 -19.69 4.56
C SER G 32 11.91 -18.44 3.68
N ASN G 33 11.35 -17.31 4.11
CA ASN G 33 11.45 -16.06 3.34
C ASN G 33 12.50 -15.11 3.91
N GLY G 34 13.36 -15.62 4.76
CA GLY G 34 14.41 -14.79 5.35
C GLY G 34 13.94 -13.83 6.44
N LYS G 35 12.64 -13.85 6.72
CA LYS G 35 12.08 -12.97 7.75
C LYS G 35 11.94 -13.64 9.11
N THR G 36 12.05 -12.83 10.17
CA THR G 36 11.91 -13.33 11.54
C THR G 36 10.79 -12.56 12.22
N PHE G 37 9.59 -13.13 12.19
CA PHE G 37 8.44 -12.47 12.80
C PHE G 37 8.48 -12.52 14.31
N LEU G 38 9.23 -11.58 14.90
CA LEU G 38 9.40 -11.48 16.34
C LEU G 38 9.23 -10.02 16.75
N ASN G 39 8.27 -9.75 17.63
CA ASN G 39 8.03 -8.38 18.08
C ASN G 39 8.20 -8.20 19.59
N TRP G 40 8.59 -6.98 19.99
CA TRP G 40 8.77 -6.63 21.39
C TRP G 40 7.72 -5.57 21.69
N LEU G 41 7.08 -5.68 22.85
CA LEU G 41 6.05 -4.74 23.23
C LEU G 41 6.21 -4.27 24.67
N LEU G 42 5.71 -3.06 24.94
CA LEU G 42 5.75 -2.48 26.28
C LEU G 42 4.32 -2.15 26.68
N GLN G 43 3.89 -2.67 27.84
CA GLN G 43 2.56 -2.38 28.35
C GLN G 43 2.75 -1.56 29.60
N ARG G 44 2.58 -0.25 29.50
CA ARG G 44 2.71 0.62 30.66
C ARG G 44 1.49 0.36 31.54
N PRO G 45 1.58 0.74 32.82
CA PRO G 45 0.46 0.53 33.74
C PRO G 45 -0.84 1.17 33.26
N GLY G 46 -1.89 0.37 33.16
CA GLY G 46 -3.19 0.87 32.75
C GLY G 46 -3.37 1.02 31.25
N GLN G 47 -2.32 0.79 30.46
CA GLN G 47 -2.45 0.93 29.02
C GLN G 47 -2.47 -0.44 28.38
N SER G 48 -2.60 -0.45 27.07
CA SER G 48 -2.58 -1.69 26.34
C SER G 48 -1.16 -1.85 25.80
N PRO G 49 -0.75 -3.07 25.42
CA PRO G 49 0.60 -3.26 24.90
C PRO G 49 0.83 -2.35 23.70
N LYS G 50 2.02 -1.78 23.60
CA LYS G 50 2.34 -0.92 22.48
C LYS G 50 3.61 -1.39 21.78
N ARG G 51 3.70 -1.12 20.48
CA ARG G 51 4.84 -1.53 19.66
C ARG G 51 6.20 -0.92 20.00
N LEU G 52 7.25 -1.67 19.70
CA LEU G 52 8.64 -1.26 19.94
C LEU G 52 9.54 -1.78 18.83
N ILE G 53 9.61 -3.10 18.72
CA ILE G 53 10.45 -3.74 17.72
C ILE G 53 9.69 -4.74 16.88
N TYR G 54 9.98 -4.77 15.58
CA TYR G 54 9.33 -5.74 14.69
C TYR G 54 10.40 -6.40 13.84
N LEU G 55 10.07 -7.53 13.23
CA LEU G 55 11.03 -8.25 12.42
C LEU G 55 12.26 -8.59 13.22
N GLY G 56 12.07 -8.86 14.50
CA GLY G 56 13.17 -9.23 15.37
C GLY G 56 14.22 -8.19 15.72
N THR G 57 14.63 -7.36 14.77
CA THR G 57 15.66 -6.34 15.07
C THR G 57 15.36 -4.98 14.47
N LYS G 58 14.10 -4.74 14.09
CA LYS G 58 13.77 -3.46 13.47
C LYS G 58 12.96 -2.49 14.34
N LEU G 59 13.46 -1.25 14.44
CA LEU G 59 12.81 -0.22 15.23
C LEU G 59 11.44 0.04 14.61
N ASP G 60 10.37 -0.15 15.38
CA ASP G 60 9.02 0.06 14.87
C ASP G 60 8.62 1.52 14.70
N SER G 61 7.51 1.71 14.00
CA SER G 61 6.96 3.01 13.69
C SER G 61 6.87 3.99 14.87
N GLY G 62 7.55 5.13 14.73
CA GLY G 62 7.54 6.16 15.75
C GLY G 62 8.09 5.84 17.12
N VAL G 63 8.89 4.78 17.22
CA VAL G 63 9.46 4.38 18.50
C VAL G 63 10.82 5.05 18.77
N PRO G 64 11.05 5.53 19.99
CA PRO G 64 12.33 6.19 20.32
C PRO G 64 13.51 5.25 20.07
N ASP G 65 14.53 5.74 19.38
CA ASP G 65 15.71 4.95 19.07
C ASP G 65 16.41 4.35 20.29
N ARG G 66 16.02 4.79 21.48
CA ARG G 66 16.61 4.28 22.72
C ARG G 66 16.41 2.77 22.84
N PHE G 67 15.42 2.25 22.10
CA PHE G 67 15.09 0.83 22.10
C PHE G 67 15.79 0.15 20.94
N THR G 68 16.36 -1.02 21.20
CA THR G 68 17.07 -1.76 20.17
C THR G 68 16.89 -3.25 20.38
N GLY G 69 16.44 -3.92 19.34
CA GLY G 69 16.27 -5.36 19.43
C GLY G 69 17.40 -6.04 18.71
N SER G 70 17.74 -7.25 19.12
CA SER G 70 18.81 -7.97 18.46
C SER G 70 18.69 -9.45 18.70
N GLY G 71 19.58 -10.20 18.06
CA GLY G 71 19.58 -11.64 18.20
C GLY G 71 18.97 -12.32 17.00
N SER G 72 19.13 -13.64 16.96
CA SER G 72 18.61 -14.43 15.87
C SER G 72 18.50 -15.86 16.36
N GLY G 73 17.91 -16.72 15.53
CA GLY G 73 17.76 -18.11 15.91
C GLY G 73 16.68 -18.29 16.94
N THR G 74 17.07 -18.40 18.20
CA THR G 74 16.11 -18.58 19.28
C THR G 74 16.35 -17.62 20.43
N ASP G 75 17.45 -16.88 20.37
CA ASP G 75 17.77 -15.93 21.42
C ASP G 75 17.58 -14.50 20.95
N PHE G 76 16.68 -13.78 21.61
CA PHE G 76 16.42 -12.40 21.25
C PHE G 76 16.61 -11.50 22.45
N THR G 77 17.15 -10.32 22.20
CA THR G 77 17.43 -9.38 23.26
C THR G 77 16.86 -7.99 22.98
N LEU G 78 16.31 -7.37 24.02
CA LEU G 78 15.79 -6.01 23.91
C LEU G 78 16.70 -5.16 24.80
N LYS G 79 17.09 -4.01 24.31
CA LYS G 79 17.94 -3.13 25.08
C LYS G 79 17.38 -1.74 25.08
N ILE G 80 17.66 -1.01 26.15
CA ILE G 80 17.23 0.36 26.29
C ILE G 80 18.52 1.11 26.58
N SER G 81 18.89 2.03 25.70
CA SER G 81 20.12 2.80 25.90
C SER G 81 20.10 3.49 27.27
N ARG G 82 19.06 4.26 27.56
CA ARG G 82 18.97 4.93 28.85
C ARG G 82 17.54 5.12 29.31
N VAL G 83 17.14 4.31 30.27
CA VAL G 83 15.80 4.31 30.81
C VAL G 83 15.26 5.67 31.26
N GLU G 84 13.98 5.87 30.98
CA GLU G 84 13.26 7.09 31.34
C GLU G 84 12.06 6.62 32.18
N ALA G 85 11.46 7.54 32.94
CA ALA G 85 10.34 7.21 33.81
C ALA G 85 9.20 6.47 33.11
N GLU G 86 8.84 6.89 31.89
CA GLU G 86 7.74 6.25 31.18
C GLU G 86 8.08 4.88 30.56
N ASP G 87 9.27 4.35 30.83
CA ASP G 87 9.62 3.05 30.27
C ASP G 87 9.16 1.91 31.18
N LEU G 88 8.64 2.26 32.35
CA LEU G 88 8.17 1.25 33.29
C LEU G 88 6.89 0.57 32.80
N GLY G 89 6.75 -0.72 33.12
CA GLY G 89 5.61 -1.50 32.68
C GLY G 89 6.10 -2.90 32.36
N VAL G 90 5.29 -3.73 31.71
CA VAL G 90 5.72 -5.08 31.39
C VAL G 90 6.06 -5.23 29.91
N TYR G 91 7.26 -5.74 29.63
CA TYR G 91 7.69 -5.95 28.25
C TYR G 91 7.35 -7.36 27.84
N TYR G 92 6.88 -7.52 26.62
CA TYR G 92 6.51 -8.82 26.08
C TYR G 92 7.16 -9.04 24.73
N CYS G 93 7.43 -10.30 24.40
CA CYS G 93 7.94 -10.61 23.08
C CYS G 93 6.83 -11.44 22.48
N TRP G 94 6.65 -11.33 21.16
CA TRP G 94 5.59 -12.04 20.47
C TRP G 94 6.12 -12.56 19.16
N GLN G 95 5.97 -13.86 18.93
CA GLN G 95 6.45 -14.47 17.68
C GLN G 95 5.32 -14.79 16.73
N GLY G 96 5.51 -14.44 15.46
CA GLY G 96 4.49 -14.69 14.44
C GLY G 96 5.03 -15.56 13.33
N THR G 97 6.00 -16.40 13.66
CA THR G 97 6.59 -17.28 12.65
C THR G 97 5.90 -18.63 12.67
N HIS G 98 5.52 -19.08 13.86
CA HIS G 98 4.90 -20.39 14.01
C HIS G 98 3.48 -20.39 14.56
N PHE G 99 2.57 -20.92 13.76
CA PHE G 99 1.18 -21.00 14.18
C PHE G 99 1.02 -22.12 15.21
N PRO G 100 0.36 -21.86 16.35
CA PRO G 100 -0.27 -20.61 16.79
C PRO G 100 0.71 -19.61 17.40
N TYR G 101 0.51 -18.34 17.10
CA TYR G 101 1.39 -17.31 17.59
C TYR G 101 1.26 -17.15 19.10
N THR G 102 2.41 -17.10 19.77
CA THR G 102 2.45 -17.02 21.23
C THR G 102 3.32 -15.91 21.79
N PHE G 103 2.97 -15.45 23.00
CA PHE G 103 3.73 -14.39 23.67
C PHE G 103 4.63 -14.96 24.76
N GLY G 104 5.61 -14.18 25.17
CA GLY G 104 6.49 -14.60 26.25
C GLY G 104 5.74 -14.33 27.56
N GLY G 105 6.35 -14.66 28.70
CA GLY G 105 5.70 -14.43 29.97
C GLY G 105 5.76 -12.99 30.45
N GLY G 106 6.52 -12.17 29.75
CA GLY G 106 6.66 -10.77 30.11
C GLY G 106 7.75 -10.50 31.12
N THR G 107 8.30 -9.29 31.10
CA THR G 107 9.35 -8.90 32.04
C THR G 107 8.95 -7.51 32.56
N LYS G 108 8.89 -7.38 33.88
CA LYS G 108 8.52 -6.12 34.49
C LYS G 108 9.71 -5.25 34.87
N LEU G 109 9.72 -4.04 34.34
CA LEU G 109 10.79 -3.08 34.60
C LEU G 109 10.34 -2.04 35.63
N GLU G 110 11.05 -1.99 36.76
CA GLU G 110 10.74 -1.05 37.81
C GLU G 110 11.74 0.07 37.84
N ILE G 111 11.27 1.22 38.31
CA ILE G 111 12.12 2.39 38.44
C ILE G 111 12.67 2.54 39.83
N LYS G 112 13.97 2.79 39.91
CA LYS G 112 14.63 2.99 41.20
C LYS G 112 14.77 4.48 41.49
N ARG G 113 14.28 4.91 42.64
CA ARG G 113 14.36 6.31 43.04
C ARG G 113 14.64 6.42 44.53
N ALA G 114 14.86 7.65 44.99
CA ALA G 114 15.15 7.90 46.41
C ALA G 114 13.99 7.46 47.29
N ASP G 115 14.28 7.05 48.52
CA ASP G 115 13.22 6.64 49.42
C ASP G 115 12.26 7.80 49.63
N ALA G 116 11.02 7.48 49.96
CA ALA G 116 10.02 8.51 50.22
C ALA G 116 9.00 7.96 51.22
N ALA G 117 8.83 8.66 52.34
CA ALA G 117 7.90 8.25 53.37
C ALA G 117 6.47 8.45 52.90
N PRO G 118 5.54 7.65 53.43
CA PRO G 118 4.14 7.81 53.02
C PRO G 118 3.36 8.90 53.75
N THR G 119 2.45 9.54 53.03
CA THR G 119 1.60 10.57 53.60
C THR G 119 0.36 9.77 53.97
N VAL G 120 0.20 9.54 55.26
CA VAL G 120 -0.92 8.77 55.77
C VAL G 120 -2.10 9.63 56.23
N SER G 121 -3.31 9.17 55.94
CA SER G 121 -4.53 9.86 56.33
C SER G 121 -5.53 8.77 56.72
N ILE G 122 -6.33 9.04 57.75
CA ILE G 122 -7.34 8.08 58.18
C ILE G 122 -8.73 8.71 58.08
N PHE G 123 -9.73 7.87 57.79
CA PHE G 123 -11.09 8.35 57.64
C PHE G 123 -12.15 7.48 58.31
N PRO G 124 -12.99 8.08 59.16
CA PRO G 124 -14.04 7.36 59.86
C PRO G 124 -15.14 7.05 58.85
N PRO G 125 -16.05 6.14 59.20
CA PRO G 125 -17.14 5.81 58.27
C PRO G 125 -17.96 7.06 58.00
N SER G 126 -18.76 7.04 56.94
CA SER G 126 -19.60 8.17 56.61
C SER G 126 -20.97 8.02 57.27
N SER G 127 -21.62 9.14 57.55
CA SER G 127 -22.95 9.11 58.15
C SER G 127 -23.85 8.24 57.30
N GLU G 128 -23.76 8.44 56.00
CA GLU G 128 -24.56 7.71 55.03
C GLU G 128 -24.37 6.21 55.10
N GLN G 129 -23.11 5.76 55.11
CA GLN G 129 -22.83 4.33 55.17
C GLN G 129 -23.36 3.79 56.48
N LEU G 130 -23.21 4.57 57.54
CA LEU G 130 -23.69 4.12 58.84
C LEU G 130 -25.18 3.79 58.80
N THR G 131 -26.00 4.76 58.42
CA THR G 131 -27.44 4.54 58.37
C THR G 131 -27.82 3.33 57.53
N SER G 132 -26.89 2.84 56.71
CA SER G 132 -27.17 1.68 55.86
C SER G 132 -26.87 0.37 56.58
N GLY G 133 -26.27 0.48 57.76
CA GLY G 133 -25.95 -0.71 58.53
C GLY G 133 -24.52 -1.18 58.35
N GLY G 134 -23.69 -0.34 57.73
CA GLY G 134 -22.31 -0.70 57.51
C GLY G 134 -21.34 0.28 58.15
N ALA G 135 -20.07 -0.12 58.23
CA ALA G 135 -19.03 0.72 58.82
C ALA G 135 -17.65 0.41 58.22
N SER G 136 -17.09 1.38 57.51
CA SER G 136 -15.77 1.22 56.89
C SER G 136 -14.82 2.34 57.31
N VAL G 137 -13.66 1.94 57.84
CA VAL G 137 -12.64 2.90 58.26
C VAL G 137 -11.56 2.83 57.20
N VAL G 138 -11.44 3.89 56.41
CA VAL G 138 -10.45 3.91 55.32
C VAL G 138 -9.17 4.66 55.66
N CYS G 139 -8.04 4.10 55.28
CA CYS G 139 -6.75 4.70 55.55
C CYS G 139 -5.89 4.72 54.27
N PHE G 140 -5.32 5.89 53.95
CA PHE G 140 -4.50 6.04 52.75
C PHE G 140 -3.02 6.26 53.06
N LEU G 141 -2.16 5.61 52.29
CA LEU G 141 -0.71 5.76 52.42
C LEU G 141 -0.21 6.11 51.01
N ASN G 142 -0.09 7.40 50.73
CA ASN G 142 0.29 7.81 49.38
C ASN G 142 1.74 8.23 49.09
N ASN G 143 2.12 8.02 47.83
CA ASN G 143 3.43 8.38 47.30
C ASN G 143 4.64 7.98 48.11
N PHE G 144 4.87 6.67 48.24
CA PHE G 144 6.02 6.20 48.99
C PHE G 144 6.90 5.30 48.16
N TYR G 145 8.15 5.16 48.59
CA TYR G 145 9.10 4.31 47.91
C TYR G 145 10.14 3.86 48.92
N PRO G 146 10.51 2.56 48.89
CA PRO G 146 10.04 1.51 47.98
C PRO G 146 8.66 0.91 48.32
N LYS G 147 8.17 0.08 47.40
CA LYS G 147 6.86 -0.57 47.49
C LYS G 147 6.58 -1.29 48.81
N ASP G 148 7.62 -1.84 49.42
CA ASP G 148 7.46 -2.56 50.68
C ASP G 148 6.94 -1.67 51.80
N ILE G 149 5.83 -2.09 52.41
CA ILE G 149 5.23 -1.33 53.49
C ILE G 149 4.24 -2.23 54.22
N ASN G 150 4.17 -2.09 55.54
CA ASN G 150 3.27 -2.90 56.36
C ASN G 150 2.32 -2.03 57.17
N VAL G 151 1.02 -2.22 56.97
CA VAL G 151 0.03 -1.44 57.72
C VAL G 151 -0.68 -2.35 58.71
N LYS G 152 -0.89 -1.83 59.92
CA LYS G 152 -1.56 -2.58 60.99
C LYS G 152 -2.74 -1.79 61.57
N TRP G 153 -3.85 -2.48 61.83
CA TRP G 153 -5.02 -1.84 62.42
C TRP G 153 -5.20 -2.18 63.89
N LYS G 154 -5.57 -1.18 64.68
CA LYS G 154 -5.79 -1.35 66.11
C LYS G 154 -7.12 -0.72 66.57
N ILE G 155 -7.97 -1.52 67.17
CA ILE G 155 -9.25 -1.05 67.68
C ILE G 155 -9.10 -1.01 69.21
N ASP G 156 -8.99 0.20 69.75
CA ASP G 156 -8.81 0.41 71.18
C ASP G 156 -7.56 -0.32 71.69
N GLY G 157 -6.48 -0.22 70.92
CA GLY G 157 -5.23 -0.84 71.32
C GLY G 157 -4.98 -2.26 70.84
N SER G 158 -6.05 -3.02 70.60
CA SER G 158 -5.92 -4.40 70.14
C SER G 158 -5.83 -4.49 68.61
N GLU G 159 -4.89 -5.30 68.12
CA GLU G 159 -4.70 -5.47 66.67
C GLU G 159 -5.88 -6.19 66.04
N ARG G 160 -6.29 -5.71 64.87
CA ARG G 160 -7.40 -6.31 64.16
C ARG G 160 -6.96 -6.65 62.74
N GLN G 161 -7.11 -7.91 62.36
CA GLN G 161 -6.71 -8.36 61.03
C GLN G 161 -7.87 -8.81 60.16
N ASN G 162 -8.91 -9.33 60.78
CA ASN G 162 -10.07 -9.80 60.00
C ASN G 162 -10.95 -8.65 59.50
N GLY G 163 -11.41 -8.75 58.27
CA GLY G 163 -12.25 -7.71 57.71
C GLY G 163 -11.46 -6.56 57.13
N VAL G 164 -10.14 -6.74 56.99
CA VAL G 164 -9.27 -5.72 56.43
C VAL G 164 -8.99 -6.05 54.98
N LEU G 165 -9.07 -5.04 54.11
CA LEU G 165 -8.81 -5.21 52.68
C LEU G 165 -7.86 -4.12 52.19
N ASN G 166 -6.82 -4.54 51.46
CA ASN G 166 -5.81 -3.62 50.93
C ASN G 166 -5.75 -3.60 49.40
N SER G 167 -5.28 -2.47 48.87
CA SER G 167 -5.15 -2.31 47.43
C SER G 167 -4.02 -1.34 47.12
N TRP G 168 -3.12 -1.75 46.24
CA TRP G 168 -1.97 -0.92 45.88
C TRP G 168 -2.07 -0.49 44.44
N THR G 169 -1.52 0.69 44.15
CA THR G 169 -1.51 1.23 42.79
C THR G 169 -0.15 0.82 42.22
N ASP G 170 -0.07 0.64 40.90
CA ASP G 170 1.20 0.29 40.29
C ASP G 170 2.11 1.49 40.49
N GLN G 171 3.40 1.33 40.19
CA GLN G 171 4.32 2.44 40.35
C GLN G 171 3.82 3.61 39.49
N ASP G 172 3.89 4.83 40.04
CA ASP G 172 3.44 6.00 39.32
C ASP G 172 4.44 6.32 38.22
N SER G 173 3.95 6.52 36.99
CA SER G 173 4.84 6.79 35.87
C SER G 173 5.42 8.20 35.82
N LYS G 174 5.07 9.03 36.80
CA LYS G 174 5.60 10.39 36.85
C LYS G 174 6.64 10.57 37.96
N ASP G 175 6.28 10.23 39.20
CA ASP G 175 7.21 10.37 40.32
C ASP G 175 7.81 9.05 40.76
N SER G 176 7.38 7.95 40.17
CA SER G 176 7.90 6.63 40.50
C SER G 176 7.59 6.15 41.92
N THR G 177 6.61 6.76 42.57
CA THR G 177 6.23 6.35 43.93
C THR G 177 5.07 5.34 43.88
N TYR G 178 4.73 4.77 45.03
CA TYR G 178 3.63 3.84 45.12
C TYR G 178 2.65 4.36 46.16
N SER G 179 1.40 3.92 46.04
CA SER G 179 0.35 4.32 46.98
C SER G 179 -0.47 3.10 47.36
N MET G 180 -1.12 3.18 48.51
CA MET G 180 -1.91 2.07 48.99
C MET G 180 -3.06 2.55 49.85
N SER G 181 -4.15 1.78 49.85
CA SER G 181 -5.30 2.11 50.66
C SER G 181 -5.64 0.86 51.48
N SER G 182 -5.84 1.04 52.78
CA SER G 182 -6.19 -0.06 53.65
C SER G 182 -7.59 0.23 54.19
N THR G 183 -8.48 -0.74 54.10
CA THR G 183 -9.83 -0.53 54.59
C THR G 183 -10.31 -1.59 55.58
N LEU G 184 -10.81 -1.12 56.72
CA LEU G 184 -11.32 -1.97 57.79
C LEU G 184 -12.85 -1.88 57.77
N THR G 185 -13.49 -3.00 57.49
CA THR G 185 -14.94 -3.03 57.44
C THR G 185 -15.48 -3.80 58.65
N LEU G 186 -16.46 -3.21 59.34
CA LEU G 186 -17.07 -3.80 60.53
C LEU G 186 -18.59 -3.61 60.49
N THR G 187 -19.31 -4.37 61.31
CA THR G 187 -20.76 -4.22 61.36
C THR G 187 -20.97 -2.89 62.10
N LYS G 188 -22.06 -2.20 61.82
CA LYS G 188 -22.32 -0.92 62.49
C LYS G 188 -22.26 -1.10 64.01
N ASP G 189 -22.80 -2.19 64.50
CA ASP G 189 -22.79 -2.47 65.93
C ASP G 189 -21.40 -2.64 66.54
N GLU G 190 -20.56 -3.43 65.89
CA GLU G 190 -19.21 -3.63 66.41
C GLU G 190 -18.43 -2.32 66.39
N TYR G 191 -18.70 -1.50 65.38
CA TYR G 191 -18.02 -0.21 65.27
C TYR G 191 -18.38 0.70 66.43
N GLU G 192 -19.67 0.78 66.74
CA GLU G 192 -20.15 1.64 67.82
C GLU G 192 -19.83 1.12 69.21
N ARG G 193 -19.25 -0.08 69.30
CA ARG G 193 -18.88 -0.66 70.59
C ARG G 193 -17.47 -0.29 71.00
N HIS G 194 -16.74 0.40 70.13
CA HIS G 194 -15.38 0.78 70.45
C HIS G 194 -15.13 2.26 70.21
N ASN G 195 -14.03 2.77 70.75
CA ASN G 195 -13.76 4.20 70.64
C ASN G 195 -12.53 4.63 69.85
N SER G 196 -11.42 3.90 70.06
CA SER G 196 -10.18 4.22 69.39
C SER G 196 -9.97 3.41 68.12
N TYR G 197 -9.62 4.10 67.04
CA TYR G 197 -9.35 3.46 65.75
C TYR G 197 -8.03 3.98 65.22
N THR G 198 -7.06 3.10 65.11
CA THR G 198 -5.74 3.50 64.66
C THR G 198 -5.21 2.78 63.43
N CYS G 199 -4.49 3.54 62.60
CA CYS G 199 -3.87 3.03 61.38
C CYS G 199 -2.37 3.17 61.56
N GLU G 200 -1.65 2.04 61.62
CA GLU G 200 -0.20 2.05 61.81
C GLU G 200 0.60 1.61 60.59
N ALA G 201 1.48 2.49 60.13
CA ALA G 201 2.30 2.19 58.96
C ALA G 201 3.78 2.06 59.28
N THR G 202 4.39 0.96 58.83
CA THR G 202 5.82 0.74 59.04
C THR G 202 6.47 0.75 57.65
N HIS G 203 7.54 1.51 57.52
CA HIS G 203 8.23 1.66 56.25
C HIS G 203 9.69 2.04 56.52
N LYS G 204 10.62 1.56 55.69
CA LYS G 204 12.05 1.81 55.91
C LYS G 204 12.46 3.28 56.04
N THR G 205 11.53 4.20 55.79
CA THR G 205 11.82 5.63 55.89
C THR G 205 11.81 6.17 57.32
N SER G 206 11.49 5.30 58.28
CA SER G 206 11.46 5.69 59.69
C SER G 206 11.41 4.42 60.50
N THR G 207 12.24 4.31 61.52
CA THR G 207 12.24 3.10 62.33
C THR G 207 11.00 3.04 63.22
N SER G 208 10.42 4.19 63.50
CA SER G 208 9.20 4.27 64.30
C SER G 208 8.02 4.36 63.33
N PRO G 209 7.00 3.51 63.51
CA PRO G 209 5.84 3.52 62.62
C PRO G 209 5.07 4.84 62.56
N ILE G 210 4.51 5.14 61.39
CA ILE G 210 3.71 6.36 61.21
C ILE G 210 2.33 5.98 61.72
N VAL G 211 1.83 6.74 62.69
CA VAL G 211 0.53 6.47 63.29
C VAL G 211 -0.52 7.55 63.08
N LYS G 212 -1.72 7.12 62.74
CA LYS G 212 -2.85 8.01 62.53
C LYS G 212 -4.08 7.37 63.18
N SER G 213 -4.83 8.16 63.94
CA SER G 213 -6.01 7.61 64.59
C SER G 213 -7.05 8.66 64.96
N PHE G 214 -8.16 8.19 65.48
CA PHE G 214 -9.25 9.06 65.90
C PHE G 214 -10.15 8.29 66.86
N ASN G 215 -10.91 9.03 67.65
CA ASN G 215 -11.85 8.43 68.59
C ASN G 215 -13.22 8.96 68.24
N ARG G 216 -14.23 8.10 68.28
CA ARG G 216 -15.58 8.56 68.00
C ARG G 216 -15.90 9.72 68.93
N ASN G 217 -16.78 10.62 68.49
CA ASN G 217 -17.15 11.78 69.28
C ASN G 217 -16.01 12.80 69.42
N GLU G 218 -15.96 13.70 68.45
CA GLU G 218 -14.96 14.77 68.40
C GLU G 218 -15.06 15.50 67.06
N CYS G 219 -14.51 14.89 66.01
CA CYS G 219 -14.53 15.47 64.65
C CYS G 219 -13.95 14.49 63.62
N ARG H 1 -3.06 8.33 11.66
CA ARG H 1 -2.71 6.91 11.99
C ARG H 1 -3.94 6.04 12.24
N VAL H 2 -3.70 4.76 12.45
CA VAL H 2 -4.75 3.77 12.71
C VAL H 2 -5.05 3.68 14.19
N GLN H 3 -6.33 3.63 14.53
CA GLN H 3 -6.76 3.51 15.92
C GLN H 3 -7.90 2.51 16.05
N LEU H 4 -7.80 1.62 17.02
CA LEU H 4 -8.84 0.63 17.22
C LEU H 4 -9.58 0.92 18.51
N GLN H 5 -10.83 0.48 18.58
CA GLN H 5 -11.64 0.67 19.78
C GLN H 5 -12.63 -0.46 19.99
N GLN H 6 -12.51 -1.15 21.12
CA GLN H 6 -13.42 -2.27 21.39
C GLN H 6 -14.67 -1.84 22.14
N SER H 7 -15.71 -2.63 21.95
CA SER H 7 -16.96 -2.40 22.65
C SER H 7 -17.62 -3.77 22.81
N GLY H 8 -18.40 -3.94 23.87
CA GLY H 8 -19.04 -5.22 24.07
C GLY H 8 -19.60 -5.32 25.47
N PRO H 9 -20.17 -6.46 25.85
CA PRO H 9 -20.72 -6.59 27.19
C PRO H 9 -19.58 -6.61 28.19
N GLY H 10 -19.89 -6.26 29.44
CA GLY H 10 -18.89 -6.29 30.49
C GLY H 10 -19.11 -7.55 31.30
N LEU H 11 -20.34 -8.05 31.23
CA LEU H 11 -20.74 -9.27 31.93
C LEU H 11 -21.51 -10.20 31.02
N VAL H 12 -21.17 -11.48 31.10
CA VAL H 12 -21.81 -12.51 30.30
C VAL H 12 -21.98 -13.70 31.22
N LYS H 13 -23.09 -14.42 31.08
CA LYS H 13 -23.33 -15.57 31.94
C LYS H 13 -22.78 -16.86 31.35
N PRO H 14 -22.36 -17.80 32.21
CA PRO H 14 -21.82 -19.09 31.79
C PRO H 14 -22.68 -19.78 30.75
N SER H 15 -22.00 -20.42 29.80
CA SER H 15 -22.58 -21.17 28.68
C SER H 15 -23.12 -20.30 27.54
N GLN H 16 -23.13 -18.98 27.72
CA GLN H 16 -23.62 -18.08 26.69
C GLN H 16 -22.51 -17.71 25.71
N SER H 17 -22.85 -16.94 24.69
CA SER H 17 -21.88 -16.51 23.68
C SER H 17 -21.41 -15.10 23.99
N LEU H 18 -20.12 -14.86 23.80
CA LEU H 18 -19.52 -13.55 24.02
C LEU H 18 -19.48 -12.90 22.64
N SER H 19 -19.90 -11.65 22.53
CA SER H 19 -19.88 -10.97 21.24
C SER H 19 -19.20 -9.60 21.37
N LEU H 20 -18.06 -9.44 20.72
CA LEU H 20 -17.33 -8.16 20.80
C LEU H 20 -17.21 -7.47 19.45
N THR H 21 -17.07 -6.16 19.47
CA THR H 21 -16.91 -5.41 18.24
C THR H 21 -15.68 -4.52 18.33
N CYS H 22 -15.05 -4.29 17.20
CA CYS H 22 -13.88 -3.44 17.16
C CYS H 22 -14.03 -2.48 15.99
N THR H 23 -14.14 -1.20 16.33
CA THR H 23 -14.30 -0.20 15.30
C THR H 23 -12.93 0.36 15.00
N VAL H 24 -12.59 0.39 13.71
CA VAL H 24 -11.31 0.89 13.22
C VAL H 24 -11.46 2.22 12.49
N THR H 25 -10.58 3.17 12.79
CA THR H 25 -10.60 4.49 12.14
C THR H 25 -9.20 4.82 11.65
N GLY H 26 -9.12 5.64 10.60
CA GLY H 26 -7.84 6.06 10.05
C GLY H 26 -7.19 5.10 9.05
N TYR H 27 -7.90 4.06 8.65
CA TYR H 27 -7.36 3.09 7.70
C TYR H 27 -8.43 2.09 7.31
N SER H 28 -8.43 1.67 6.05
CA SER H 28 -9.42 0.71 5.56
C SER H 28 -9.02 -0.69 6.02
N ILE H 29 -9.98 -1.47 6.51
CA ILE H 29 -9.66 -2.82 6.98
C ILE H 29 -9.34 -3.77 5.85
N THR H 30 -9.69 -3.38 4.63
CA THR H 30 -9.43 -4.21 3.46
C THR H 30 -8.05 -3.92 2.89
N SER H 31 -7.17 -3.34 3.68
CA SER H 31 -5.83 -3.04 3.22
C SER H 31 -4.69 -3.29 4.20
N ASP H 32 -3.70 -4.06 3.75
CA ASP H 32 -2.48 -4.34 4.50
C ASP H 32 -2.44 -5.08 5.84
N PHE H 33 -3.33 -4.75 6.77
CA PHE H 33 -3.26 -5.38 8.07
C PHE H 33 -3.83 -6.78 8.31
N ALA H 34 -3.61 -7.22 9.54
CA ALA H 34 -4.10 -8.47 10.06
C ALA H 34 -4.84 -7.94 11.31
N TRP H 35 -6.15 -8.12 11.35
CA TRP H 35 -6.94 -7.63 12.49
C TRP H 35 -7.12 -8.72 13.53
N ASN H 36 -6.36 -8.59 14.61
CA ASN H 36 -6.32 -9.56 15.69
C ASN H 36 -7.19 -9.32 16.93
N TRP H 37 -7.48 -10.42 17.60
CA TRP H 37 -8.21 -10.40 18.83
C TRP H 37 -7.25 -11.11 19.77
N ILE H 38 -6.86 -10.42 20.85
CA ILE H 38 -5.96 -10.98 21.85
C ILE H 38 -6.60 -10.71 23.22
N ARG H 39 -6.41 -11.61 24.17
CA ARG H 39 -6.96 -11.40 25.51
C ARG H 39 -5.92 -11.55 26.60
N GLN H 40 -6.13 -10.83 27.69
CA GLN H 40 -5.20 -10.85 28.81
C GLN H 40 -5.92 -11.29 30.08
N PHE H 41 -5.39 -12.34 30.69
CA PHE H 41 -5.97 -12.90 31.89
C PHE H 41 -5.51 -12.20 33.15
N PRO H 42 -6.15 -12.52 34.28
CA PRO H 42 -5.81 -11.92 35.57
C PRO H 42 -4.32 -11.82 35.92
N GLY H 43 -3.58 -12.91 35.68
CA GLY H 43 -2.16 -12.88 36.00
C GLY H 43 -1.33 -12.15 34.97
N ASN H 44 -2.00 -11.50 34.02
CA ASN H 44 -1.34 -10.76 32.96
C ASN H 44 -0.69 -11.65 31.89
N LYS H 45 -1.29 -12.80 31.65
CA LYS H 45 -0.78 -13.72 30.64
C LYS H 45 -1.54 -13.35 29.36
N LEU H 46 -0.83 -13.21 28.24
CA LEU H 46 -1.47 -12.84 26.97
C LEU H 46 -1.64 -14.06 26.08
N GLU H 47 -2.76 -14.10 25.35
CA GLU H 47 -3.03 -15.20 24.44
C GLU H 47 -3.59 -14.69 23.13
N TRP H 48 -3.05 -15.19 22.02
CA TRP H 48 -3.53 -14.79 20.71
C TRP H 48 -4.74 -15.65 20.38
N MET H 49 -5.86 -15.00 20.07
CA MET H 49 -7.08 -15.71 19.73
C MET H 49 -7.23 -15.93 18.24
N GLY H 50 -6.95 -14.89 17.44
CA GLY H 50 -7.05 -15.04 16.00
C GLY H 50 -7.09 -13.74 15.24
N TYR H 51 -7.19 -13.83 13.91
CA TYR H 51 -7.24 -12.63 13.09
C TYR H 51 -8.06 -12.85 11.84
N ILE H 52 -8.25 -11.77 11.10
CA ILE H 52 -8.91 -11.77 9.82
C ILE H 52 -8.12 -10.63 9.16
N ASN H 53 -7.49 -10.93 8.02
CA ASN H 53 -6.65 -9.93 7.34
C ASN H 53 -7.41 -9.10 6.32
N TYR H 54 -6.68 -8.22 5.64
CA TYR H 54 -7.30 -7.34 4.66
C TYR H 54 -8.15 -8.03 3.59
N SER H 55 -7.79 -9.25 3.20
CA SER H 55 -8.55 -9.96 2.16
C SER H 55 -9.66 -10.85 2.71
N GLY H 56 -9.89 -10.79 4.03
CA GLY H 56 -10.94 -11.59 4.64
C GLY H 56 -10.53 -12.98 5.12
N PHE H 57 -9.25 -13.31 4.94
CA PHE H 57 -8.77 -14.61 5.36
C PHE H 57 -8.71 -14.69 6.87
N THR H 58 -9.09 -15.84 7.43
CA THR H 58 -9.07 -16.01 8.89
C THR H 58 -8.15 -17.13 9.42
N SER H 59 -7.81 -17.01 10.70
CA SER H 59 -6.96 -17.97 11.36
C SER H 59 -7.17 -17.85 12.86
N HIS H 60 -7.40 -18.96 13.55
CA HIS H 60 -7.59 -18.89 14.99
C HIS H 60 -6.85 -19.98 15.76
N ASN H 61 -6.48 -19.65 16.99
CA ASN H 61 -5.77 -20.57 17.87
C ASN H 61 -6.56 -21.85 18.16
N PRO H 62 -5.92 -23.03 18.11
CA PRO H 62 -6.61 -24.29 18.38
C PRO H 62 -7.16 -24.43 19.80
N SER H 63 -6.62 -23.65 20.73
CA SER H 63 -7.06 -23.71 22.11
C SER H 63 -8.53 -23.30 22.25
N LEU H 64 -9.06 -22.67 21.20
CA LEU H 64 -10.45 -22.21 21.23
C LEU H 64 -11.31 -22.98 20.21
N LYS H 65 -10.76 -24.07 19.70
CA LYS H 65 -11.43 -24.87 18.67
C LYS H 65 -12.95 -24.88 18.70
N SER H 66 -13.52 -24.64 17.52
CA SER H 66 -14.98 -24.65 17.31
C SER H 66 -15.81 -23.76 18.23
N ARG H 67 -15.18 -22.78 18.88
CA ARG H 67 -15.90 -21.87 19.77
C ARG H 67 -15.74 -20.45 19.29
N ILE H 68 -14.75 -20.24 18.43
CA ILE H 68 -14.45 -18.91 17.93
C ILE H 68 -14.78 -18.69 16.46
N SER H 69 -15.16 -17.46 16.16
CA SER H 69 -15.49 -17.06 14.80
C SER H 69 -15.12 -15.58 14.69
N ILE H 70 -14.36 -15.22 13.66
CA ILE H 70 -13.96 -13.83 13.49
C ILE H 70 -14.41 -13.33 12.14
N THR H 71 -15.32 -12.37 12.15
CA THR H 71 -15.87 -11.81 10.93
C THR H 71 -15.69 -10.30 10.87
N ARG H 72 -16.08 -9.72 9.75
CA ARG H 72 -15.92 -8.29 9.56
C ARG H 72 -17.08 -7.70 8.79
N ASP H 73 -17.23 -6.38 8.93
CA ASP H 73 -18.24 -5.62 8.24
C ASP H 73 -17.52 -4.46 7.54
N THR H 74 -17.07 -4.69 6.31
CA THR H 74 -16.33 -3.69 5.56
C THR H 74 -17.09 -2.37 5.38
N SER H 75 -18.41 -2.42 5.47
CA SER H 75 -19.23 -1.21 5.32
C SER H 75 -19.06 -0.23 6.48
N LYS H 76 -18.95 -0.76 7.69
CA LYS H 76 -18.78 0.08 8.89
C LYS H 76 -17.33 0.01 9.37
N ASN H 77 -16.48 -0.60 8.55
CA ASN H 77 -15.06 -0.77 8.87
C ASN H 77 -14.83 -1.35 10.26
N GLN H 78 -15.57 -2.41 10.59
CA GLN H 78 -15.44 -3.08 11.89
C GLN H 78 -15.24 -4.59 11.75
N PHE H 79 -14.58 -5.20 12.72
CA PHE H 79 -14.47 -6.66 12.69
C PHE H 79 -14.99 -7.16 14.04
N PHE H 80 -15.26 -8.45 14.14
CA PHE H 80 -15.85 -8.95 15.36
C PHE H 80 -15.31 -10.25 15.88
N LEU H 81 -15.73 -10.58 17.10
CA LEU H 81 -15.34 -11.81 17.75
C LEU H 81 -16.60 -12.46 18.27
N GLN H 82 -16.70 -13.77 18.08
CA GLN H 82 -17.83 -14.54 18.57
C GLN H 82 -17.20 -15.70 19.32
N LEU H 83 -17.51 -15.81 20.61
CA LEU H 83 -16.95 -16.89 21.41
C LEU H 83 -18.11 -17.62 22.08
N ASN H 84 -18.36 -18.85 21.66
CA ASN H 84 -19.44 -19.64 22.22
C ASN H 84 -19.06 -20.43 23.46
N SER H 85 -20.09 -20.81 24.23
CA SER H 85 -19.94 -21.62 25.45
C SER H 85 -18.83 -21.08 26.35
N VAL H 86 -18.97 -19.84 26.80
CA VAL H 86 -17.94 -19.26 27.66
C VAL H 86 -18.12 -19.83 29.04
N THR H 87 -17.04 -19.79 29.82
CA THR H 87 -17.06 -20.27 31.19
C THR H 87 -16.29 -19.23 31.98
N THR H 88 -16.30 -19.32 33.31
CA THR H 88 -15.60 -18.32 34.08
C THR H 88 -14.13 -18.19 33.67
N GLU H 89 -13.56 -19.23 33.06
CA GLU H 89 -12.15 -19.18 32.64
C GLU H 89 -11.94 -18.14 31.52
N ASP H 90 -13.01 -17.83 30.80
CA ASP H 90 -12.91 -16.85 29.73
C ASP H 90 -12.85 -15.41 30.23
N THR H 91 -12.96 -15.21 31.53
CA THR H 91 -12.90 -13.86 32.09
C THR H 91 -11.51 -13.27 31.84
N ALA H 92 -11.49 -12.12 31.15
CA ALA H 92 -10.23 -11.47 30.83
C ALA H 92 -10.47 -10.12 30.16
N THR H 93 -9.37 -9.47 29.77
CA THR H 93 -9.44 -8.21 29.07
C THR H 93 -9.21 -8.51 27.59
N TYR H 94 -10.20 -8.18 26.76
CA TYR H 94 -10.09 -8.43 25.33
C TYR H 94 -9.64 -7.21 24.54
N TYR H 95 -8.62 -7.41 23.73
CA TYR H 95 -8.06 -6.37 22.89
C TYR H 95 -8.17 -6.71 21.42
N CYS H 96 -8.23 -5.67 20.58
CA CYS H 96 -8.18 -5.88 19.14
C CYS H 96 -6.89 -5.17 18.75
N ALA H 97 -6.20 -5.73 17.78
CA ALA H 97 -4.93 -5.16 17.37
C ALA H 97 -4.65 -5.44 15.89
N GLY H 98 -4.15 -4.42 15.21
CA GLY H 98 -3.82 -4.58 13.81
C GLY H 98 -2.31 -4.49 13.62
N LEU H 99 -1.76 -5.49 12.93
CA LEU H 99 -0.35 -5.50 12.60
C LEU H 99 -0.27 -5.71 11.10
N LEU H 100 0.75 -5.12 10.46
CA LEU H 100 0.91 -5.26 9.02
C LEU H 100 1.15 -6.72 8.65
N TRP H 101 0.35 -7.23 7.73
CA TRP H 101 0.49 -8.60 7.29
C TRP H 101 1.92 -8.99 6.87
N TYR H 102 2.54 -8.16 6.04
CA TYR H 102 3.87 -8.45 5.53
C TYR H 102 5.01 -8.61 6.51
N ASP H 103 5.21 -7.63 7.39
CA ASP H 103 6.32 -7.73 8.33
C ASP H 103 5.96 -7.69 9.83
N GLY H 104 4.70 -7.40 10.15
CA GLY H 104 4.31 -7.37 11.55
C GLY H 104 4.52 -6.04 12.26
N GLY H 105 4.83 -5.00 11.50
CA GLY H 105 5.05 -3.68 12.10
C GLY H 105 3.82 -2.76 12.15
N ALA H 106 4.03 -1.54 12.64
CA ALA H 106 2.96 -0.54 12.77
C ALA H 106 1.76 -1.08 13.54
N GLY H 107 2.03 -1.92 14.55
CA GLY H 107 0.96 -2.51 15.34
C GLY H 107 0.25 -1.52 16.23
N SER H 108 -1.08 -1.59 16.25
CA SER H 108 -1.91 -0.69 17.07
C SER H 108 -3.01 -1.47 17.79
N TRP H 109 -3.14 -1.27 19.10
CA TRP H 109 -4.13 -1.96 19.93
C TRP H 109 -5.21 -0.98 20.43
N GLY H 110 -6.38 -1.49 20.78
CA GLY H 110 -7.46 -0.64 21.32
C GLY H 110 -7.25 -0.40 22.84
N GLN H 111 -8.09 0.43 23.58
CA GLN H 111 -7.94 0.69 25.05
C GLN H 111 -8.26 -0.58 25.84
N GLY H 112 -9.11 -1.42 25.27
CA GLY H 112 -9.48 -2.66 25.92
C GLY H 112 -10.81 -2.55 26.63
N THR H 113 -11.51 -3.68 26.71
CA THR H 113 -12.80 -3.71 27.39
C THR H 113 -12.90 -4.94 28.27
N LEU H 114 -13.16 -4.71 29.55
CA LEU H 114 -13.26 -5.80 30.48
C LEU H 114 -14.49 -6.66 30.24
N VAL H 115 -14.29 -7.97 30.25
CA VAL H 115 -15.37 -8.92 30.04
C VAL H 115 -15.41 -9.94 31.17
N THR H 116 -16.54 -10.01 31.86
CA THR H 116 -16.72 -10.93 32.98
C THR H 116 -17.77 -11.99 32.68
N VAL H 117 -17.40 -13.25 32.89
CA VAL H 117 -18.31 -14.38 32.69
C VAL H 117 -18.69 -14.89 34.08
N SER H 118 -19.88 -14.51 34.53
CA SER H 118 -20.35 -14.89 35.85
C SER H 118 -21.87 -14.96 35.92
N ALA H 119 -22.37 -15.70 36.90
CA ALA H 119 -23.81 -15.83 37.10
C ALA H 119 -24.27 -14.68 37.99
N ALA H 120 -23.35 -14.15 38.79
CA ALA H 120 -23.66 -13.05 39.70
C ALA H 120 -24.44 -11.95 39.00
N LYS H 121 -25.33 -11.30 39.74
CA LYS H 121 -26.15 -10.25 39.14
C LYS H 121 -25.54 -8.86 39.27
N THR H 122 -25.84 -8.04 38.28
CA THR H 122 -25.36 -6.65 38.24
C THR H 122 -25.89 -5.89 39.45
N THR H 123 -25.00 -5.24 40.18
CA THR H 123 -25.39 -4.48 41.35
C THR H 123 -24.76 -3.09 41.31
N ALA H 124 -25.58 -2.05 41.41
CA ALA H 124 -25.06 -0.69 41.37
C ALA H 124 -24.20 -0.48 42.62
N PRO H 125 -23.26 0.47 42.57
CA PRO H 125 -22.39 0.74 43.71
C PRO H 125 -22.94 1.77 44.69
N SER H 126 -22.32 1.83 45.86
CA SER H 126 -22.66 2.80 46.89
C SER H 126 -21.46 3.73 46.96
N VAL H 127 -21.70 5.03 47.05
CA VAL H 127 -20.59 5.98 47.10
C VAL H 127 -20.64 6.82 48.37
N TYR H 128 -19.68 6.58 49.26
CA TYR H 128 -19.61 7.30 50.53
C TYR H 128 -18.45 8.28 50.47
N PRO H 129 -18.67 9.51 50.91
CA PRO H 129 -17.62 10.54 50.91
C PRO H 129 -16.68 10.39 52.11
N LEU H 130 -15.42 10.73 51.91
CA LEU H 130 -14.43 10.64 52.98
C LEU H 130 -13.79 11.97 53.30
N ALA H 131 -14.31 12.62 54.35
CA ALA H 131 -13.82 13.91 54.81
C ALA H 131 -12.84 13.65 55.93
N PRO H 132 -11.82 14.52 56.06
CA PRO H 132 -10.83 14.34 57.12
C PRO H 132 -11.39 14.49 58.53
N VAL H 133 -10.61 15.16 59.36
CA VAL H 133 -10.95 15.44 60.73
C VAL H 133 -10.65 16.94 60.90
N CYS H 134 -10.13 17.32 62.06
CA CYS H 134 -9.82 18.73 62.32
C CYS H 134 -8.32 18.86 62.63
N GLY H 135 -7.64 17.72 62.69
CA GLY H 135 -6.23 17.68 62.98
C GLY H 135 -5.41 17.75 61.71
N ASP H 136 -6.04 17.43 60.58
CA ASP H 136 -5.36 17.47 59.30
C ASP H 136 -5.89 18.63 58.44
N THR H 137 -6.93 19.31 58.93
CA THR H 137 -7.49 20.47 58.25
C THR H 137 -6.75 21.70 58.79
N THR H 138 -5.63 21.42 59.45
CA THR H 138 -4.75 22.41 60.04
C THR H 138 -3.33 21.90 59.86
N GLY H 139 -2.74 22.19 58.70
CA GLY H 139 -1.40 21.75 58.41
C GLY H 139 -0.98 22.00 56.97
N SER H 140 0.08 21.32 56.55
CA SER H 140 0.64 21.45 55.20
C SER H 140 -0.42 21.35 54.10
N SER H 141 -0.88 20.13 53.82
CA SER H 141 -1.88 19.90 52.79
C SER H 141 -3.05 19.11 53.36
N VAL H 142 -3.99 18.75 52.51
CA VAL H 142 -5.15 17.98 52.96
C VAL H 142 -5.51 16.87 51.98
N THR H 143 -5.91 15.72 52.52
CA THR H 143 -6.29 14.60 51.68
C THR H 143 -7.75 14.27 51.91
N LEU H 144 -8.50 14.23 50.82
CA LEU H 144 -9.92 13.91 50.85
C LEU H 144 -10.07 12.55 50.16
N GLY H 145 -11.17 11.85 50.42
CA GLY H 145 -11.36 10.55 49.81
C GLY H 145 -12.76 10.25 49.30
N CYS H 146 -12.90 9.07 48.70
CA CYS H 146 -14.17 8.62 48.15
C CYS H 146 -14.22 7.10 48.17
N LEU H 147 -15.23 6.56 48.83
CA LEU H 147 -15.35 5.11 48.94
C LEU H 147 -16.49 4.58 48.08
N VAL H 148 -16.19 3.60 47.23
CA VAL H 148 -17.18 3.01 46.35
C VAL H 148 -17.28 1.55 46.75
N LYS H 149 -18.39 1.18 47.38
CA LYS H 149 -18.52 -0.19 47.87
C LYS H 149 -19.66 -1.03 47.28
N GLY H 150 -19.43 -2.35 47.26
CA GLY H 150 -20.41 -3.31 46.80
C GLY H 150 -21.07 -3.18 45.43
N TYR H 151 -20.30 -3.36 44.37
CA TYR H 151 -20.89 -3.29 43.04
C TYR H 151 -20.41 -4.48 42.22
N PHE H 152 -21.06 -4.72 41.08
CA PHE H 152 -20.71 -5.82 40.19
C PHE H 152 -21.43 -5.64 38.86
N PRO H 153 -20.75 -5.88 37.74
CA PRO H 153 -19.35 -6.30 37.63
C PRO H 153 -18.44 -5.08 37.48
N GLU H 154 -17.17 -5.33 37.24
CA GLU H 154 -16.22 -4.25 37.02
C GLU H 154 -16.49 -3.75 35.60
N PRO H 155 -16.09 -2.50 35.29
CA PRO H 155 -15.43 -1.59 36.23
C PRO H 155 -16.33 -0.42 36.54
N VAL H 156 -15.74 0.58 37.17
CA VAL H 156 -16.40 1.82 37.52
C VAL H 156 -15.35 2.84 37.14
N THR H 157 -15.74 3.97 36.57
CA THR H 157 -14.73 4.98 36.25
C THR H 157 -14.99 6.07 37.27
N LEU H 158 -13.93 6.53 37.93
CA LEU H 158 -14.06 7.54 38.97
C LEU H 158 -13.26 8.79 38.65
N THR H 159 -13.89 9.95 38.83
CA THR H 159 -13.23 11.22 38.57
C THR H 159 -13.54 12.24 39.67
N TRP H 160 -12.73 13.29 39.73
CA TRP H 160 -12.92 14.34 40.72
C TRP H 160 -13.28 15.62 39.95
N ASN H 161 -14.36 16.26 40.37
CA ASN H 161 -14.86 17.46 39.69
C ASN H 161 -15.03 17.20 38.21
N SER H 162 -15.71 16.10 37.90
CA SER H 162 -15.99 15.71 36.53
C SER H 162 -14.77 15.60 35.62
N GLY H 163 -13.58 15.55 36.22
CA GLY H 163 -12.37 15.39 35.42
C GLY H 163 -11.43 16.58 35.33
N SER H 164 -11.77 17.67 36.00
CA SER H 164 -10.91 18.85 35.97
C SER H 164 -9.80 18.76 37.02
N LEU H 165 -10.04 17.97 38.07
CA LEU H 165 -9.04 17.76 39.11
C LEU H 165 -8.38 16.40 38.86
N SER H 166 -7.24 16.45 38.17
CA SER H 166 -6.50 15.25 37.79
C SER H 166 -5.27 14.96 38.63
N SER H 167 -4.54 16.00 39.01
CA SER H 167 -3.33 15.81 39.79
C SER H 167 -3.57 15.47 41.26
N GLY H 168 -2.57 14.85 41.88
CA GLY H 168 -2.67 14.47 43.28
C GLY H 168 -3.79 13.48 43.50
N VAL H 169 -4.07 12.69 42.48
CA VAL H 169 -5.14 11.70 42.58
C VAL H 169 -4.62 10.27 42.55
N HIS H 170 -5.24 9.42 43.36
CA HIS H 170 -4.88 8.03 43.42
C HIS H 170 -6.15 7.19 43.50
N THR H 171 -6.37 6.36 42.49
CA THR H 171 -7.54 5.50 42.49
C THR H 171 -7.01 4.07 42.59
N PHE H 172 -7.30 3.42 43.70
CA PHE H 172 -6.81 2.07 43.93
C PHE H 172 -7.59 0.95 43.27
N PRO H 173 -6.87 -0.10 42.84
CA PRO H 173 -7.52 -1.24 42.19
C PRO H 173 -8.63 -1.78 43.11
N ALA H 174 -9.73 -2.23 42.52
CA ALA H 174 -10.83 -2.77 43.32
C ALA H 174 -10.51 -4.15 43.89
N VAL H 175 -11.13 -4.45 45.02
CA VAL H 175 -10.95 -5.73 45.68
C VAL H 175 -12.30 -6.45 45.75
N LEU H 176 -12.33 -7.71 45.31
CA LEU H 176 -13.55 -8.49 45.32
C LEU H 176 -13.85 -9.11 46.69
N GLN H 177 -14.97 -8.70 47.30
CA GLN H 177 -15.47 -9.22 48.61
C GLN H 177 -16.95 -9.55 48.50
N SER H 178 -17.34 -10.73 48.97
CA SER H 178 -18.75 -11.08 48.94
C SER H 178 -19.29 -10.95 47.52
N ASP H 179 -18.45 -11.25 46.54
CA ASP H 179 -18.86 -11.15 45.15
C ASP H 179 -19.24 -9.71 44.81
N LEU H 180 -18.72 -8.76 45.57
CA LEU H 180 -18.97 -7.34 45.38
C LEU H 180 -17.63 -6.61 45.49
N TYR H 181 -17.40 -5.68 44.56
CA TYR H 181 -16.16 -4.92 44.54
C TYR H 181 -16.17 -3.69 45.42
N THR H 182 -15.00 -3.36 45.94
CA THR H 182 -14.83 -2.19 46.77
C THR H 182 -13.61 -1.50 46.19
N LEU H 183 -13.69 -0.19 46.06
CA LEU H 183 -12.60 0.60 45.52
C LEU H 183 -12.58 1.96 46.19
N SER H 184 -11.38 2.47 46.48
CA SER H 184 -11.28 3.77 47.11
C SER H 184 -10.44 4.66 46.25
N SER H 185 -10.55 5.97 46.49
CA SER H 185 -9.79 6.95 45.74
C SER H 185 -9.54 8.18 46.59
N SER H 186 -8.32 8.69 46.56
CA SER H 186 -7.98 9.87 47.32
C SER H 186 -7.45 10.96 46.41
N VAL H 187 -7.67 12.21 46.81
CA VAL H 187 -7.19 13.34 46.03
C VAL H 187 -6.53 14.28 47.03
N THR H 188 -5.44 14.92 46.62
CA THR H 188 -4.74 15.82 47.52
C THR H 188 -4.62 17.23 46.91
N VAL H 189 -4.94 18.24 47.71
CA VAL H 189 -4.88 19.64 47.29
C VAL H 189 -4.28 20.49 48.42
N THR H 190 -4.06 21.77 48.15
CA THR H 190 -3.50 22.63 49.18
C THR H 190 -4.46 22.74 50.37
N SER H 191 -3.89 22.68 51.56
CA SER H 191 -4.64 22.76 52.80
C SER H 191 -5.44 24.06 52.91
N SER H 192 -5.32 24.93 51.92
CA SER H 192 -6.03 26.20 51.93
C SER H 192 -7.00 26.40 50.76
N THR H 193 -7.23 25.34 49.99
CA THR H 193 -8.16 25.44 48.86
C THR H 193 -9.50 24.82 49.21
N TRP H 194 -9.47 23.88 50.16
CA TRP H 194 -10.66 23.18 50.62
C TRP H 194 -10.91 23.55 52.09
N PRO H 195 -12.18 23.72 52.49
CA PRO H 195 -13.41 23.61 51.70
C PRO H 195 -13.87 24.86 50.93
N SER H 196 -12.98 25.82 50.73
CA SER H 196 -13.34 27.04 49.99
C SER H 196 -13.93 26.63 48.65
N GLN H 197 -13.31 25.60 48.05
CA GLN H 197 -13.75 25.14 46.75
C GLN H 197 -14.19 23.70 46.81
N SER H 198 -15.47 23.48 46.52
CA SER H 198 -16.05 22.16 46.54
C SER H 198 -15.26 21.15 45.73
N ILE H 199 -15.22 19.94 46.27
CA ILE H 199 -14.54 18.83 45.65
C ILE H 199 -15.58 17.74 45.57
N THR H 200 -15.82 17.23 44.37
CA THR H 200 -16.84 16.21 44.18
C THR H 200 -16.33 14.92 43.55
N CYS H 201 -16.85 13.82 44.07
CA CYS H 201 -16.47 12.51 43.58
C CYS H 201 -17.51 12.08 42.56
N ASN H 202 -17.09 11.81 41.34
CA ASN H 202 -18.02 11.37 40.29
C ASN H 202 -17.78 9.89 40.00
N VAL H 203 -18.78 9.07 40.27
CA VAL H 203 -18.67 7.64 40.08
C VAL H 203 -19.61 7.14 38.99
N ALA H 204 -19.08 6.41 38.03
CA ALA H 204 -19.88 5.87 36.95
C ALA H 204 -19.75 4.36 36.92
N HIS H 205 -20.87 3.67 36.71
CA HIS H 205 -20.87 2.23 36.65
C HIS H 205 -21.73 1.80 35.50
N PRO H 206 -21.14 1.61 34.32
CA PRO H 206 -21.88 1.19 33.11
C PRO H 206 -22.83 0.02 33.30
N ALA H 207 -22.30 -1.15 33.65
CA ALA H 207 -23.12 -2.36 33.82
C ALA H 207 -24.52 -2.11 34.35
N SER H 208 -24.67 -1.11 35.22
CA SER H 208 -25.97 -0.79 35.81
C SER H 208 -26.49 0.61 35.44
N SER H 209 -25.83 1.27 34.50
CA SER H 209 -26.23 2.61 34.05
C SER H 209 -26.32 3.58 35.23
N THR H 210 -25.35 3.49 36.14
CA THR H 210 -25.32 4.35 37.33
C THR H 210 -24.31 5.47 37.18
N LYS H 211 -24.68 6.65 37.68
CA LYS H 211 -23.83 7.81 37.65
C LYS H 211 -24.23 8.65 38.84
N VAL H 212 -23.37 8.69 39.85
CA VAL H 212 -23.67 9.45 41.04
C VAL H 212 -22.50 10.33 41.45
N ASP H 213 -22.81 11.50 41.97
CA ASP H 213 -21.80 12.43 42.43
C ASP H 213 -21.82 12.42 43.94
N LYS H 214 -20.69 12.74 44.55
CA LYS H 214 -20.58 12.77 46.00
C LYS H 214 -19.66 13.92 46.38
N LYS H 215 -20.25 15.00 46.87
CA LYS H 215 -19.49 16.18 47.26
C LYS H 215 -18.80 15.90 48.60
N ILE H 216 -17.56 16.36 48.76
CA ILE H 216 -16.84 16.14 50.01
C ILE H 216 -17.05 17.34 50.92
N GLU H 217 -17.93 17.18 51.91
CA GLU H 217 -18.24 18.25 52.85
C GLU H 217 -17.57 18.01 54.20
N PRO H 218 -17.16 19.09 54.89
CA PRO H 218 -16.50 18.99 56.20
C PRO H 218 -17.34 18.36 57.30
N ARG H 219 -16.70 17.56 58.14
CA ARG H 219 -17.36 16.87 59.24
C ARG H 219 -17.74 17.88 60.32
N GLY H 220 -18.73 17.55 61.14
CA GLY H 220 -19.17 18.44 62.22
C GLY H 220 -19.74 19.75 61.71
N PRO H 221 -19.27 20.91 62.24
CA PRO H 221 -19.76 22.22 61.80
C PRO H 221 -19.58 22.40 60.29
N THR H 222 -20.61 22.91 59.61
CA THR H 222 -20.53 23.12 58.16
C THR H 222 -21.04 24.49 57.70
C1 DP4 I . 12.36 10.77 -56.18
C2 DP4 I . 13.33 10.20 -57.09
C3 DP4 I . 14.72 10.44 -56.89
C4 DP4 I . 15.18 11.25 -55.78
C5 DP4 I . 14.20 11.81 -54.88
C6 DP4 I . 12.80 11.56 -55.09
C7 DP4 I . 17.74 9.96 -55.16
C8 DP4 I . 17.28 12.59 -54.11
SI DP4 I . 16.95 11.54 -55.55
C9 DP4 I . 17.71 12.28 -57.03
C10 DP4 I . 19.27 12.40 -56.94
C11 DP4 I . 19.92 13.05 -58.22
C12 DP4 I . 17.76 14.35 -58.63
C13 DP4 I . 17.10 13.71 -57.35
N1 DP4 I . 19.33 14.44 -58.56
O1 DP4 I . 19.67 15.25 -57.53
C14 DP4 I . 19.99 15.07 -59.86
S SO4 J . 35.06 11.10 -49.02
O1 SO4 J . 35.52 9.62 -49.69
O2 SO4 J . 35.88 11.36 -47.61
O3 SO4 J . 35.39 12.33 -50.08
O4 SO4 J . 33.42 11.10 -48.71
C1 DP4 K . -29.91 -8.33 -73.45
C2 DP4 K . -29.94 -7.79 -74.79
C3 DP4 K . -31.07 -8.04 -75.63
C4 DP4 K . -32.19 -8.83 -75.16
C5 DP4 K . -32.15 -9.36 -73.83
C6 DP4 K . -31.02 -9.11 -72.97
C7 DP4 K . -34.41 -7.54 -76.58
C8 DP4 K . -34.86 -10.15 -75.47
SI DP4 K . -33.59 -9.13 -76.26
C9 DP4 K . -33.06 -9.90 -77.83
C10 DP4 K . -34.23 -10.03 -78.88
C11 DP4 K . -33.77 -10.70 -80.24
C12 DP4 K . -31.97 -12.00 -78.96
C13 DP4 K . -32.44 -11.32 -77.60
N1 DP4 K . -33.11 -12.08 -80.03
O1 DP4 K . -34.10 -12.89 -79.54
C14 DP4 K . -32.66 -12.75 -81.40
S SO4 L . -56.07 -8.55 -72.86
O1 SO4 L . -55.17 -7.19 -72.54
O2 SO4 L . -55.07 -9.88 -72.94
O3 SO4 L . -57.18 -8.76 -71.63
O4 SO4 L . -56.86 -8.39 -74.31
C1 DP4 M . 46.51 8.46 32.47
C2 DP4 M . 47.43 7.91 31.51
C3 DP4 M . 48.84 8.14 31.66
C4 DP4 M . 49.34 8.95 32.76
C5 DP4 M . 48.39 9.50 33.71
C6 DP4 M . 46.98 9.25 33.56
C7 DP4 M . 51.90 7.64 33.26
C8 DP4 M . 51.50 10.26 34.36
SI DP4 M . 51.12 9.22 32.93
C9 DP4 M . 51.81 9.99 31.41
C10 DP4 M . 53.38 10.10 31.44
C11 DP4 M . 53.97 10.76 30.14
C12 DP4 M . 51.80 12.08 29.84
C13 DP4 M . 51.20 11.41 31.14
N1 DP4 M . 53.35 12.15 29.83
O1 DP4 M . 53.74 12.96 30.85
C14 DP4 M . 53.96 12.81 28.52
S SO4 N . 69.61 8.86 39.10
O1 SO4 N . 70.51 8.53 40.48
O2 SO4 N . 69.99 10.39 38.55
O3 SO4 N . 69.97 7.71 37.97
O4 SO4 N . 67.97 8.80 39.44
C1 DP4 O . 4.78 -10.75 15.37
C2 DP4 O . 4.78 -10.18 14.05
C3 DP4 O . 3.67 -10.43 13.17
C4 DP4 O . 2.54 -11.24 13.61
C5 DP4 O . 2.56 -11.80 14.93
C6 DP4 O . 3.68 -11.57 15.82
C7 DP4 O . 0.35 -9.94 12.19
C8 DP4 O . -0.09 -12.59 13.22
SI DP4 O . 1.18 -11.53 12.48
C9 DP4 O . 1.74 -12.25 10.90
C10 DP4 O . 0.60 -12.37 9.82
C11 DP4 O . 1.09 -13.00 8.46
C12 DP4 O . 2.88 -14.31 9.74
C13 DP4 O . 2.39 -13.68 11.11
N1 DP4 O . 1.76 -14.39 8.64
O1 DP4 O . 0.77 -15.21 9.10
C14 DP4 O . 2.24 -15.01 7.28
S SO4 P . -21.36 -11.30 15.61
O1 SO4 P . -21.00 -10.00 14.62
O2 SO4 P . -21.06 -12.73 14.80
O3 SO4 P . -20.40 -11.25 16.99
O4 SO4 P . -22.96 -11.24 16.05
#